data_1J4H
# 
_entry.id   1J4H 
# 
_audit_conform.dict_name       mmcif_pdbx.dic 
_audit_conform.dict_version    5.383 
_audit_conform.dict_location   http://mmcif.pdb.org/dictionaries/ascii/mmcif_pdbx.dic 
# 
loop_
_database_2.database_id 
_database_2.database_code 
_database_2.pdbx_database_accession 
_database_2.pdbx_DOI 
PDB   1J4H         pdb_00001j4h 10.2210/pdb1j4h/pdb 
RCSB  RCSB001601   ?            ?                   
WWPDB D_1000001601 ?            ?                   
# 
loop_
_pdbx_audit_revision_history.ordinal 
_pdbx_audit_revision_history.data_content_type 
_pdbx_audit_revision_history.major_revision 
_pdbx_audit_revision_history.minor_revision 
_pdbx_audit_revision_history.revision_date 
1 'Structure model' 1 0 2003-06-03 
2 'Structure model' 1 1 2008-04-26 
3 'Structure model' 1 2 2011-07-13 
4 'Structure model' 1 3 2019-10-23 
5 'Structure model' 1 4 2023-12-27 
# 
_pdbx_audit_revision_details.ordinal             1 
_pdbx_audit_revision_details.revision_ordinal    1 
_pdbx_audit_revision_details.data_content_type   'Structure model' 
_pdbx_audit_revision_details.provider            repository 
_pdbx_audit_revision_details.type                'Initial release' 
_pdbx_audit_revision_details.description         ? 
_pdbx_audit_revision_details.details             ? 
# 
loop_
_pdbx_audit_revision_group.ordinal 
_pdbx_audit_revision_group.revision_ordinal 
_pdbx_audit_revision_group.data_content_type 
_pdbx_audit_revision_group.group 
1 2 'Structure model' 'Version format compliance' 
2 3 'Structure model' 'Version format compliance' 
3 4 'Structure model' 'Data collection'           
4 4 'Structure model' 'Database references'       
5 5 'Structure model' 'Data collection'           
6 5 'Structure model' 'Database references'       
7 5 'Structure model' 'Derived calculations'      
# 
loop_
_pdbx_audit_revision_category.ordinal 
_pdbx_audit_revision_category.revision_ordinal 
_pdbx_audit_revision_category.data_content_type 
_pdbx_audit_revision_category.category 
1 4 'Structure model' citation       
2 5 'Structure model' chem_comp_atom 
3 5 'Structure model' chem_comp_bond 
4 5 'Structure model' database_2     
5 5 'Structure model' struct_site    
# 
loop_
_pdbx_audit_revision_item.ordinal 
_pdbx_audit_revision_item.revision_ordinal 
_pdbx_audit_revision_item.data_content_type 
_pdbx_audit_revision_item.item 
1 4 'Structure model' '_citation.pdbx_database_id_DOI'      
2 4 'Structure model' '_citation.title'                     
3 5 'Structure model' '_database_2.pdbx_DOI'                
4 5 'Structure model' '_database_2.pdbx_database_accession' 
5 5 'Structure model' '_struct_site.pdbx_auth_asym_id'      
6 5 'Structure model' '_struct_site.pdbx_auth_comp_id'      
7 5 'Structure model' '_struct_site.pdbx_auth_seq_id'       
# 
_pdbx_database_status.entry_id                        1J4H 
_pdbx_database_status.status_code                     REL 
_pdbx_database_status.deposit_site                    RCSB 
_pdbx_database_status.process_site                    PDBJ 
_pdbx_database_status.recvd_initial_deposition_date   2001-09-30 
_pdbx_database_status.SG_entry                        . 
_pdbx_database_status.pdb_format_compatible           Y 
_pdbx_database_status.status_code_mr                  ? 
_pdbx_database_status.status_code_sf                  ? 
_pdbx_database_status.status_code_cs                  ? 
_pdbx_database_status.methods_development_category    ? 
_pdbx_database_status.status_code_nmr_data            ? 
# 
_pdbx_database_related.db_name        PDB 
_pdbx_database_related.db_id          1J4I 
_pdbx_database_related.details        
'1J4I contains the same protein complexed with (3R)-4-(p-Toluenesulfonyl)-1,4-thiazane-3-carboxylic acid-L-Leucine.' 
_pdbx_database_related.content_type   unspecified 
# 
loop_
_audit_author.name 
_audit_author.pdbx_ordinal 
'Li, P.'   1 
'Ding, Y.' 2 
'Wang, L.' 3 
'Wu, B.'   4 
'Shu, C.'  5 
'Li, S.'   6 
'Shen, B.' 7 
'Rao, Z.'  8 
# 
_citation.id                        primary 
_citation.title                     'Design and structure-based study of new potential FKBP12 inhibitors.' 
_citation.journal_abbrev            Biophys.J. 
_citation.journal_volume            85 
_citation.page_first                3194 
_citation.page_last                 3201 
_citation.year                      2003 
_citation.journal_id_ASTM           BIOJAU 
_citation.country                   US 
_citation.journal_id_ISSN           0006-3495 
_citation.journal_id_CSD            0030 
_citation.book_publisher            ? 
_citation.pdbx_database_id_PubMed   14581219 
_citation.pdbx_database_id_DOI      '10.1016/S0006-3495(03)74737-7' 
# 
loop_
_citation_author.citation_id 
_citation_author.name 
_citation_author.ordinal 
_citation_author.identifier_ORCID 
primary 'Sun, F.'     1  ? 
primary 'Li, P.'      2  ? 
primary 'Ding, Y.'    3  ? 
primary 'Wang, L.'    4  ? 
primary 'Bartlam, M.' 5  ? 
primary 'Shu, C.'     6  ? 
primary 'Shen, B.'    7  ? 
primary 'Jiang, H.'   8  ? 
primary 'Li, S.'      9  ? 
primary 'Rao, Z.'     10 ? 
# 
loop_
_entity.id 
_entity.type 
_entity.src_method 
_entity.pdbx_description 
_entity.formula_weight 
_entity.pdbx_number_of_molecules 
_entity.pdbx_ec 
_entity.pdbx_mutation 
_entity.pdbx_fragment 
_entity.details 
1 polymer     man FKBP12                                                                                             11836.508 1   
5.2.1.8 ? ? ? 
2 non-polymer syn '3-PHENYL-2-{[4-(TOLUENE-4-SULFONYL)-THIOMORPHOLINE-3-CARBONYL]-AMINO}-PROPIONIC ACID ETHYL ESTER' 476.609   1   
?       ? ? ? 
3 water       nat water                                                                                              18.015    137 
?       ? ? ? 
# 
_entity_name_com.entity_id   1 
_entity_name_com.name        'FK506-binding protein' 
# 
_entity_poly.entity_id                      1 
_entity_poly.type                           'polypeptide(L)' 
_entity_poly.nstd_linkage                   no 
_entity_poly.nstd_monomer                   no 
_entity_poly.pdbx_seq_one_letter_code       
;GVQVETISPGDGRTFPKRGQTCVVHYTGMLEDGKKFDSSRDRNKPFKFMLGKQEVIRGWEEGVAQMSVGQRAKLTISPDY
AYGATGHPGIIPPHATLVFDVELLKLE
;
_entity_poly.pdbx_seq_one_letter_code_can   
;GVQVETISPGDGRTFPKRGQTCVVHYTGMLEDGKKFDSSRDRNKPFKFMLGKQEVIRGWEEGVAQMSVGQRAKLTISPDY
AYGATGHPGIIPPHATLVFDVELLKLE
;
_entity_poly.pdbx_strand_id                 A 
_entity_poly.pdbx_target_identifier         ? 
# 
loop_
_pdbx_entity_nonpoly.entity_id 
_pdbx_entity_nonpoly.name 
_pdbx_entity_nonpoly.comp_id 
2 '3-PHENYL-2-{[4-(TOLUENE-4-SULFONYL)-THIOMORPHOLINE-3-CARBONYL]-AMINO}-PROPIONIC ACID ETHYL ESTER' SUB 
3 water                                                                                              HOH 
# 
loop_
_entity_poly_seq.entity_id 
_entity_poly_seq.num 
_entity_poly_seq.mon_id 
_entity_poly_seq.hetero 
1 1   GLY n 
1 2   VAL n 
1 3   GLN n 
1 4   VAL n 
1 5   GLU n 
1 6   THR n 
1 7   ILE n 
1 8   SER n 
1 9   PRO n 
1 10  GLY n 
1 11  ASP n 
1 12  GLY n 
1 13  ARG n 
1 14  THR n 
1 15  PHE n 
1 16  PRO n 
1 17  LYS n 
1 18  ARG n 
1 19  GLY n 
1 20  GLN n 
1 21  THR n 
1 22  CYS n 
1 23  VAL n 
1 24  VAL n 
1 25  HIS n 
1 26  TYR n 
1 27  THR n 
1 28  GLY n 
1 29  MET n 
1 30  LEU n 
1 31  GLU n 
1 32  ASP n 
1 33  GLY n 
1 34  LYS n 
1 35  LYS n 
1 36  PHE n 
1 37  ASP n 
1 38  SER n 
1 39  SER n 
1 40  ARG n 
1 41  ASP n 
1 42  ARG n 
1 43  ASN n 
1 44  LYS n 
1 45  PRO n 
1 46  PHE n 
1 47  LYS n 
1 48  PHE n 
1 49  MET n 
1 50  LEU n 
1 51  GLY n 
1 52  LYS n 
1 53  GLN n 
1 54  GLU n 
1 55  VAL n 
1 56  ILE n 
1 57  ARG n 
1 58  GLY n 
1 59  TRP n 
1 60  GLU n 
1 61  GLU n 
1 62  GLY n 
1 63  VAL n 
1 64  ALA n 
1 65  GLN n 
1 66  MET n 
1 67  SER n 
1 68  VAL n 
1 69  GLY n 
1 70  GLN n 
1 71  ARG n 
1 72  ALA n 
1 73  LYS n 
1 74  LEU n 
1 75  THR n 
1 76  ILE n 
1 77  SER n 
1 78  PRO n 
1 79  ASP n 
1 80  TYR n 
1 81  ALA n 
1 82  TYR n 
1 83  GLY n 
1 84  ALA n 
1 85  THR n 
1 86  GLY n 
1 87  HIS n 
1 88  PRO n 
1 89  GLY n 
1 90  ILE n 
1 91  ILE n 
1 92  PRO n 
1 93  PRO n 
1 94  HIS n 
1 95  ALA n 
1 96  THR n 
1 97  LEU n 
1 98  VAL n 
1 99  PHE n 
1 100 ASP n 
1 101 VAL n 
1 102 GLU n 
1 103 LEU n 
1 104 LEU n 
1 105 LYS n 
1 106 LEU n 
1 107 GLU n 
# 
_entity_src_gen.entity_id                          1 
_entity_src_gen.pdbx_src_id                        1 
_entity_src_gen.pdbx_alt_source_flag               sample 
_entity_src_gen.pdbx_seq_type                      ? 
_entity_src_gen.pdbx_beg_seq_num                   ? 
_entity_src_gen.pdbx_end_seq_num                   ? 
_entity_src_gen.gene_src_common_name               human 
_entity_src_gen.gene_src_genus                     Homo 
_entity_src_gen.pdbx_gene_src_gene                 ? 
_entity_src_gen.gene_src_species                   ? 
_entity_src_gen.gene_src_strain                    ? 
_entity_src_gen.gene_src_tissue                    ? 
_entity_src_gen.gene_src_tissue_fraction           ? 
_entity_src_gen.gene_src_details                   ? 
_entity_src_gen.pdbx_gene_src_fragment             ? 
_entity_src_gen.pdbx_gene_src_scientific_name      'Homo sapiens' 
_entity_src_gen.pdbx_gene_src_ncbi_taxonomy_id     9606 
_entity_src_gen.pdbx_gene_src_variant              ? 
_entity_src_gen.pdbx_gene_src_cell_line            ? 
_entity_src_gen.pdbx_gene_src_atcc                 ? 
_entity_src_gen.pdbx_gene_src_organ                ? 
_entity_src_gen.pdbx_gene_src_organelle            ? 
_entity_src_gen.pdbx_gene_src_cell                 ? 
_entity_src_gen.pdbx_gene_src_cellular_location    ? 
_entity_src_gen.host_org_common_name               ? 
_entity_src_gen.pdbx_host_org_scientific_name      'Escherichia coli' 
_entity_src_gen.pdbx_host_org_ncbi_taxonomy_id     562 
_entity_src_gen.host_org_genus                     Escherichia 
_entity_src_gen.pdbx_host_org_gene                 ? 
_entity_src_gen.pdbx_host_org_organ                ? 
_entity_src_gen.host_org_species                   ? 
_entity_src_gen.pdbx_host_org_tissue               ? 
_entity_src_gen.pdbx_host_org_tissue_fraction      ? 
_entity_src_gen.pdbx_host_org_strain               ? 
_entity_src_gen.pdbx_host_org_variant              ? 
_entity_src_gen.pdbx_host_org_cell_line            ? 
_entity_src_gen.pdbx_host_org_atcc                 ? 
_entity_src_gen.pdbx_host_org_culture_collection   ? 
_entity_src_gen.pdbx_host_org_cell                 ? 
_entity_src_gen.pdbx_host_org_organelle            ? 
_entity_src_gen.pdbx_host_org_cellular_location    ? 
_entity_src_gen.pdbx_host_org_vector_type          ? 
_entity_src_gen.pdbx_host_org_vector               ? 
_entity_src_gen.host_org_details                   ? 
_entity_src_gen.expression_system_id               ? 
_entity_src_gen.plasmid_name                       ? 
_entity_src_gen.plasmid_details                    ? 
_entity_src_gen.pdbx_description                   ? 
# 
loop_
_chem_comp.id 
_chem_comp.type 
_chem_comp.mon_nstd_flag 
_chem_comp.name 
_chem_comp.pdbx_synonyms 
_chem_comp.formula 
_chem_comp.formula_weight 
ALA 'L-peptide linking' y ALANINE                                                                                            ? 
'C3 H7 N O2'       89.093  
ARG 'L-peptide linking' y ARGININE                                                                                           ? 
'C6 H15 N4 O2 1'   175.209 
ASN 'L-peptide linking' y ASPARAGINE                                                                                         ? 
'C4 H8 N2 O3'      132.118 
ASP 'L-peptide linking' y 'ASPARTIC ACID'                                                                                    ? 
'C4 H7 N O4'       133.103 
CYS 'L-peptide linking' y CYSTEINE                                                                                           ? 
'C3 H7 N O2 S'     121.158 
GLN 'L-peptide linking' y GLUTAMINE                                                                                          ? 
'C5 H10 N2 O3'     146.144 
GLU 'L-peptide linking' y 'GLUTAMIC ACID'                                                                                    ? 
'C5 H9 N O4'       147.129 
GLY 'peptide linking'   y GLYCINE                                                                                            ? 
'C2 H5 N O2'       75.067  
HIS 'L-peptide linking' y HISTIDINE                                                                                          ? 
'C6 H10 N3 O2 1'   156.162 
HOH non-polymer         . WATER                                                                                              ? 
'H2 O'             18.015  
ILE 'L-peptide linking' y ISOLEUCINE                                                                                         ? 
'C6 H13 N O2'      131.173 
LEU 'L-peptide linking' y LEUCINE                                                                                            ? 
'C6 H13 N O2'      131.173 
LYS 'L-peptide linking' y LYSINE                                                                                             ? 
'C6 H15 N2 O2 1'   147.195 
MET 'L-peptide linking' y METHIONINE                                                                                         ? 
'C5 H11 N O2 S'    149.211 
PHE 'L-peptide linking' y PHENYLALANINE                                                                                      ? 
'C9 H11 N O2'      165.189 
PRO 'L-peptide linking' y PROLINE                                                                                            ? 
'C5 H9 N O2'       115.130 
SER 'L-peptide linking' y SERINE                                                                                             ? 
'C3 H7 N O3'       105.093 
SUB 'L-peptide linking' . '3-PHENYL-2-{[4-(TOLUENE-4-SULFONYL)-THIOMORPHOLINE-3-CARBONYL]-AMINO}-PROPIONIC ACID ETHYL ESTER' 
'(3R)-4-(P-TOLUENESULFONYL)-1,4-THIAZANE-3-CARBOXYLIC ACID-L-PHENYLALANINE ETHYL ESTER' 'C23 H28 N2 O5 S2' 476.609 
THR 'L-peptide linking' y THREONINE                                                                                          ? 
'C4 H9 N O3'       119.119 
TRP 'L-peptide linking' y TRYPTOPHAN                                                                                         ? 
'C11 H12 N2 O2'    204.225 
TYR 'L-peptide linking' y TYROSINE                                                                                           ? 
'C9 H11 N O3'      181.189 
VAL 'L-peptide linking' y VALINE                                                                                             ? 
'C5 H11 N O2'      117.146 
# 
loop_
_pdbx_poly_seq_scheme.asym_id 
_pdbx_poly_seq_scheme.entity_id 
_pdbx_poly_seq_scheme.seq_id 
_pdbx_poly_seq_scheme.mon_id 
_pdbx_poly_seq_scheme.ndb_seq_num 
_pdbx_poly_seq_scheme.pdb_seq_num 
_pdbx_poly_seq_scheme.auth_seq_num 
_pdbx_poly_seq_scheme.pdb_mon_id 
_pdbx_poly_seq_scheme.auth_mon_id 
_pdbx_poly_seq_scheme.pdb_strand_id 
_pdbx_poly_seq_scheme.pdb_ins_code 
_pdbx_poly_seq_scheme.hetero 
A 1 1   GLY 1   1   1   GLY GLY A . n 
A 1 2   VAL 2   2   2   VAL VAL A . n 
A 1 3   GLN 3   3   3   GLN GLN A . n 
A 1 4   VAL 4   4   4   VAL VAL A . n 
A 1 5   GLU 5   5   5   GLU GLU A . n 
A 1 6   THR 6   6   6   THR THR A . n 
A 1 7   ILE 7   7   7   ILE ILE A . n 
A 1 8   SER 8   8   8   SER SER A . n 
A 1 9   PRO 9   9   9   PRO PRO A . n 
A 1 10  GLY 10  10  10  GLY GLY A . n 
A 1 11  ASP 11  11  11  ASP ASP A . n 
A 1 12  GLY 12  12  12  GLY GLY A . n 
A 1 13  ARG 13  13  13  ARG ARG A . n 
A 1 14  THR 14  14  14  THR THR A . n 
A 1 15  PHE 15  15  15  PHE PHE A . n 
A 1 16  PRO 16  16  16  PRO PRO A . n 
A 1 17  LYS 17  17  17  LYS LYS A . n 
A 1 18  ARG 18  18  18  ARG ARG A . n 
A 1 19  GLY 19  19  19  GLY GLY A . n 
A 1 20  GLN 20  20  20  GLN GLN A . n 
A 1 21  THR 21  21  21  THR THR A . n 
A 1 22  CYS 22  22  22  CYS CYS A . n 
A 1 23  VAL 23  23  23  VAL VAL A . n 
A 1 24  VAL 24  24  24  VAL VAL A . n 
A 1 25  HIS 25  25  25  HIS HIS A . n 
A 1 26  TYR 26  26  26  TYR TYR A . n 
A 1 27  THR 27  27  27  THR THR A . n 
A 1 28  GLY 28  28  28  GLY GLY A . n 
A 1 29  MET 29  29  29  MET MET A . n 
A 1 30  LEU 30  30  30  LEU LEU A . n 
A 1 31  GLU 31  31  31  GLU GLU A . n 
A 1 32  ASP 32  32  32  ASP ASP A . n 
A 1 33  GLY 33  33  33  GLY GLY A . n 
A 1 34  LYS 34  34  34  LYS LYS A . n 
A 1 35  LYS 35  35  35  LYS LYS A . n 
A 1 36  PHE 36  36  36  PHE PHE A . n 
A 1 37  ASP 37  37  37  ASP ASP A . n 
A 1 38  SER 38  38  38  SER SER A . n 
A 1 39  SER 39  39  39  SER SER A . n 
A 1 40  ARG 40  40  40  ARG ARG A . n 
A 1 41  ASP 41  41  41  ASP ASP A . n 
A 1 42  ARG 42  42  42  ARG ARG A . n 
A 1 43  ASN 43  43  43  ASN ASN A . n 
A 1 44  LYS 44  44  44  LYS LYS A . n 
A 1 45  PRO 45  45  45  PRO PRO A . n 
A 1 46  PHE 46  46  46  PHE PHE A . n 
A 1 47  LYS 47  47  47  LYS LYS A . n 
A 1 48  PHE 48  48  48  PHE PHE A . n 
A 1 49  MET 49  49  49  MET MET A . n 
A 1 50  LEU 50  50  50  LEU LEU A . n 
A 1 51  GLY 51  51  51  GLY GLY A . n 
A 1 52  LYS 52  52  52  LYS LYS A . n 
A 1 53  GLN 53  53  53  GLN GLN A . n 
A 1 54  GLU 54  54  54  GLU GLU A . n 
A 1 55  VAL 55  55  55  VAL VAL A . n 
A 1 56  ILE 56  56  56  ILE ILE A . n 
A 1 57  ARG 57  57  57  ARG ARG A . n 
A 1 58  GLY 58  58  58  GLY GLY A . n 
A 1 59  TRP 59  59  59  TRP TRP A . n 
A 1 60  GLU 60  60  60  GLU GLU A . n 
A 1 61  GLU 61  61  61  GLU GLU A . n 
A 1 62  GLY 62  62  62  GLY GLY A . n 
A 1 63  VAL 63  63  63  VAL VAL A . n 
A 1 64  ALA 64  64  64  ALA ALA A . n 
A 1 65  GLN 65  65  65  GLN GLN A . n 
A 1 66  MET 66  66  66  MET MET A . n 
A 1 67  SER 67  67  67  SER SER A . n 
A 1 68  VAL 68  68  68  VAL VAL A . n 
A 1 69  GLY 69  69  69  GLY GLY A . n 
A 1 70  GLN 70  70  70  GLN GLN A . n 
A 1 71  ARG 71  71  71  ARG ARG A . n 
A 1 72  ALA 72  72  72  ALA ALA A . n 
A 1 73  LYS 73  73  73  LYS LYS A . n 
A 1 74  LEU 74  74  74  LEU LEU A . n 
A 1 75  THR 75  75  75  THR THR A . n 
A 1 76  ILE 76  76  76  ILE ILE A . n 
A 1 77  SER 77  77  77  SER SER A . n 
A 1 78  PRO 78  78  78  PRO PRO A . n 
A 1 79  ASP 79  79  79  ASP ASP A . n 
A 1 80  TYR 80  80  80  TYR TYR A . n 
A 1 81  ALA 81  81  81  ALA ALA A . n 
A 1 82  TYR 82  82  82  TYR TYR A . n 
A 1 83  GLY 83  83  83  GLY GLY A . n 
A 1 84  ALA 84  84  84  ALA ALA A . n 
A 1 85  THR 85  85  85  THR THR A . n 
A 1 86  GLY 86  86  86  GLY GLY A . n 
A 1 87  HIS 87  87  87  HIS HIS A . n 
A 1 88  PRO 88  88  88  PRO PRO A . n 
A 1 89  GLY 89  89  89  GLY GLY A . n 
A 1 90  ILE 90  90  90  ILE ILE A . n 
A 1 91  ILE 91  91  91  ILE ILE A . n 
A 1 92  PRO 92  92  92  PRO PRO A . n 
A 1 93  PRO 93  93  93  PRO PRO A . n 
A 1 94  HIS 94  94  94  HIS HIS A . n 
A 1 95  ALA 95  95  95  ALA ALA A . n 
A 1 96  THR 96  96  96  THR THR A . n 
A 1 97  LEU 97  97  97  LEU LEU A . n 
A 1 98  VAL 98  98  98  VAL VAL A . n 
A 1 99  PHE 99  99  99  PHE PHE A . n 
A 1 100 ASP 100 100 100 ASP ASP A . n 
A 1 101 VAL 101 101 101 VAL VAL A . n 
A 1 102 GLU 102 102 102 GLU GLU A . n 
A 1 103 LEU 103 103 103 LEU LEU A . n 
A 1 104 LEU 104 104 104 LEU LEU A . n 
A 1 105 LYS 105 105 105 LYS LYS A . n 
A 1 106 LEU 106 106 106 LEU LEU A . n 
A 1 107 GLU 107 107 107 GLU GLU A . n 
# 
loop_
_pdbx_nonpoly_scheme.asym_id 
_pdbx_nonpoly_scheme.entity_id 
_pdbx_nonpoly_scheme.mon_id 
_pdbx_nonpoly_scheme.ndb_seq_num 
_pdbx_nonpoly_scheme.pdb_seq_num 
_pdbx_nonpoly_scheme.auth_seq_num 
_pdbx_nonpoly_scheme.pdb_mon_id 
_pdbx_nonpoly_scheme.auth_mon_id 
_pdbx_nonpoly_scheme.pdb_strand_id 
_pdbx_nonpoly_scheme.pdb_ins_code 
B 2 SUB 1   201 201 SUB SUB A . 
C 3 HOH 1   202 1   HOH TIP A . 
C 3 HOH 2   203 2   HOH TIP A . 
C 3 HOH 3   204 3   HOH TIP A . 
C 3 HOH 4   205 4   HOH TIP A . 
C 3 HOH 5   206 5   HOH TIP A . 
C 3 HOH 6   207 6   HOH TIP A . 
C 3 HOH 7   208 7   HOH TIP A . 
C 3 HOH 8   209 8   HOH TIP A . 
C 3 HOH 9   210 9   HOH TIP A . 
C 3 HOH 10  211 10  HOH TIP A . 
C 3 HOH 11  212 11  HOH TIP A . 
C 3 HOH 12  213 12  HOH TIP A . 
C 3 HOH 13  214 13  HOH TIP A . 
C 3 HOH 14  215 14  HOH TIP A . 
C 3 HOH 15  216 15  HOH TIP A . 
C 3 HOH 16  217 16  HOH TIP A . 
C 3 HOH 17  218 17  HOH TIP A . 
C 3 HOH 18  219 18  HOH TIP A . 
C 3 HOH 19  220 19  HOH TIP A . 
C 3 HOH 20  221 20  HOH TIP A . 
C 3 HOH 21  222 21  HOH TIP A . 
C 3 HOH 22  223 22  HOH TIP A . 
C 3 HOH 23  224 23  HOH TIP A . 
C 3 HOH 24  225 24  HOH TIP A . 
C 3 HOH 25  226 25  HOH TIP A . 
C 3 HOH 26  227 26  HOH TIP A . 
C 3 HOH 27  228 27  HOH TIP A . 
C 3 HOH 28  229 28  HOH TIP A . 
C 3 HOH 29  230 29  HOH TIP A . 
C 3 HOH 30  231 30  HOH TIP A . 
C 3 HOH 31  232 31  HOH TIP A . 
C 3 HOH 32  233 32  HOH TIP A . 
C 3 HOH 33  234 33  HOH TIP A . 
C 3 HOH 34  235 34  HOH TIP A . 
C 3 HOH 35  236 35  HOH TIP A . 
C 3 HOH 36  237 36  HOH TIP A . 
C 3 HOH 37  238 37  HOH TIP A . 
C 3 HOH 38  239 38  HOH TIP A . 
C 3 HOH 39  240 39  HOH TIP A . 
C 3 HOH 40  241 40  HOH TIP A . 
C 3 HOH 41  242 41  HOH TIP A . 
C 3 HOH 42  243 42  HOH TIP A . 
C 3 HOH 43  244 43  HOH TIP A . 
C 3 HOH 44  245 44  HOH TIP A . 
C 3 HOH 45  246 45  HOH TIP A . 
C 3 HOH 46  247 46  HOH TIP A . 
C 3 HOH 47  248 47  HOH TIP A . 
C 3 HOH 48  249 48  HOH TIP A . 
C 3 HOH 49  250 49  HOH TIP A . 
C 3 HOH 50  251 50  HOH TIP A . 
C 3 HOH 51  252 51  HOH TIP A . 
C 3 HOH 52  253 52  HOH TIP A . 
C 3 HOH 53  254 53  HOH TIP A . 
C 3 HOH 54  255 54  HOH TIP A . 
C 3 HOH 55  256 55  HOH TIP A . 
C 3 HOH 56  257 56  HOH TIP A . 
C 3 HOH 57  258 57  HOH TIP A . 
C 3 HOH 58  259 58  HOH TIP A . 
C 3 HOH 59  260 59  HOH TIP A . 
C 3 HOH 60  261 60  HOH TIP A . 
C 3 HOH 61  262 61  HOH TIP A . 
C 3 HOH 62  263 62  HOH TIP A . 
C 3 HOH 63  264 63  HOH TIP A . 
C 3 HOH 64  265 64  HOH TIP A . 
C 3 HOH 65  266 65  HOH TIP A . 
C 3 HOH 66  267 66  HOH TIP A . 
C 3 HOH 67  268 67  HOH TIP A . 
C 3 HOH 68  269 68  HOH TIP A . 
C 3 HOH 69  270 69  HOH TIP A . 
C 3 HOH 70  271 70  HOH TIP A . 
C 3 HOH 71  272 71  HOH TIP A . 
C 3 HOH 72  273 72  HOH TIP A . 
C 3 HOH 73  274 73  HOH TIP A . 
C 3 HOH 74  275 74  HOH TIP A . 
C 3 HOH 75  276 75  HOH TIP A . 
C 3 HOH 76  277 76  HOH TIP A . 
C 3 HOH 77  278 77  HOH TIP A . 
C 3 HOH 78  279 78  HOH TIP A . 
C 3 HOH 79  280 79  HOH TIP A . 
C 3 HOH 80  281 80  HOH TIP A . 
C 3 HOH 81  282 81  HOH TIP A . 
C 3 HOH 82  283 82  HOH TIP A . 
C 3 HOH 83  284 83  HOH TIP A . 
C 3 HOH 84  285 84  HOH TIP A . 
C 3 HOH 85  286 85  HOH TIP A . 
C 3 HOH 86  287 86  HOH TIP A . 
C 3 HOH 87  288 87  HOH TIP A . 
C 3 HOH 88  289 88  HOH TIP A . 
C 3 HOH 89  290 89  HOH TIP A . 
C 3 HOH 90  291 90  HOH TIP A . 
C 3 HOH 91  292 91  HOH TIP A . 
C 3 HOH 92  293 92  HOH TIP A . 
C 3 HOH 93  294 93  HOH TIP A . 
C 3 HOH 94  295 94  HOH TIP A . 
C 3 HOH 95  296 95  HOH TIP A . 
C 3 HOH 96  297 96  HOH TIP A . 
C 3 HOH 97  298 97  HOH TIP A . 
C 3 HOH 98  299 98  HOH TIP A . 
C 3 HOH 99  300 99  HOH TIP A . 
C 3 HOH 100 301 100 HOH TIP A . 
C 3 HOH 101 302 101 HOH TIP A . 
C 3 HOH 102 303 102 HOH TIP A . 
C 3 HOH 103 304 103 HOH TIP A . 
C 3 HOH 104 305 104 HOH TIP A . 
C 3 HOH 105 306 105 HOH TIP A . 
C 3 HOH 106 307 106 HOH TIP A . 
C 3 HOH 107 308 107 HOH TIP A . 
C 3 HOH 108 309 108 HOH TIP A . 
C 3 HOH 109 310 109 HOH TIP A . 
C 3 HOH 110 311 110 HOH TIP A . 
C 3 HOH 111 312 111 HOH TIP A . 
C 3 HOH 112 313 112 HOH TIP A . 
C 3 HOH 113 314 113 HOH TIP A . 
C 3 HOH 114 315 114 HOH TIP A . 
C 3 HOH 115 316 115 HOH TIP A . 
C 3 HOH 116 317 116 HOH TIP A . 
C 3 HOH 117 318 117 HOH TIP A . 
C 3 HOH 118 319 118 HOH TIP A . 
C 3 HOH 119 320 119 HOH TIP A . 
C 3 HOH 120 321 120 HOH TIP A . 
C 3 HOH 121 322 121 HOH TIP A . 
C 3 HOH 122 323 122 HOH TIP A . 
C 3 HOH 123 324 123 HOH TIP A . 
C 3 HOH 124 325 124 HOH TIP A . 
C 3 HOH 125 326 125 HOH TIP A . 
C 3 HOH 126 327 126 HOH TIP A . 
C 3 HOH 127 328 127 HOH TIP A . 
C 3 HOH 128 329 128 HOH TIP A . 
C 3 HOH 129 330 129 HOH TIP A . 
C 3 HOH 130 331 130 HOH TIP A . 
C 3 HOH 131 332 131 HOH TIP A . 
C 3 HOH 132 333 132 HOH TIP A . 
C 3 HOH 133 334 133 HOH TIP A . 
C 3 HOH 134 335 134 HOH TIP A . 
C 3 HOH 135 336 135 HOH TIP A . 
C 3 HOH 136 337 136 HOH TIP A . 
C 3 HOH 137 338 137 HOH TIP A . 
# 
loop_
_software.name 
_software.classification 
_software.version 
_software.citation_id 
_software.pdbx_ordinal 
DENZO     'data reduction' .   ? 1 
SCALEPACK 'data scaling'   .   ? 2 
CNS       refinement       1.0 ? 3 
CNS       phasing          1.0 ? 4 
# 
_cell.length_a           41.02 
_cell.length_b           30.38 
_cell.length_c           42.38 
_cell.angle_alpha        90 
_cell.angle_beta         110.74 
_cell.angle_gamma        90 
_cell.entry_id           1J4H 
_cell.pdbx_unique_axis   ? 
_cell.Z_PDB              2 
# 
_symmetry.space_group_name_H-M             'P 1 21 1' 
_symmetry.entry_id                         1J4H 
_symmetry.pdbx_full_space_group_name_H-M   ? 
_symmetry.Int_Tables_number                4 
_symmetry.cell_setting                     ? 
# 
_exptl.entry_id          1J4H 
_exptl.method            'X-RAY DIFFRACTION' 
_exptl.crystals_number   1 
# 
_exptl_crystal.id                    1 
_exptl_crystal.density_meas          ? 
_exptl_crystal.density_percent_sol   41.01 
_exptl_crystal.density_Matthews      2.09 
_exptl_crystal.description           ? 
# 
_exptl_crystal_grow.crystal_id      1 
_exptl_crystal_grow.method          EVAPORATION 
_exptl_crystal_grow.pH              6.5 
_exptl_crystal_grow.temp            291 
_exptl_crystal_grow.pdbx_details    'PEG10000, HEPES, pH 6.5, EVAPORATION, temperature 291K' 
_exptl_crystal_grow.temp_details    ? 
_exptl_crystal_grow.pdbx_pH_range   . 
# 
_diffrn.id                     1 
_diffrn.ambient_temp           110.0 
_diffrn.ambient_temp_details   ? 
_diffrn.crystal_id             1 
# 
_diffrn_detector.diffrn_id              1 
_diffrn_detector.detector               'IMAGE PLATE' 
_diffrn_detector.type                   'MAR scanner 345 mm plate' 
_diffrn_detector.pdbx_collection_date   2001-04-03 
_diffrn_detector.details                ? 
# 
_diffrn_radiation.diffrn_id                        1 
_diffrn_radiation.wavelength_id                    1 
_diffrn_radiation.monochromator                    ? 
_diffrn_radiation.pdbx_monochromatic_or_laue_m_l   M 
_diffrn_radiation.pdbx_diffrn_protocol             'SINGLE WAVELENGTH' 
_diffrn_radiation.pdbx_scattering_type             x-ray 
# 
_diffrn_radiation_wavelength.id           1 
_diffrn_radiation_wavelength.wavelength   1.5418 
_diffrn_radiation_wavelength.wt           1.0 
# 
_diffrn_source.diffrn_id                   1 
_diffrn_source.source                      'ROTATING ANODE' 
_diffrn_source.type                        'RIGAKU RU200' 
_diffrn_source.pdbx_wavelength             1.5418 
_diffrn_source.pdbx_synchrotron_site       ? 
_diffrn_source.pdbx_synchrotron_beamline   ? 
_diffrn_source.pdbx_wavelength_list        ? 
# 
_reflns.observed_criterion_sigma_F   0 
_reflns.observed_criterion_sigma_I   0 
_reflns.d_resolution_high            1.8 
_reflns.d_resolution_low             30 
_reflns.number_all                   32811 
_reflns.number_obs                   32675 
_reflns.percent_possible_obs         99.6 
_reflns.pdbx_Rmerge_I_obs            0.052 
_reflns.pdbx_netI_over_sigmaI        17.2 
_reflns.B_iso_Wilson_estimate        11.5 
_reflns.pdbx_redundancy              3.5 
_reflns.entry_id                     1J4H 
_reflns.pdbx_Rsym_value              ? 
_reflns.R_free_details               ? 
_reflns.limit_h_max                  ? 
_reflns.limit_h_min                  ? 
_reflns.limit_k_max                  ? 
_reflns.limit_k_min                  ? 
_reflns.limit_l_max                  ? 
_reflns.limit_l_min                  ? 
_reflns.observed_criterion_F_max     ? 
_reflns.observed_criterion_F_min     ? 
_reflns.pdbx_diffrn_id               1 
_reflns.pdbx_ordinal                 1 
# 
_reflns_shell.d_res_high             1.80 
_reflns_shell.d_res_low              1.85 
_reflns_shell.percent_possible_all   98.1 
_reflns_shell.Rmerge_I_obs           0.291 
_reflns_shell.pdbx_redundancy        3.3 
_reflns_shell.number_unique_all      773 
_reflns_shell.percent_possible_obs   ? 
_reflns_shell.meanI_over_sigI_obs    ? 
_reflns_shell.pdbx_Rsym_value        ? 
_reflns_shell.pdbx_diffrn_id         ? 
_reflns_shell.pdbx_ordinal           1 
# 
_refine.ls_d_res_high                            1.8 
_refine.ls_d_res_low                             30 
_refine.pdbx_ls_sigma_F                          0 
_refine.pdbx_ls_sigma_I                          0 
_refine.ls_number_reflns_all                     9487 
_refine.ls_number_reflns_obs                     9346 
_refine.ls_number_reflns_R_free                  970 
_refine.ls_percent_reflns_obs                    98.5 
_refine.ls_percent_reflns_R_free                 10.3 
_refine.ls_R_factor_all                          ? 
_refine.ls_R_factor_obs                          ? 
_refine.ls_R_factor_R_work                       0.203 
_refine.ls_R_factor_R_free                       0.25 
_refine.pdbx_stereochemistry_target_values       'Engh & Huber' 
_refine.details                                  ? 
_refine.entry_id                                 1J4H 
_refine.ls_redundancy_reflns_obs                 ? 
_refine.pdbx_data_cutoff_high_absF               ? 
_refine.pdbx_data_cutoff_low_absF                ? 
_refine.ls_number_parameters                     ? 
_refine.ls_number_restraints                     ? 
_refine.ls_R_factor_R_free_error                 ? 
_refine.ls_R_factor_R_free_error_details         ? 
_refine.pdbx_method_to_determine_struct          ? 
_refine.pdbx_starting_model                      ? 
_refine.pdbx_isotropic_thermal_model             ? 
_refine.B_iso_mean                               ? 
_refine.aniso_B[1][1]                            ? 
_refine.aniso_B[1][2]                            ? 
_refine.aniso_B[1][3]                            ? 
_refine.aniso_B[2][2]                            ? 
_refine.aniso_B[2][3]                            ? 
_refine.aniso_B[3][3]                            ? 
_refine.pdbx_ls_cross_valid_method               ? 
_refine.pdbx_R_Free_selection_details            ? 
_refine.pdbx_stereochem_target_val_spec_case     ? 
_refine.solvent_model_details                    ? 
_refine.solvent_model_param_bsol                 ? 
_refine.solvent_model_param_ksol                 ? 
_refine.occupancy_max                            ? 
_refine.occupancy_min                            ? 
_refine.overall_SU_B                             ? 
_refine.overall_SU_ML                            ? 
_refine.pdbx_overall_ESU_R                       ? 
_refine.pdbx_overall_ESU_R_Free                  ? 
_refine.pdbx_data_cutoff_high_rms_absF           ? 
_refine.B_iso_min                                ? 
_refine.B_iso_max                                ? 
_refine.correlation_coeff_Fo_to_Fc               ? 
_refine.overall_SU_R_Cruickshank_DPI             ? 
_refine.overall_SU_R_free                        ? 
_refine.correlation_coeff_Fo_to_Fc_free          ? 
_refine.pdbx_solvent_vdw_probe_radii             ? 
_refine.pdbx_solvent_ion_probe_radii             ? 
_refine.pdbx_solvent_shrinkage_radii             ? 
_refine.pdbx_refine_id                           'X-RAY DIFFRACTION' 
_refine.pdbx_diffrn_id                           1 
_refine.pdbx_TLS_residual_ADP_flag               ? 
_refine.pdbx_overall_phase_error                 ? 
_refine.pdbx_overall_SU_R_free_Cruickshank_DPI   ? 
_refine.pdbx_overall_SU_R_Blow_DPI               ? 
_refine.pdbx_overall_SU_R_free_Blow_DPI          ? 
# 
_refine_hist.pdbx_refine_id                   'X-RAY DIFFRACTION' 
_refine_hist.cycle_id                         LAST 
_refine_hist.pdbx_number_atoms_protein        831 
_refine_hist.pdbx_number_atoms_nucleic_acid   0 
_refine_hist.pdbx_number_atoms_ligand         32 
_refine_hist.number_atoms_solvent             137 
_refine_hist.number_atoms_total               1000 
_refine_hist.d_res_high                       1.8 
_refine_hist.d_res_low                        30 
# 
loop_
_refine_ls_restr.type 
_refine_ls_restr.dev_ideal 
_refine_ls_restr.dev_ideal_target 
_refine_ls_restr.number 
_refine_ls_restr.weight 
_refine_ls_restr.pdbx_refine_id 
_refine_ls_restr.pdbx_restraint_function 
c_bond_d    0.019 ? ? ? 'X-RAY DIFFRACTION' ? 
c_angle_deg 1.98  ? ? ? 'X-RAY DIFFRACTION' ? 
# 
_struct.entry_id                  1J4H 
_struct.title                     'crystal structure analysis of the FKBP12 complexed with 000107 small molecule' 
_struct.pdbx_model_details        ? 
_struct.pdbx_CASP_flag            ? 
_struct.pdbx_model_type_details   ? 
# 
_struct_keywords.text            'Isomerase, Rotamase' 
_struct_keywords.entry_id        1J4H 
_struct_keywords.pdbx_keywords   ISOMERASE 
# 
loop_
_struct_asym.id 
_struct_asym.pdbx_blank_PDB_chainid_flag 
_struct_asym.pdbx_modified 
_struct_asym.entity_id 
_struct_asym.details 
A N N 1 ? 
B N N 2 ? 
C N N 3 ? 
# 
_struct_ref.id                         1 
_struct_ref.db_name                    UNP 
_struct_ref.db_code                    FKB1A_HUMAN 
_struct_ref.entity_id                  1 
_struct_ref.pdbx_seq_one_letter_code   
;GVQVETISPGDGRTFPKRGQTCVVHYTGMLEDGKKFDSSRDRNKPFKFMLGKQEVIRGWEEGVAQMSVGQRAKLTISPDY
AYGATGHPGIIPPHATLVFDVELLKLE
;
_struct_ref.pdbx_align_begin           1 
_struct_ref.pdbx_db_accession          P62942 
_struct_ref.pdbx_db_isoform            ? 
# 
_struct_ref_seq.align_id                      1 
_struct_ref_seq.ref_id                        1 
_struct_ref_seq.pdbx_PDB_id_code              1J4H 
_struct_ref_seq.pdbx_strand_id                A 
_struct_ref_seq.seq_align_beg                 1 
_struct_ref_seq.pdbx_seq_align_beg_ins_code   ? 
_struct_ref_seq.seq_align_end                 107 
_struct_ref_seq.pdbx_seq_align_end_ins_code   ? 
_struct_ref_seq.pdbx_db_accession             P62942 
_struct_ref_seq.db_align_beg                  1 
_struct_ref_seq.pdbx_db_align_beg_ins_code    ? 
_struct_ref_seq.db_align_end                  107 
_struct_ref_seq.pdbx_db_align_end_ins_code    ? 
_struct_ref_seq.pdbx_auth_seq_align_beg       1 
_struct_ref_seq.pdbx_auth_seq_align_end       107 
# 
_pdbx_struct_assembly.id                   1 
_pdbx_struct_assembly.details              author_defined_assembly 
_pdbx_struct_assembly.method_details       ? 
_pdbx_struct_assembly.oligomeric_details   monomeric 
_pdbx_struct_assembly.oligomeric_count     1 
# 
_pdbx_struct_assembly_gen.assembly_id       1 
_pdbx_struct_assembly_gen.oper_expression   1 
_pdbx_struct_assembly_gen.asym_id_list      A,B,C 
# 
_pdbx_struct_oper_list.id                   1 
_pdbx_struct_oper_list.type                 'identity operation' 
_pdbx_struct_oper_list.name                 1_555 
_pdbx_struct_oper_list.symmetry_operation   x,y,z 
_pdbx_struct_oper_list.matrix[1][1]         1.0000000000 
_pdbx_struct_oper_list.matrix[1][2]         0.0000000000 
_pdbx_struct_oper_list.matrix[1][3]         0.0000000000 
_pdbx_struct_oper_list.vector[1]            0.0000000000 
_pdbx_struct_oper_list.matrix[2][1]         0.0000000000 
_pdbx_struct_oper_list.matrix[2][2]         1.0000000000 
_pdbx_struct_oper_list.matrix[2][3]         0.0000000000 
_pdbx_struct_oper_list.vector[2]            0.0000000000 
_pdbx_struct_oper_list.matrix[3][1]         0.0000000000 
_pdbx_struct_oper_list.matrix[3][2]         0.0000000000 
_pdbx_struct_oper_list.matrix[3][3]         1.0000000000 
_pdbx_struct_oper_list.vector[3]            0.0000000000 
# 
_struct_biol.id                    1 
_struct_biol.pdbx_parent_biol_id   ? 
_struct_biol.details               ? 
# 
loop_
_struct_conf.conf_type_id 
_struct_conf.id 
_struct_conf.pdbx_PDB_helix_id 
_struct_conf.beg_label_comp_id 
_struct_conf.beg_label_asym_id 
_struct_conf.beg_label_seq_id 
_struct_conf.pdbx_beg_PDB_ins_code 
_struct_conf.end_label_comp_id 
_struct_conf.end_label_asym_id 
_struct_conf.end_label_seq_id 
_struct_conf.pdbx_end_PDB_ins_code 
_struct_conf.beg_auth_comp_id 
_struct_conf.beg_auth_asym_id 
_struct_conf.beg_auth_seq_id 
_struct_conf.end_auth_comp_id 
_struct_conf.end_auth_asym_id 
_struct_conf.end_auth_seq_id 
_struct_conf.pdbx_PDB_helix_class 
_struct_conf.details 
_struct_conf.pdbx_PDB_helix_length 
HELX_P HELX_P1 1 ILE A 56 ? GLN A 65 ? ILE A 56 GLN A 65 1 ? 10 
HELX_P HELX_P2 2 PRO A 78 ? ALA A 81 ? PRO A 78 ALA A 81 5 ? 4  
# 
_struct_conf_type.id          HELX_P 
_struct_conf_type.criteria    ? 
_struct_conf_type.reference   ? 
# 
loop_
_struct_sheet.id 
_struct_sheet.type 
_struct_sheet.number_strands 
_struct_sheet.details 
A ? 5 ? 
B ? 5 ? 
# 
loop_
_struct_sheet_order.sheet_id 
_struct_sheet_order.range_id_1 
_struct_sheet_order.range_id_2 
_struct_sheet_order.offset 
_struct_sheet_order.sense 
A 1 2 ? anti-parallel 
A 2 3 ? anti-parallel 
A 3 4 ? anti-parallel 
A 4 5 ? anti-parallel 
B 1 2 ? anti-parallel 
B 2 3 ? anti-parallel 
B 3 4 ? anti-parallel 
B 4 5 ? anti-parallel 
# 
loop_
_struct_sheet_range.sheet_id 
_struct_sheet_range.id 
_struct_sheet_range.beg_label_comp_id 
_struct_sheet_range.beg_label_asym_id 
_struct_sheet_range.beg_label_seq_id 
_struct_sheet_range.pdbx_beg_PDB_ins_code 
_struct_sheet_range.end_label_comp_id 
_struct_sheet_range.end_label_asym_id 
_struct_sheet_range.end_label_seq_id 
_struct_sheet_range.pdbx_end_PDB_ins_code 
_struct_sheet_range.beg_auth_comp_id 
_struct_sheet_range.beg_auth_asym_id 
_struct_sheet_range.beg_auth_seq_id 
_struct_sheet_range.end_auth_comp_id 
_struct_sheet_range.end_auth_asym_id 
_struct_sheet_range.end_auth_seq_id 
A 1 VAL A 2  ? SER A 8   ? VAL A 2  SER A 8   
A 2 ARG A 71 ? ILE A 76  ? ARG A 71 ILE A 76  
A 3 LEU A 97 ? GLU A 107 ? LEU A 97 GLU A 107 
A 4 THR A 21 ? MET A 29  ? THR A 21 MET A 29  
A 5 LYS A 35 ? SER A 38  ? LYS A 35 SER A 38  
B 1 VAL A 2  ? SER A 8   ? VAL A 2  SER A 8   
B 2 ARG A 71 ? ILE A 76  ? ARG A 71 ILE A 76  
B 3 LEU A 97 ? GLU A 107 ? LEU A 97 GLU A 107 
B 4 THR A 21 ? MET A 29  ? THR A 21 MET A 29  
B 5 PHE A 46 ? MET A 49  ? PHE A 46 MET A 49  
# 
loop_
_pdbx_struct_sheet_hbond.sheet_id 
_pdbx_struct_sheet_hbond.range_id_1 
_pdbx_struct_sheet_hbond.range_id_2 
_pdbx_struct_sheet_hbond.range_1_label_atom_id 
_pdbx_struct_sheet_hbond.range_1_label_comp_id 
_pdbx_struct_sheet_hbond.range_1_label_asym_id 
_pdbx_struct_sheet_hbond.range_1_label_seq_id 
_pdbx_struct_sheet_hbond.range_1_PDB_ins_code 
_pdbx_struct_sheet_hbond.range_1_auth_atom_id 
_pdbx_struct_sheet_hbond.range_1_auth_comp_id 
_pdbx_struct_sheet_hbond.range_1_auth_asym_id 
_pdbx_struct_sheet_hbond.range_1_auth_seq_id 
_pdbx_struct_sheet_hbond.range_2_label_atom_id 
_pdbx_struct_sheet_hbond.range_2_label_comp_id 
_pdbx_struct_sheet_hbond.range_2_label_asym_id 
_pdbx_struct_sheet_hbond.range_2_label_seq_id 
_pdbx_struct_sheet_hbond.range_2_PDB_ins_code 
_pdbx_struct_sheet_hbond.range_2_auth_atom_id 
_pdbx_struct_sheet_hbond.range_2_auth_comp_id 
_pdbx_struct_sheet_hbond.range_2_auth_asym_id 
_pdbx_struct_sheet_hbond.range_2_auth_seq_id 
A 1 2 N GLU A 5   ? N GLU A 5   O LYS A 73 ? O LYS A 73 
A 2 3 N LEU A 74  ? N LEU A 74  O PHE A 99 ? O PHE A 99 
A 3 4 O GLU A 107 ? O GLU A 107 N THR A 21 ? N THR A 21 
A 4 5 N GLY A 28  ? N GLY A 28  O PHE A 36 ? O PHE A 36 
B 1 2 N GLU A 5   ? N GLU A 5   O LYS A 73 ? O LYS A 73 
B 2 3 N LEU A 74  ? N LEU A 74  O PHE A 99 ? O PHE A 99 
B 3 4 O GLU A 107 ? O GLU A 107 N THR A 21 ? N THR A 21 
B 4 5 N CYS A 22  ? N CYS A 22  O PHE A 48 ? O PHE A 48 
# 
_struct_site.id                   AC1 
_struct_site.pdbx_evidence_code   Software 
_struct_site.pdbx_auth_asym_id    A 
_struct_site.pdbx_auth_comp_id    SUB 
_struct_site.pdbx_auth_seq_id     201 
_struct_site.pdbx_auth_ins_code   ? 
_struct_site.pdbx_num_residues    10 
_struct_site.details              'BINDING SITE FOR RESIDUE SUB A 201' 
# 
loop_
_struct_site_gen.id 
_struct_site_gen.site_id 
_struct_site_gen.pdbx_num_res 
_struct_site_gen.label_comp_id 
_struct_site_gen.label_asym_id 
_struct_site_gen.label_seq_id 
_struct_site_gen.pdbx_auth_ins_code 
_struct_site_gen.auth_comp_id 
_struct_site_gen.auth_asym_id 
_struct_site_gen.auth_seq_id 
_struct_site_gen.label_atom_id 
_struct_site_gen.label_alt_id 
_struct_site_gen.symmetry 
_struct_site_gen.details 
1  AC1 10 TYR A 26 ? TYR A 26 . ? 1_555 ? 
2  AC1 10 PHE A 46 ? PHE A 46 . ? 1_555 ? 
3  AC1 10 GLN A 53 ? GLN A 53 . ? 1_555 ? 
4  AC1 10 GLU A 54 ? GLU A 54 . ? 1_555 ? 
5  AC1 10 VAL A 55 ? VAL A 55 . ? 1_555 ? 
6  AC1 10 ILE A 56 ? ILE A 56 . ? 1_555 ? 
7  AC1 10 TRP A 59 ? TRP A 59 . ? 1_555 ? 
8  AC1 10 TYR A 82 ? TYR A 82 . ? 1_555 ? 
9  AC1 10 HIS A 87 ? HIS A 87 . ? 1_555 ? 
10 AC1 10 PHE A 99 ? PHE A 99 . ? 1_555 ? 
# 
loop_
_pdbx_validate_symm_contact.id 
_pdbx_validate_symm_contact.PDB_model_num 
_pdbx_validate_symm_contact.auth_atom_id_1 
_pdbx_validate_symm_contact.auth_asym_id_1 
_pdbx_validate_symm_contact.auth_comp_id_1 
_pdbx_validate_symm_contact.auth_seq_id_1 
_pdbx_validate_symm_contact.PDB_ins_code_1 
_pdbx_validate_symm_contact.label_alt_id_1 
_pdbx_validate_symm_contact.site_symmetry_1 
_pdbx_validate_symm_contact.auth_atom_id_2 
_pdbx_validate_symm_contact.auth_asym_id_2 
_pdbx_validate_symm_contact.auth_comp_id_2 
_pdbx_validate_symm_contact.auth_seq_id_2 
_pdbx_validate_symm_contact.PDB_ins_code_2 
_pdbx_validate_symm_contact.label_alt_id_2 
_pdbx_validate_symm_contact.site_symmetry_2 
_pdbx_validate_symm_contact.dist 
1  1 O   A HOH 255 ? ? 1_555 O  A HOH 286 ? ? 2_357 1.48 
2  1 O   A HOH 256 ? ? 1_555 O  A HOH 318 ? ? 2_347 1.68 
3  1 NH1 A ARG 13  ? ? 1_555 CG A PRO 45  ? ? 2_357 1.79 
4  1 O   A VAL 4   ? ? 1_555 O  A HOH 295 ? ? 2_356 1.85 
5  1 O   A HOH 262 ? ? 1_555 O  A HOH 329 ? ? 2_347 1.91 
6  1 OG1 A THR 6   ? ? 1_555 O  A ASP 32  ? ? 2_356 1.95 
7  1 CA  A SER 8   ? ? 1_555 O  A HOH 231 ? ? 2_356 1.99 
8  1 O   A ASP 11  ? ? 1_555 NZ A LYS 105 ? ? 2_357 2.02 
9  1 CB  A SER 8   ? ? 1_555 O  A HOH 231 ? ? 2_356 2.04 
10 1 O   A ILE 7   ? ? 1_555 CE A LYS 34  ? ? 2_356 2.11 
11 1 CG  A PRO 9   ? ? 1_555 O  A HOH 210 ? ? 2_356 2.15 
12 1 O   A HOH 258 ? ? 1_555 O  A HOH 273 ? ? 2_446 2.17 
13 1 O   A HOH 249 ? ? 1_555 O  A HOH 308 ? ? 2_446 2.19 
# 
loop_
_pdbx_validate_torsion.id 
_pdbx_validate_torsion.PDB_model_num 
_pdbx_validate_torsion.auth_comp_id 
_pdbx_validate_torsion.auth_asym_id 
_pdbx_validate_torsion.auth_seq_id 
_pdbx_validate_torsion.PDB_ins_code 
_pdbx_validate_torsion.label_alt_id 
_pdbx_validate_torsion.phi 
_pdbx_validate_torsion.psi 
1 1 ALA A 81 ? ? -133.02 -109.82 
2 1 ILE A 90 ? ? -158.56 -29.96  
# 
_pdbx_validate_chiral.id              1 
_pdbx_validate_chiral.PDB_model_num   1 
_pdbx_validate_chiral.auth_atom_id    C2 
_pdbx_validate_chiral.label_alt_id    ? 
_pdbx_validate_chiral.auth_asym_id    A 
_pdbx_validate_chiral.auth_comp_id    SUB 
_pdbx_validate_chiral.auth_seq_id     201 
_pdbx_validate_chiral.PDB_ins_code    ? 
_pdbx_validate_chiral.details         PLANAR 
_pdbx_validate_chiral.omega           . 
# 
loop_
_chem_comp_atom.comp_id 
_chem_comp_atom.atom_id 
_chem_comp_atom.type_symbol 
_chem_comp_atom.pdbx_aromatic_flag 
_chem_comp_atom.pdbx_stereo_config 
_chem_comp_atom.pdbx_ordinal 
ALA N    N N N 1   
ALA CA   C N S 2   
ALA C    C N N 3   
ALA O    O N N 4   
ALA CB   C N N 5   
ALA OXT  O N N 6   
ALA H    H N N 7   
ALA H2   H N N 8   
ALA HA   H N N 9   
ALA HB1  H N N 10  
ALA HB2  H N N 11  
ALA HB3  H N N 12  
ALA HXT  H N N 13  
ARG N    N N N 14  
ARG CA   C N S 15  
ARG C    C N N 16  
ARG O    O N N 17  
ARG CB   C N N 18  
ARG CG   C N N 19  
ARG CD   C N N 20  
ARG NE   N N N 21  
ARG CZ   C N N 22  
ARG NH1  N N N 23  
ARG NH2  N N N 24  
ARG OXT  O N N 25  
ARG H    H N N 26  
ARG H2   H N N 27  
ARG HA   H N N 28  
ARG HB2  H N N 29  
ARG HB3  H N N 30  
ARG HG2  H N N 31  
ARG HG3  H N N 32  
ARG HD2  H N N 33  
ARG HD3  H N N 34  
ARG HE   H N N 35  
ARG HH11 H N N 36  
ARG HH12 H N N 37  
ARG HH21 H N N 38  
ARG HH22 H N N 39  
ARG HXT  H N N 40  
ASN N    N N N 41  
ASN CA   C N S 42  
ASN C    C N N 43  
ASN O    O N N 44  
ASN CB   C N N 45  
ASN CG   C N N 46  
ASN OD1  O N N 47  
ASN ND2  N N N 48  
ASN OXT  O N N 49  
ASN H    H N N 50  
ASN H2   H N N 51  
ASN HA   H N N 52  
ASN HB2  H N N 53  
ASN HB3  H N N 54  
ASN HD21 H N N 55  
ASN HD22 H N N 56  
ASN HXT  H N N 57  
ASP N    N N N 58  
ASP CA   C N S 59  
ASP C    C N N 60  
ASP O    O N N 61  
ASP CB   C N N 62  
ASP CG   C N N 63  
ASP OD1  O N N 64  
ASP OD2  O N N 65  
ASP OXT  O N N 66  
ASP H    H N N 67  
ASP H2   H N N 68  
ASP HA   H N N 69  
ASP HB2  H N N 70  
ASP HB3  H N N 71  
ASP HD2  H N N 72  
ASP HXT  H N N 73  
CYS N    N N N 74  
CYS CA   C N R 75  
CYS C    C N N 76  
CYS O    O N N 77  
CYS CB   C N N 78  
CYS SG   S N N 79  
CYS OXT  O N N 80  
CYS H    H N N 81  
CYS H2   H N N 82  
CYS HA   H N N 83  
CYS HB2  H N N 84  
CYS HB3  H N N 85  
CYS HG   H N N 86  
CYS HXT  H N N 87  
GLN N    N N N 88  
GLN CA   C N S 89  
GLN C    C N N 90  
GLN O    O N N 91  
GLN CB   C N N 92  
GLN CG   C N N 93  
GLN CD   C N N 94  
GLN OE1  O N N 95  
GLN NE2  N N N 96  
GLN OXT  O N N 97  
GLN H    H N N 98  
GLN H2   H N N 99  
GLN HA   H N N 100 
GLN HB2  H N N 101 
GLN HB3  H N N 102 
GLN HG2  H N N 103 
GLN HG3  H N N 104 
GLN HE21 H N N 105 
GLN HE22 H N N 106 
GLN HXT  H N N 107 
GLU N    N N N 108 
GLU CA   C N S 109 
GLU C    C N N 110 
GLU O    O N N 111 
GLU CB   C N N 112 
GLU CG   C N N 113 
GLU CD   C N N 114 
GLU OE1  O N N 115 
GLU OE2  O N N 116 
GLU OXT  O N N 117 
GLU H    H N N 118 
GLU H2   H N N 119 
GLU HA   H N N 120 
GLU HB2  H N N 121 
GLU HB3  H N N 122 
GLU HG2  H N N 123 
GLU HG3  H N N 124 
GLU HE2  H N N 125 
GLU HXT  H N N 126 
GLY N    N N N 127 
GLY CA   C N N 128 
GLY C    C N N 129 
GLY O    O N N 130 
GLY OXT  O N N 131 
GLY H    H N N 132 
GLY H2   H N N 133 
GLY HA2  H N N 134 
GLY HA3  H N N 135 
GLY HXT  H N N 136 
HIS N    N N N 137 
HIS CA   C N S 138 
HIS C    C N N 139 
HIS O    O N N 140 
HIS CB   C N N 141 
HIS CG   C Y N 142 
HIS ND1  N Y N 143 
HIS CD2  C Y N 144 
HIS CE1  C Y N 145 
HIS NE2  N Y N 146 
HIS OXT  O N N 147 
HIS H    H N N 148 
HIS H2   H N N 149 
HIS HA   H N N 150 
HIS HB2  H N N 151 
HIS HB3  H N N 152 
HIS HD1  H N N 153 
HIS HD2  H N N 154 
HIS HE1  H N N 155 
HIS HE2  H N N 156 
HIS HXT  H N N 157 
HOH O    O N N 158 
HOH H1   H N N 159 
HOH H2   H N N 160 
ILE N    N N N 161 
ILE CA   C N S 162 
ILE C    C N N 163 
ILE O    O N N 164 
ILE CB   C N S 165 
ILE CG1  C N N 166 
ILE CG2  C N N 167 
ILE CD1  C N N 168 
ILE OXT  O N N 169 
ILE H    H N N 170 
ILE H2   H N N 171 
ILE HA   H N N 172 
ILE HB   H N N 173 
ILE HG12 H N N 174 
ILE HG13 H N N 175 
ILE HG21 H N N 176 
ILE HG22 H N N 177 
ILE HG23 H N N 178 
ILE HD11 H N N 179 
ILE HD12 H N N 180 
ILE HD13 H N N 181 
ILE HXT  H N N 182 
LEU N    N N N 183 
LEU CA   C N S 184 
LEU C    C N N 185 
LEU O    O N N 186 
LEU CB   C N N 187 
LEU CG   C N N 188 
LEU CD1  C N N 189 
LEU CD2  C N N 190 
LEU OXT  O N N 191 
LEU H    H N N 192 
LEU H2   H N N 193 
LEU HA   H N N 194 
LEU HB2  H N N 195 
LEU HB3  H N N 196 
LEU HG   H N N 197 
LEU HD11 H N N 198 
LEU HD12 H N N 199 
LEU HD13 H N N 200 
LEU HD21 H N N 201 
LEU HD22 H N N 202 
LEU HD23 H N N 203 
LEU HXT  H N N 204 
LYS N    N N N 205 
LYS CA   C N S 206 
LYS C    C N N 207 
LYS O    O N N 208 
LYS CB   C N N 209 
LYS CG   C N N 210 
LYS CD   C N N 211 
LYS CE   C N N 212 
LYS NZ   N N N 213 
LYS OXT  O N N 214 
LYS H    H N N 215 
LYS H2   H N N 216 
LYS HA   H N N 217 
LYS HB2  H N N 218 
LYS HB3  H N N 219 
LYS HG2  H N N 220 
LYS HG3  H N N 221 
LYS HD2  H N N 222 
LYS HD3  H N N 223 
LYS HE2  H N N 224 
LYS HE3  H N N 225 
LYS HZ1  H N N 226 
LYS HZ2  H N N 227 
LYS HZ3  H N N 228 
LYS HXT  H N N 229 
MET N    N N N 230 
MET CA   C N S 231 
MET C    C N N 232 
MET O    O N N 233 
MET CB   C N N 234 
MET CG   C N N 235 
MET SD   S N N 236 
MET CE   C N N 237 
MET OXT  O N N 238 
MET H    H N N 239 
MET H2   H N N 240 
MET HA   H N N 241 
MET HB2  H N N 242 
MET HB3  H N N 243 
MET HG2  H N N 244 
MET HG3  H N N 245 
MET HE1  H N N 246 
MET HE2  H N N 247 
MET HE3  H N N 248 
MET HXT  H N N 249 
PHE N    N N N 250 
PHE CA   C N S 251 
PHE C    C N N 252 
PHE O    O N N 253 
PHE CB   C N N 254 
PHE CG   C Y N 255 
PHE CD1  C Y N 256 
PHE CD2  C Y N 257 
PHE CE1  C Y N 258 
PHE CE2  C Y N 259 
PHE CZ   C Y N 260 
PHE OXT  O N N 261 
PHE H    H N N 262 
PHE H2   H N N 263 
PHE HA   H N N 264 
PHE HB2  H N N 265 
PHE HB3  H N N 266 
PHE HD1  H N N 267 
PHE HD2  H N N 268 
PHE HE1  H N N 269 
PHE HE2  H N N 270 
PHE HZ   H N N 271 
PHE HXT  H N N 272 
PRO N    N N N 273 
PRO CA   C N S 274 
PRO C    C N N 275 
PRO O    O N N 276 
PRO CB   C N N 277 
PRO CG   C N N 278 
PRO CD   C N N 279 
PRO OXT  O N N 280 
PRO H    H N N 281 
PRO HA   H N N 282 
PRO HB2  H N N 283 
PRO HB3  H N N 284 
PRO HG2  H N N 285 
PRO HG3  H N N 286 
PRO HD2  H N N 287 
PRO HD3  H N N 288 
PRO HXT  H N N 289 
SER N    N N N 290 
SER CA   C N S 291 
SER C    C N N 292 
SER O    O N N 293 
SER CB   C N N 294 
SER OG   O N N 295 
SER OXT  O N N 296 
SER H    H N N 297 
SER H2   H N N 298 
SER HA   H N N 299 
SER HB2  H N N 300 
SER HB3  H N N 301 
SER HG   H N N 302 
SER HXT  H N N 303 
SUB C1   C N N 304 
SUB N1   N N N 305 
SUB C2   C N S 306 
SUB C3   C N N 307 
SUB C4   C N N 308 
SUB C5   C Y N 309 
SUB C6   C Y N 310 
SUB C7   C Y N 311 
SUB C8   C Y N 312 
SUB C9   C Y N 313 
SUB C10  C Y N 314 
SUB O1   O N N 315 
SUB O2   O N N 316 
SUB C11  C N N 317 
SUB C12  C N N 318 
SUB C13  C N N 319 
SUB O3   O N N 320 
SUB C14  C N N 321 
SUB S1   S N N 322 
SUB C15  C N N 323 
SUB C16  C N R 324 
SUB N2   N N N 325 
SUB S2   S N N 326 
SUB C17  C Y N 327 
SUB C18  C Y N 328 
SUB C19  C Y N 329 
SUB C20  C Y N 330 
SUB C21  C Y N 331 
SUB C22  C Y N 332 
SUB O4   O N N 333 
SUB O5   O N N 334 
SUB C23  C N N 335 
SUB HN1  H N N 336 
SUB H2   H N N 337 
SUB H31  H N N 338 
SUB H32  H N N 339 
SUB H41  H N N 340 
SUB H42  H N N 341 
SUB H6   H N N 342 
SUB H7   H N N 343 
SUB H8   H N N 344 
SUB H9   H N N 345 
SUB H10  H N N 346 
SUB H121 H N N 347 
SUB H122 H N N 348 
SUB H123 H N N 349 
SUB H131 H N N 350 
SUB H132 H N N 351 
SUB H141 H N N 352 
SUB H142 H N N 353 
SUB H151 H N N 354 
SUB H152 H N N 355 
SUB H16  H N N 356 
SUB H18  H N N 357 
SUB H19  H N N 358 
SUB H21  H N N 359 
SUB H22  H N N 360 
SUB H231 H N N 361 
SUB H232 H N N 362 
SUB H233 H N N 363 
THR N    N N N 364 
THR CA   C N S 365 
THR C    C N N 366 
THR O    O N N 367 
THR CB   C N R 368 
THR OG1  O N N 369 
THR CG2  C N N 370 
THR OXT  O N N 371 
THR H    H N N 372 
THR H2   H N N 373 
THR HA   H N N 374 
THR HB   H N N 375 
THR HG1  H N N 376 
THR HG21 H N N 377 
THR HG22 H N N 378 
THR HG23 H N N 379 
THR HXT  H N N 380 
TRP N    N N N 381 
TRP CA   C N S 382 
TRP C    C N N 383 
TRP O    O N N 384 
TRP CB   C N N 385 
TRP CG   C Y N 386 
TRP CD1  C Y N 387 
TRP CD2  C Y N 388 
TRP NE1  N Y N 389 
TRP CE2  C Y N 390 
TRP CE3  C Y N 391 
TRP CZ2  C Y N 392 
TRP CZ3  C Y N 393 
TRP CH2  C Y N 394 
TRP OXT  O N N 395 
TRP H    H N N 396 
TRP H2   H N N 397 
TRP HA   H N N 398 
TRP HB2  H N N 399 
TRP HB3  H N N 400 
TRP HD1  H N N 401 
TRP HE1  H N N 402 
TRP HE3  H N N 403 
TRP HZ2  H N N 404 
TRP HZ3  H N N 405 
TRP HH2  H N N 406 
TRP HXT  H N N 407 
TYR N    N N N 408 
TYR CA   C N S 409 
TYR C    C N N 410 
TYR O    O N N 411 
TYR CB   C N N 412 
TYR CG   C Y N 413 
TYR CD1  C Y N 414 
TYR CD2  C Y N 415 
TYR CE1  C Y N 416 
TYR CE2  C Y N 417 
TYR CZ   C Y N 418 
TYR OH   O N N 419 
TYR OXT  O N N 420 
TYR H    H N N 421 
TYR H2   H N N 422 
TYR HA   H N N 423 
TYR HB2  H N N 424 
TYR HB3  H N N 425 
TYR HD1  H N N 426 
TYR HD2  H N N 427 
TYR HE1  H N N 428 
TYR HE2  H N N 429 
TYR HH   H N N 430 
TYR HXT  H N N 431 
VAL N    N N N 432 
VAL CA   C N S 433 
VAL C    C N N 434 
VAL O    O N N 435 
VAL CB   C N N 436 
VAL CG1  C N N 437 
VAL CG2  C N N 438 
VAL OXT  O N N 439 
VAL H    H N N 440 
VAL H2   H N N 441 
VAL HA   H N N 442 
VAL HB   H N N 443 
VAL HG11 H N N 444 
VAL HG12 H N N 445 
VAL HG13 H N N 446 
VAL HG21 H N N 447 
VAL HG22 H N N 448 
VAL HG23 H N N 449 
VAL HXT  H N N 450 
# 
loop_
_chem_comp_bond.comp_id 
_chem_comp_bond.atom_id_1 
_chem_comp_bond.atom_id_2 
_chem_comp_bond.value_order 
_chem_comp_bond.pdbx_aromatic_flag 
_chem_comp_bond.pdbx_stereo_config 
_chem_comp_bond.pdbx_ordinal 
ALA N   CA   sing N N 1   
ALA N   H    sing N N 2   
ALA N   H2   sing N N 3   
ALA CA  C    sing N N 4   
ALA CA  CB   sing N N 5   
ALA CA  HA   sing N N 6   
ALA C   O    doub N N 7   
ALA C   OXT  sing N N 8   
ALA CB  HB1  sing N N 9   
ALA CB  HB2  sing N N 10  
ALA CB  HB3  sing N N 11  
ALA OXT HXT  sing N N 12  
ARG N   CA   sing N N 13  
ARG N   H    sing N N 14  
ARG N   H2   sing N N 15  
ARG CA  C    sing N N 16  
ARG CA  CB   sing N N 17  
ARG CA  HA   sing N N 18  
ARG C   O    doub N N 19  
ARG C   OXT  sing N N 20  
ARG CB  CG   sing N N 21  
ARG CB  HB2  sing N N 22  
ARG CB  HB3  sing N N 23  
ARG CG  CD   sing N N 24  
ARG CG  HG2  sing N N 25  
ARG CG  HG3  sing N N 26  
ARG CD  NE   sing N N 27  
ARG CD  HD2  sing N N 28  
ARG CD  HD3  sing N N 29  
ARG NE  CZ   sing N N 30  
ARG NE  HE   sing N N 31  
ARG CZ  NH1  sing N N 32  
ARG CZ  NH2  doub N N 33  
ARG NH1 HH11 sing N N 34  
ARG NH1 HH12 sing N N 35  
ARG NH2 HH21 sing N N 36  
ARG NH2 HH22 sing N N 37  
ARG OXT HXT  sing N N 38  
ASN N   CA   sing N N 39  
ASN N   H    sing N N 40  
ASN N   H2   sing N N 41  
ASN CA  C    sing N N 42  
ASN CA  CB   sing N N 43  
ASN CA  HA   sing N N 44  
ASN C   O    doub N N 45  
ASN C   OXT  sing N N 46  
ASN CB  CG   sing N N 47  
ASN CB  HB2  sing N N 48  
ASN CB  HB3  sing N N 49  
ASN CG  OD1  doub N N 50  
ASN CG  ND2  sing N N 51  
ASN ND2 HD21 sing N N 52  
ASN ND2 HD22 sing N N 53  
ASN OXT HXT  sing N N 54  
ASP N   CA   sing N N 55  
ASP N   H    sing N N 56  
ASP N   H2   sing N N 57  
ASP CA  C    sing N N 58  
ASP CA  CB   sing N N 59  
ASP CA  HA   sing N N 60  
ASP C   O    doub N N 61  
ASP C   OXT  sing N N 62  
ASP CB  CG   sing N N 63  
ASP CB  HB2  sing N N 64  
ASP CB  HB3  sing N N 65  
ASP CG  OD1  doub N N 66  
ASP CG  OD2  sing N N 67  
ASP OD2 HD2  sing N N 68  
ASP OXT HXT  sing N N 69  
CYS N   CA   sing N N 70  
CYS N   H    sing N N 71  
CYS N   H2   sing N N 72  
CYS CA  C    sing N N 73  
CYS CA  CB   sing N N 74  
CYS CA  HA   sing N N 75  
CYS C   O    doub N N 76  
CYS C   OXT  sing N N 77  
CYS CB  SG   sing N N 78  
CYS CB  HB2  sing N N 79  
CYS CB  HB3  sing N N 80  
CYS SG  HG   sing N N 81  
CYS OXT HXT  sing N N 82  
GLN N   CA   sing N N 83  
GLN N   H    sing N N 84  
GLN N   H2   sing N N 85  
GLN CA  C    sing N N 86  
GLN CA  CB   sing N N 87  
GLN CA  HA   sing N N 88  
GLN C   O    doub N N 89  
GLN C   OXT  sing N N 90  
GLN CB  CG   sing N N 91  
GLN CB  HB2  sing N N 92  
GLN CB  HB3  sing N N 93  
GLN CG  CD   sing N N 94  
GLN CG  HG2  sing N N 95  
GLN CG  HG3  sing N N 96  
GLN CD  OE1  doub N N 97  
GLN CD  NE2  sing N N 98  
GLN NE2 HE21 sing N N 99  
GLN NE2 HE22 sing N N 100 
GLN OXT HXT  sing N N 101 
GLU N   CA   sing N N 102 
GLU N   H    sing N N 103 
GLU N   H2   sing N N 104 
GLU CA  C    sing N N 105 
GLU CA  CB   sing N N 106 
GLU CA  HA   sing N N 107 
GLU C   O    doub N N 108 
GLU C   OXT  sing N N 109 
GLU CB  CG   sing N N 110 
GLU CB  HB2  sing N N 111 
GLU CB  HB3  sing N N 112 
GLU CG  CD   sing N N 113 
GLU CG  HG2  sing N N 114 
GLU CG  HG3  sing N N 115 
GLU CD  OE1  doub N N 116 
GLU CD  OE2  sing N N 117 
GLU OE2 HE2  sing N N 118 
GLU OXT HXT  sing N N 119 
GLY N   CA   sing N N 120 
GLY N   H    sing N N 121 
GLY N   H2   sing N N 122 
GLY CA  C    sing N N 123 
GLY CA  HA2  sing N N 124 
GLY CA  HA3  sing N N 125 
GLY C   O    doub N N 126 
GLY C   OXT  sing N N 127 
GLY OXT HXT  sing N N 128 
HIS N   CA   sing N N 129 
HIS N   H    sing N N 130 
HIS N   H2   sing N N 131 
HIS CA  C    sing N N 132 
HIS CA  CB   sing N N 133 
HIS CA  HA   sing N N 134 
HIS C   O    doub N N 135 
HIS C   OXT  sing N N 136 
HIS CB  CG   sing N N 137 
HIS CB  HB2  sing N N 138 
HIS CB  HB3  sing N N 139 
HIS CG  ND1  sing Y N 140 
HIS CG  CD2  doub Y N 141 
HIS ND1 CE1  doub Y N 142 
HIS ND1 HD1  sing N N 143 
HIS CD2 NE2  sing Y N 144 
HIS CD2 HD2  sing N N 145 
HIS CE1 NE2  sing Y N 146 
HIS CE1 HE1  sing N N 147 
HIS NE2 HE2  sing N N 148 
HIS OXT HXT  sing N N 149 
HOH O   H1   sing N N 150 
HOH O   H2   sing N N 151 
ILE N   CA   sing N N 152 
ILE N   H    sing N N 153 
ILE N   H2   sing N N 154 
ILE CA  C    sing N N 155 
ILE CA  CB   sing N N 156 
ILE CA  HA   sing N N 157 
ILE C   O    doub N N 158 
ILE C   OXT  sing N N 159 
ILE CB  CG1  sing N N 160 
ILE CB  CG2  sing N N 161 
ILE CB  HB   sing N N 162 
ILE CG1 CD1  sing N N 163 
ILE CG1 HG12 sing N N 164 
ILE CG1 HG13 sing N N 165 
ILE CG2 HG21 sing N N 166 
ILE CG2 HG22 sing N N 167 
ILE CG2 HG23 sing N N 168 
ILE CD1 HD11 sing N N 169 
ILE CD1 HD12 sing N N 170 
ILE CD1 HD13 sing N N 171 
ILE OXT HXT  sing N N 172 
LEU N   CA   sing N N 173 
LEU N   H    sing N N 174 
LEU N   H2   sing N N 175 
LEU CA  C    sing N N 176 
LEU CA  CB   sing N N 177 
LEU CA  HA   sing N N 178 
LEU C   O    doub N N 179 
LEU C   OXT  sing N N 180 
LEU CB  CG   sing N N 181 
LEU CB  HB2  sing N N 182 
LEU CB  HB3  sing N N 183 
LEU CG  CD1  sing N N 184 
LEU CG  CD2  sing N N 185 
LEU CG  HG   sing N N 186 
LEU CD1 HD11 sing N N 187 
LEU CD1 HD12 sing N N 188 
LEU CD1 HD13 sing N N 189 
LEU CD2 HD21 sing N N 190 
LEU CD2 HD22 sing N N 191 
LEU CD2 HD23 sing N N 192 
LEU OXT HXT  sing N N 193 
LYS N   CA   sing N N 194 
LYS N   H    sing N N 195 
LYS N   H2   sing N N 196 
LYS CA  C    sing N N 197 
LYS CA  CB   sing N N 198 
LYS CA  HA   sing N N 199 
LYS C   O    doub N N 200 
LYS C   OXT  sing N N 201 
LYS CB  CG   sing N N 202 
LYS CB  HB2  sing N N 203 
LYS CB  HB3  sing N N 204 
LYS CG  CD   sing N N 205 
LYS CG  HG2  sing N N 206 
LYS CG  HG3  sing N N 207 
LYS CD  CE   sing N N 208 
LYS CD  HD2  sing N N 209 
LYS CD  HD3  sing N N 210 
LYS CE  NZ   sing N N 211 
LYS CE  HE2  sing N N 212 
LYS CE  HE3  sing N N 213 
LYS NZ  HZ1  sing N N 214 
LYS NZ  HZ2  sing N N 215 
LYS NZ  HZ3  sing N N 216 
LYS OXT HXT  sing N N 217 
MET N   CA   sing N N 218 
MET N   H    sing N N 219 
MET N   H2   sing N N 220 
MET CA  C    sing N N 221 
MET CA  CB   sing N N 222 
MET CA  HA   sing N N 223 
MET C   O    doub N N 224 
MET C   OXT  sing N N 225 
MET CB  CG   sing N N 226 
MET CB  HB2  sing N N 227 
MET CB  HB3  sing N N 228 
MET CG  SD   sing N N 229 
MET CG  HG2  sing N N 230 
MET CG  HG3  sing N N 231 
MET SD  CE   sing N N 232 
MET CE  HE1  sing N N 233 
MET CE  HE2  sing N N 234 
MET CE  HE3  sing N N 235 
MET OXT HXT  sing N N 236 
PHE N   CA   sing N N 237 
PHE N   H    sing N N 238 
PHE N   H2   sing N N 239 
PHE CA  C    sing N N 240 
PHE CA  CB   sing N N 241 
PHE CA  HA   sing N N 242 
PHE C   O    doub N N 243 
PHE C   OXT  sing N N 244 
PHE CB  CG   sing N N 245 
PHE CB  HB2  sing N N 246 
PHE CB  HB3  sing N N 247 
PHE CG  CD1  doub Y N 248 
PHE CG  CD2  sing Y N 249 
PHE CD1 CE1  sing Y N 250 
PHE CD1 HD1  sing N N 251 
PHE CD2 CE2  doub Y N 252 
PHE CD2 HD2  sing N N 253 
PHE CE1 CZ   doub Y N 254 
PHE CE1 HE1  sing N N 255 
PHE CE2 CZ   sing Y N 256 
PHE CE2 HE2  sing N N 257 
PHE CZ  HZ   sing N N 258 
PHE OXT HXT  sing N N 259 
PRO N   CA   sing N N 260 
PRO N   CD   sing N N 261 
PRO N   H    sing N N 262 
PRO CA  C    sing N N 263 
PRO CA  CB   sing N N 264 
PRO CA  HA   sing N N 265 
PRO C   O    doub N N 266 
PRO C   OXT  sing N N 267 
PRO CB  CG   sing N N 268 
PRO CB  HB2  sing N N 269 
PRO CB  HB3  sing N N 270 
PRO CG  CD   sing N N 271 
PRO CG  HG2  sing N N 272 
PRO CG  HG3  sing N N 273 
PRO CD  HD2  sing N N 274 
PRO CD  HD3  sing N N 275 
PRO OXT HXT  sing N N 276 
SER N   CA   sing N N 277 
SER N   H    sing N N 278 
SER N   H2   sing N N 279 
SER CA  C    sing N N 280 
SER CA  CB   sing N N 281 
SER CA  HA   sing N N 282 
SER C   O    doub N N 283 
SER C   OXT  sing N N 284 
SER CB  OG   sing N N 285 
SER CB  HB2  sing N N 286 
SER CB  HB3  sing N N 287 
SER OG  HG   sing N N 288 
SER OXT HXT  sing N N 289 
SUB C1  N1   sing N N 290 
SUB C1  O3   doub N N 291 
SUB C1  C16  sing N N 292 
SUB N1  C2   sing N N 293 
SUB N1  HN1  sing N N 294 
SUB C2  C4   sing N N 295 
SUB C2  C11  sing N N 296 
SUB C2  H2   sing N N 297 
SUB C3  O1   sing N N 298 
SUB C3  C12  sing N N 299 
SUB C3  H31  sing N N 300 
SUB C3  H32  sing N N 301 
SUB C4  C5   sing N N 302 
SUB C4  H41  sing N N 303 
SUB C4  H42  sing N N 304 
SUB C5  C6   doub Y N 305 
SUB C5  C10  sing Y N 306 
SUB C6  C7   sing Y N 307 
SUB C6  H6   sing N N 308 
SUB C7  C8   doub Y N 309 
SUB C7  H7   sing N N 310 
SUB C8  C9   sing Y N 311 
SUB C8  H8   sing N N 312 
SUB C9  C10  doub Y N 313 
SUB C9  H9   sing N N 314 
SUB C10 H10  sing N N 315 
SUB O1  C11  sing N N 316 
SUB O2  C11  doub N N 317 
SUB C12 H121 sing N N 318 
SUB C12 H122 sing N N 319 
SUB C12 H123 sing N N 320 
SUB C13 C14  sing N N 321 
SUB C13 N2   sing N N 322 
SUB C13 H131 sing N N 323 
SUB C13 H132 sing N N 324 
SUB C14 S1   sing N N 325 
SUB C14 H141 sing N N 326 
SUB C14 H142 sing N N 327 
SUB S1  C15  sing N N 328 
SUB C15 C16  sing N N 329 
SUB C15 H151 sing N N 330 
SUB C15 H152 sing N N 331 
SUB C16 N2   sing N N 332 
SUB C16 H16  sing N N 333 
SUB N2  S2   sing N N 334 
SUB S2  C17  sing N N 335 
SUB S2  O4   doub N N 336 
SUB S2  O5   doub N N 337 
SUB C17 C18  doub Y N 338 
SUB C17 C22  sing Y N 339 
SUB C18 C19  sing Y N 340 
SUB C18 H18  sing N N 341 
SUB C19 C20  doub Y N 342 
SUB C19 H19  sing N N 343 
SUB C20 C21  sing Y N 344 
SUB C20 C23  sing N N 345 
SUB C21 C22  doub Y N 346 
SUB C21 H21  sing N N 347 
SUB C22 H22  sing N N 348 
SUB C23 H231 sing N N 349 
SUB C23 H232 sing N N 350 
SUB C23 H233 sing N N 351 
THR N   CA   sing N N 352 
THR N   H    sing N N 353 
THR N   H2   sing N N 354 
THR CA  C    sing N N 355 
THR CA  CB   sing N N 356 
THR CA  HA   sing N N 357 
THR C   O    doub N N 358 
THR C   OXT  sing N N 359 
THR CB  OG1  sing N N 360 
THR CB  CG2  sing N N 361 
THR CB  HB   sing N N 362 
THR OG1 HG1  sing N N 363 
THR CG2 HG21 sing N N 364 
THR CG2 HG22 sing N N 365 
THR CG2 HG23 sing N N 366 
THR OXT HXT  sing N N 367 
TRP N   CA   sing N N 368 
TRP N   H    sing N N 369 
TRP N   H2   sing N N 370 
TRP CA  C    sing N N 371 
TRP CA  CB   sing N N 372 
TRP CA  HA   sing N N 373 
TRP C   O    doub N N 374 
TRP C   OXT  sing N N 375 
TRP CB  CG   sing N N 376 
TRP CB  HB2  sing N N 377 
TRP CB  HB3  sing N N 378 
TRP CG  CD1  doub Y N 379 
TRP CG  CD2  sing Y N 380 
TRP CD1 NE1  sing Y N 381 
TRP CD1 HD1  sing N N 382 
TRP CD2 CE2  doub Y N 383 
TRP CD2 CE3  sing Y N 384 
TRP NE1 CE2  sing Y N 385 
TRP NE1 HE1  sing N N 386 
TRP CE2 CZ2  sing Y N 387 
TRP CE3 CZ3  doub Y N 388 
TRP CE3 HE3  sing N N 389 
TRP CZ2 CH2  doub Y N 390 
TRP CZ2 HZ2  sing N N 391 
TRP CZ3 CH2  sing Y N 392 
TRP CZ3 HZ3  sing N N 393 
TRP CH2 HH2  sing N N 394 
TRP OXT HXT  sing N N 395 
TYR N   CA   sing N N 396 
TYR N   H    sing N N 397 
TYR N   H2   sing N N 398 
TYR CA  C    sing N N 399 
TYR CA  CB   sing N N 400 
TYR CA  HA   sing N N 401 
TYR C   O    doub N N 402 
TYR C   OXT  sing N N 403 
TYR CB  CG   sing N N 404 
TYR CB  HB2  sing N N 405 
TYR CB  HB3  sing N N 406 
TYR CG  CD1  doub Y N 407 
TYR CG  CD2  sing Y N 408 
TYR CD1 CE1  sing Y N 409 
TYR CD1 HD1  sing N N 410 
TYR CD2 CE2  doub Y N 411 
TYR CD2 HD2  sing N N 412 
TYR CE1 CZ   doub Y N 413 
TYR CE1 HE1  sing N N 414 
TYR CE2 CZ   sing Y N 415 
TYR CE2 HE2  sing N N 416 
TYR CZ  OH   sing N N 417 
TYR OH  HH   sing N N 418 
TYR OXT HXT  sing N N 419 
VAL N   CA   sing N N 420 
VAL N   H    sing N N 421 
VAL N   H2   sing N N 422 
VAL CA  C    sing N N 423 
VAL CA  CB   sing N N 424 
VAL CA  HA   sing N N 425 
VAL C   O    doub N N 426 
VAL C   OXT  sing N N 427 
VAL CB  CG1  sing N N 428 
VAL CB  CG2  sing N N 429 
VAL CB  HB   sing N N 430 
VAL CG1 HG11 sing N N 431 
VAL CG1 HG12 sing N N 432 
VAL CG1 HG13 sing N N 433 
VAL CG2 HG21 sing N N 434 
VAL CG2 HG22 sing N N 435 
VAL CG2 HG23 sing N N 436 
VAL OXT HXT  sing N N 437 
# 
_atom_sites.entry_id                    1J4H 
_atom_sites.fract_transf_matrix[1][1]   -0.00122623 
_atom_sites.fract_transf_matrix[1][2]   -0.02571609 
_atom_sites.fract_transf_matrix[1][3]   0.00408378 
_atom_sites.fract_transf_matrix[2][1]   -0.00748409 
_atom_sites.fract_transf_matrix[2][2]   0.00537503 
_atom_sites.fract_transf_matrix[2][3]   0.03160001 
_atom_sites.fract_transf_matrix[3][1]   -0.02337147 
_atom_sites.fract_transf_matrix[3][2]   -0.00858944 
_atom_sites.fract_transf_matrix[3][3]   -0.00407423 
_atom_sites.fract_transf_vector[1]      -0.763235 
_atom_sites.fract_transf_vector[2]      1.395840 
_atom_sites.fract_transf_vector[3]      0.757173 
# 
loop_
_atom_type.symbol 
C 
N 
O 
S 
# 
loop_
_atom_site.group_PDB 
_atom_site.id 
_atom_site.type_symbol 
_atom_site.label_atom_id 
_atom_site.label_alt_id 
_atom_site.label_comp_id 
_atom_site.label_asym_id 
_atom_site.label_entity_id 
_atom_site.label_seq_id 
_atom_site.pdbx_PDB_ins_code 
_atom_site.Cartn_x 
_atom_site.Cartn_y 
_atom_site.Cartn_z 
_atom_site.occupancy 
_atom_site.B_iso_or_equiv 
_atom_site.pdbx_formal_charge 
_atom_site.auth_seq_id 
_atom_site.auth_comp_id 
_atom_site.auth_asym_id 
_atom_site.auth_atom_id 
_atom_site.pdbx_PDB_model_num 
ATOM   1    N N   . GLY A 1 1   ? 7.060   -0.136  11.706  1.00 11.61 ? 1   GLY A N   1 
ATOM   2    C CA  . GLY A 1 1   ? 5.587   -0.083  11.373  1.00 12.62 ? 1   GLY A CA  1 
ATOM   3    C C   . GLY A 1 1   ? 5.371   0.524   9.990   1.00 13.67 ? 1   GLY A C   1 
ATOM   4    O O   . GLY A 1 1   ? 6.117   0.214   9.077   1.00 14.26 ? 1   GLY A O   1 
ATOM   5    N N   . VAL A 1 2   ? 4.346   1.360   9.818   1.00 11.09 ? 2   VAL A N   1 
ATOM   6    C CA  . VAL A 1 2   ? 4.132   1.953   8.513   1.00 14.44 ? 2   VAL A CA  1 
ATOM   7    C C   . VAL A 1 2   ? 4.008   3.470   8.666   1.00 16.28 ? 2   VAL A C   1 
ATOM   8    O O   . VAL A 1 2   ? 3.300   3.966   9.548   1.00 18.36 ? 2   VAL A O   1 
ATOM   9    C CB  . VAL A 1 2   ? 2.844   1.377   7.770   1.00 14.58 ? 2   VAL A CB  1 
ATOM   10   C CG1 . VAL A 1 2   ? 1.565   1.561   8.608   1.00 14.53 ? 2   VAL A CG1 1 
ATOM   11   C CG2 . VAL A 1 2   ? 2.647   2.111   6.442   1.00 12.94 ? 2   VAL A CG2 1 
ATOM   12   N N   . GLN A 1 3   ? 4.749   4.190   7.836   1.00 16.09 ? 3   GLN A N   1 
ATOM   13   C CA  . GLN A 1 3   ? 4.739   5.647   7.833   1.00 15.98 ? 3   GLN A CA  1 
ATOM   14   C C   . GLN A 1 3   ? 3.962   6.054   6.586   1.00 16.40 ? 3   GLN A C   1 
ATOM   15   O O   . GLN A 1 3   ? 4.165   5.464   5.518   1.00 18.27 ? 3   GLN A O   1 
ATOM   16   C CB  . GLN A 1 3   ? 6.133   6.206   7.662   1.00 14.96 ? 3   GLN A CB  1 
ATOM   17   C CG  . GLN A 1 3   ? 6.983   6.325   8.875   1.00 20.67 ? 3   GLN A CG  1 
ATOM   18   C CD  . GLN A 1 3   ? 8.421   6.648   8.473   1.00 22.42 ? 3   GLN A CD  1 
ATOM   19   O OE1 . GLN A 1 3   ? 9.300   5.772   8.537   1.00 27.78 ? 3   GLN A OE1 1 
ATOM   20   N NE2 . GLN A 1 3   ? 8.663   7.877   7.990   1.00 24.60 ? 3   GLN A NE2 1 
ATOM   21   N N   . VAL A 1 4   ? 3.148   7.093   6.716   1.00 15.56 ? 4   VAL A N   1 
ATOM   22   C CA  . VAL A 1 4   ? 2.339   7.619   5.641   1.00 14.55 ? 4   VAL A CA  1 
ATOM   23   C C   . VAL A 1 4   ? 2.749   9.063   5.355   1.00 16.25 ? 4   VAL A C   1 
ATOM   24   O O   . VAL A 1 4   ? 2.577   9.924   6.210   1.00 17.64 ? 4   VAL A O   1 
ATOM   25   C CB  . VAL A 1 4   ? 0.863   7.590   6.055   1.00 15.21 ? 4   VAL A CB  1 
ATOM   26   C CG1 . VAL A 1 4   ? 0.019   8.273   5.016   1.00 15.48 ? 4   VAL A CG1 1 
ATOM   27   C CG2 . VAL A 1 4   ? 0.439   6.118   6.269   1.00 14.57 ? 4   VAL A CG2 1 
ATOM   28   N N   . GLU A 1 5   ? 3.305   9.338   4.192   1.00 15.79 ? 5   GLU A N   1 
ATOM   29   C CA  . GLU A 1 5   ? 3.680   10.728  3.912   1.00 16.40 ? 5   GLU A CA  1 
ATOM   30   C C   . GLU A 1 5   ? 2.924   11.139  2.706   1.00 15.14 ? 5   GLU A C   1 
ATOM   31   O O   . GLU A 1 5   ? 3.171   10.636  1.609   1.00 16.48 ? 5   GLU A O   1 
ATOM   32   C CB  . GLU A 1 5   ? 5.161   10.853  3.652   1.00 19.49 ? 5   GLU A CB  1 
ATOM   33   C CG  . GLU A 1 5   ? 5.937   10.297  4.806   1.00 25.40 ? 5   GLU A CG  1 
ATOM   34   C CD  . GLU A 1 5   ? 7.409   10.358  4.554   1.00 29.62 ? 5   GLU A CD  1 
ATOM   35   O OE1 . GLU A 1 5   ? 7.930   11.501  4.359   1.00 28.89 ? 5   GLU A OE1 1 
ATOM   36   O OE2 . GLU A 1 5   ? 8.026   9.258   4.544   1.00 31.51 ? 5   GLU A OE2 1 
ATOM   37   N N   . THR A 1 6   ? 2.051   12.104  2.891   1.00 15.18 ? 6   THR A N   1 
ATOM   38   C CA  . THR A 1 6   ? 1.167   12.539  1.838   1.00 14.50 ? 6   THR A CA  1 
ATOM   39   C C   . THR A 1 6   ? 1.852   13.153  0.625   1.00 15.52 ? 6   THR A C   1 
ATOM   40   O O   . THR A 1 6   ? 2.758   13.982  0.785   1.00 14.40 ? 6   THR A O   1 
ATOM   41   C CB  . THR A 1 6   ? 0.140   13.532  2.465   1.00 16.00 ? 6   THR A CB  1 
ATOM   42   O OG1 . THR A 1 6   ? -0.673  12.818  3.417   1.00 15.78 ? 6   THR A OG1 1 
ATOM   43   C CG2 . THR A 1 6   ? -0.758  14.152  1.396   1.00 15.60 ? 6   THR A CG2 1 
ATOM   44   N N   . ILE A 1 7   ? 1.398   12.761  -0.566  1.00 13.76 ? 7   ILE A N   1 
ATOM   45   C CA  . ILE A 1 7   ? 1.864   13.324  -1.850  1.00 15.10 ? 7   ILE A CA  1 
ATOM   46   C C   . ILE A 1 7   ? 0.827   14.370  -2.266  1.00 15.50 ? 7   ILE A C   1 
ATOM   47   O O   . ILE A 1 7   ? 1.167   15.524  -2.624  1.00 12.93 ? 7   ILE A O   1 
ATOM   48   C CB  . ILE A 1 7   ? 1.992   12.197  -2.920  1.00 15.31 ? 7   ILE A CB  1 
ATOM   49   C CG1 . ILE A 1 7   ? 3.206   11.353  -2.546  1.00 14.53 ? 7   ILE A CG1 1 
ATOM   50   C CG2 . ILE A 1 7   ? 2.076   12.776  -4.348  1.00 15.19 ? 7   ILE A CG2 1 
ATOM   51   C CD1 . ILE A 1 7   ? 3.383   10.063  -3.279  1.00 15.32 ? 7   ILE A CD1 1 
ATOM   52   N N   . SER A 1 8   ? -0.447  13.971  -2.256  1.00 15.70 ? 8   SER A N   1 
ATOM   53   C CA  . SER A 1 8   ? -1.597  14.876  -2.553  1.00 16.43 ? 8   SER A CA  1 
ATOM   54   C C   . SER A 1 8   ? -2.738  14.446  -1.617  1.00 17.54 ? 8   SER A C   1 
ATOM   55   O O   . SER A 1 8   ? -3.063  13.255  -1.515  1.00 17.42 ? 8   SER A O   1 
ATOM   56   C CB  . SER A 1 8   ? -2.038  14.842  -4.021  1.00 16.66 ? 8   SER A CB  1 
ATOM   57   O OG  . SER A 1 8   ? -2.170  13.535  -4.564  1.00 21.58 ? 8   SER A OG  1 
ATOM   58   N N   . PRO A 1 9   ? -3.403  15.423  -0.984  1.00 17.18 ? 9   PRO A N   1 
ATOM   59   C CA  . PRO A 1 9   ? -4.485  15.124  -0.031  1.00 17.96 ? 9   PRO A CA  1 
ATOM   60   C C   . PRO A 1 9   ? -5.780  14.524  -0.540  1.00 17.10 ? 9   PRO A C   1 
ATOM   61   O O   . PRO A 1 9   ? -6.166  14.754  -1.690  1.00 16.95 ? 9   PRO A O   1 
ATOM   62   C CB  . PRO A 1 9   ? -4.706  16.468  0.683   1.00 20.04 ? 9   PRO A CB  1 
ATOM   63   C CG  . PRO A 1 9   ? -4.382  17.495  -0.418  1.00 19.09 ? 9   PRO A CG  1 
ATOM   64   C CD  . PRO A 1 9   ? -3.173  16.884  -1.119  1.00 18.49 ? 9   PRO A CD  1 
ATOM   65   N N   . GLY A 1 10  ? -6.422  13.769  0.348   1.00 17.94 ? 10  GLY A N   1 
ATOM   66   C CA  . GLY A 1 10  ? -7.712  13.129  0.083   1.00 17.65 ? 10  GLY A CA  1 
ATOM   67   C C   . GLY A 1 10  ? -8.778  14.092  0.581   1.00 17.29 ? 10  GLY A C   1 
ATOM   68   O O   . GLY A 1 10  ? -8.474  15.267  0.785   1.00 16.00 ? 10  GLY A O   1 
ATOM   69   N N   . ASP A 1 11  ? -9.997  13.614  0.825   1.00 18.11 ? 11  ASP A N   1 
ATOM   70   C CA  . ASP A 1 11  ? -11.048 14.502  1.277   1.00 19.55 ? 11  ASP A CA  1 
ATOM   71   C C   . ASP A 1 11  ? -10.969 14.698  2.774   1.00 19.40 ? 11  ASP A C   1 
ATOM   72   O O   . ASP A 1 11  ? -11.677 15.526  3.331   1.00 20.67 ? 11  ASP A O   1 
ATOM   73   C CB  . ASP A 1 11  ? -12.440 13.998  0.836   1.00 19.32 ? 11  ASP A CB  1 
ATOM   74   C CG  . ASP A 1 11  ? -12.877 12.725  1.533   1.00 19.55 ? 11  ASP A CG  1 
ATOM   75   O OD1 . ASP A 1 11  ? -13.943 12.201  1.122   1.00 18.56 ? 11  ASP A OD1 1 
ATOM   76   O OD2 . ASP A 1 11  ? -12.184 12.231  2.462   1.00 21.64 ? 11  ASP A OD2 1 
ATOM   77   N N   . GLY A 1 12  ? -10.091 13.954  3.423   1.00 18.69 ? 12  GLY A N   1 
ATOM   78   C CA  . GLY A 1 12  ? -9.945  14.115  4.862   1.00 18.51 ? 12  GLY A CA  1 
ATOM   79   C C   . GLY A 1 12  ? -11.129 13.691  5.709   1.00 18.42 ? 12  GLY A C   1 
ATOM   80   O O   . GLY A 1 12  ? -11.133 13.930  6.918   1.00 18.83 ? 12  GLY A O   1 
ATOM   81   N N   . ARG A 1 13  ? -12.096 12.989  5.112   1.00 15.14 ? 13  ARG A N   1 
ATOM   82   C CA  . ARG A 1 13  ? -13.253 12.585  5.900   1.00 16.96 ? 13  ARG A CA  1 
ATOM   83   C C   . ARG A 1 13  ? -13.732 11.183  5.593   1.00 15.09 ? 13  ARG A C   1 
ATOM   84   O O   . ARG A 1 13  ? -14.376 10.552  6.443   1.00 16.33 ? 13  ARG A O   1 
ATOM   85   C CB  . ARG A 1 13  ? -14.417 13.588  5.684   1.00 14.10 ? 13  ARG A CB  1 
ATOM   86   C CG  . ARG A 1 13  ? -14.634 13.867  4.221   1.00 19.26 ? 13  ARG A CG  1 
ATOM   87   C CD  . ARG A 1 13  ? -15.873 14.760  3.973   1.00 22.00 ? 13  ARG A CD  1 
ATOM   88   N NE  . ARG A 1 13  ? -15.893 15.213  2.583   1.00 24.83 ? 13  ARG A NE  1 
ATOM   89   C CZ  . ARG A 1 13  ? -16.559 14.610  1.609   1.00 25.88 ? 13  ARG A CZ  1 
ATOM   90   N NH1 . ARG A 1 13  ? -16.504 15.090  0.375   1.00 28.83 ? 13  ARG A NH1 1 
ATOM   91   N NH2 . ARG A 1 13  ? -17.315 13.558  1.869   1.00 24.88 ? 13  ARG A NH2 1 
ATOM   92   N N   . THR A 1 14  ? -13.368 10.658  4.424   1.00 15.62 ? 14  THR A N   1 
ATOM   93   C CA  . THR A 1 14  ? -13.850 9.325   4.039   1.00 16.00 ? 14  THR A CA  1 
ATOM   94   C C   . THR A 1 14  ? -12.713 8.311   4.195   1.00 17.14 ? 14  THR A C   1 
ATOM   95   O O   . THR A 1 14  ? -11.847 8.234   3.332   1.00 18.06 ? 14  THR A O   1 
ATOM   96   C CB  . THR A 1 14  ? -14.334 9.336   2.576   1.00 17.20 ? 14  THR A CB  1 
ATOM   97   O OG1 . THR A 1 14  ? -15.300 10.388  2.374   1.00 16.27 ? 14  THR A OG1 1 
ATOM   98   C CG2 . THR A 1 14  ? -14.965 8.037   2.265   1.00 18.46 ? 14  THR A CG2 1 
ATOM   99   N N   . PHE A 1 15  ? -12.734 7.534   5.274   1.00 16.58 ? 15  PHE A N   1 
ATOM   100  C CA  . PHE A 1 15  ? -11.670 6.573   5.560   1.00 18.80 ? 15  PHE A CA  1 
ATOM   101  C C   . PHE A 1 15  ? -12.179 5.146   5.408   1.00 20.24 ? 15  PHE A C   1 
ATOM   102  O O   . PHE A 1 15  ? -13.312 4.840   5.781   1.00 23.05 ? 15  PHE A O   1 
ATOM   103  C CB  . PHE A 1 15  ? -11.159 6.768   6.979   1.00 17.52 ? 15  PHE A CB  1 
ATOM   104  C CG  . PHE A 1 15  ? -10.589 8.137   7.241   1.00 19.68 ? 15  PHE A CG  1 
ATOM   105  C CD1 . PHE A 1 15  ? -9.271  8.439   6.900   1.00 16.14 ? 15  PHE A CD1 1 
ATOM   106  C CD2 . PHE A 1 15  ? -11.387 9.131   7.816   1.00 18.47 ? 15  PHE A CD2 1 
ATOM   107  C CE1 . PHE A 1 15  ? -8.754  9.725   7.132   1.00 19.37 ? 15  PHE A CE1 1 
ATOM   108  C CE2 . PHE A 1 15  ? -10.871 10.413  8.040   1.00 20.15 ? 15  PHE A CE2 1 
ATOM   109  C CZ  . PHE A 1 15  ? -9.546  10.695  7.691   1.00 18.05 ? 15  PHE A CZ  1 
ATOM   110  N N   . PRO A 1 16  ? -11.337 4.248   4.902   1.00 20.62 ? 16  PRO A N   1 
ATOM   111  C CA  . PRO A 1 16  ? -11.806 2.868   4.718   1.00 21.65 ? 16  PRO A CA  1 
ATOM   112  C C   . PRO A 1 16  ? -12.188 2.214   6.025   1.00 20.63 ? 16  PRO A C   1 
ATOM   113  O O   . PRO A 1 16  ? -11.581 2.489   7.054   1.00 20.69 ? 16  PRO A O   1 
ATOM   114  C CB  . PRO A 1 16  ? -10.616 2.166   4.059   1.00 21.11 ? 16  PRO A CB  1 
ATOM   115  C CG  . PRO A 1 16  ? -9.716  3.324   3.538   1.00 23.65 ? 16  PRO A CG  1 
ATOM   116  C CD  . PRO A 1 16  ? -9.889  4.370   4.615   1.00 23.59 ? 16  PRO A CD  1 
ATOM   117  N N   . LYS A 1 17  ? -13.221 1.387   5.982   1.00 19.56 ? 17  LYS A N   1 
ATOM   118  C CA  . LYS A 1 17  ? -13.669 0.630   7.165   1.00 20.92 ? 17  LYS A CA  1 
ATOM   119  C C   . LYS A 1 17  ? -13.426 -0.840  6.855   1.00 19.54 ? 17  LYS A C   1 
ATOM   120  O O   . LYS A 1 17  ? -13.449 -1.266  5.670   1.00 17.70 ? 17  LYS A O   1 
ATOM   121  C CB  . LYS A 1 17  ? -15.163 0.780   7.422   1.00 21.57 ? 17  LYS A CB  1 
ATOM   122  C CG  . LYS A 1 17  ? -15.572 2.047   8.122   1.00 27.27 ? 17  LYS A CG  1 
ATOM   123  C CD  . LYS A 1 17  ? -17.057 2.348   7.883   1.00 30.28 ? 17  LYS A CD  1 
ATOM   124  C CE  . LYS A 1 17  ? -17.916 1.097   7.989   1.00 32.77 ? 17  LYS A CE  1 
ATOM   125  N NZ  . LYS A 1 17  ? -18.185 0.731   9.402   1.00 34.46 ? 17  LYS A NZ  1 
ATOM   126  N N   . ARG A 1 18  ? -13.183 -1.626  7.900   1.00 18.37 ? 18  ARG A N   1 
ATOM   127  C CA  . ARG A 1 18  ? -12.951 -3.020  7.670   1.00 18.71 ? 18  ARG A CA  1 
ATOM   128  C C   . ARG A 1 18  ? -14.197 -3.628  7.009   1.00 19.13 ? 18  ARG A C   1 
ATOM   129  O O   . ARG A 1 18  ? -15.335 -3.336  7.401   1.00 19.42 ? 18  ARG A O   1 
ATOM   130  C CB  . ARG A 1 18  ? -12.617 -3.707  8.978   1.00 19.53 ? 18  ARG A CB  1 
ATOM   131  C CG  . ARG A 1 18  ? -11.234 -3.343  9.537   1.00 19.00 ? 18  ARG A CG  1 
ATOM   132  C CD  . ARG A 1 18  ? -11.165 -3.725  10.980  1.00 19.47 ? 18  ARG A CD  1 
ATOM   133  N NE  . ARG A 1 18  ? -11.488 -5.152  11.220  1.00 17.33 ? 18  ARG A NE  1 
ATOM   134  C CZ  . ARG A 1 18  ? -10.619 -6.167  11.160  1.00 18.67 ? 18  ARG A CZ  1 
ATOM   135  N NH1 . ARG A 1 18  ? -9.338  -5.977  10.856  1.00 16.89 ? 18  ARG A NH1 1 
ATOM   136  N NH2 . ARG A 1 18  ? -11.044 -7.398  11.426  1.00 16.52 ? 18  ARG A NH2 1 
ATOM   137  N N   . GLY A 1 19  ? -13.971 -4.460  5.993   1.00 18.04 ? 19  GLY A N   1 
ATOM   138  C CA  . GLY A 1 19  ? -15.084 -5.070  5.279   1.00 18.40 ? 19  GLY A CA  1 
ATOM   139  C C   . GLY A 1 19  ? -15.319 -4.342  3.969   1.00 18.52 ? 19  GLY A C   1 
ATOM   140  O O   . GLY A 1 19  ? -16.053 -4.838  3.135   1.00 19.42 ? 19  GLY A O   1 
ATOM   141  N N   . GLN A 1 20  ? -14.686 -3.180  3.759   1.00 17.18 ? 20  GLN A N   1 
ATOM   142  C CA  . GLN A 1 20  ? -14.893 -2.466  2.490   1.00 18.10 ? 20  GLN A CA  1 
ATOM   143  C C   . GLN A 1 20  ? -13.772 -2.819  1.521   1.00 18.71 ? 20  GLN A C   1 
ATOM   144  O O   . GLN A 1 20  ? -12.683 -3.220  1.947   1.00 21.39 ? 20  GLN A O   1 
ATOM   145  C CB  . GLN A 1 20  ? -14.874 -0.946  2.703   1.00 18.74 ? 20  GLN A CB  1 
ATOM   146  C CG  . GLN A 1 20  ? -16.176 -0.371  3.188   1.00 23.13 ? 20  GLN A CG  1 
ATOM   147  C CD  . GLN A 1 20  ? -16.142 1.147   3.256   1.00 22.19 ? 20  GLN A CD  1 
ATOM   148  O OE1 . GLN A 1 20  ? -15.276 1.727   3.926   1.00 21.27 ? 20  GLN A OE1 1 
ATOM   149  N NE2 . GLN A 1 20  ? -17.075 1.801   2.551   1.00 23.73 ? 20  GLN A NE2 1 
ATOM   150  N N   . THR A 1 21  ? -14.037 -2.689  0.230   1.00 17.94 ? 21  THR A N   1 
ATOM   151  C CA  . THR A 1 21  ? -13.021 -2.970  -0.789  1.00 17.90 ? 21  THR A CA  1 
ATOM   152  C C   . THR A 1 21  ? -12.365 -1.632  -1.184  1.00 18.84 ? 21  THR A C   1 
ATOM   153  O O   . THR A 1 21  ? -13.057 -0.703  -1.620  1.00 18.23 ? 21  THR A O   1 
ATOM   154  C CB  . THR A 1 21  ? -13.667 -3.601  -2.041  1.00 18.96 ? 21  THR A CB  1 
ATOM   155  O OG1 . THR A 1 21  ? -14.114 -4.942  -1.731  1.00 18.56 ? 21  THR A OG1 1 
ATOM   156  C CG2 . THR A 1 21  ? -12.633 -3.661  -3.198  1.00 20.60 ? 21  THR A CG2 1 
ATOM   157  N N   . CYS A 1 22  ? -11.055 -1.525  -0.964  1.00 17.05 ? 22  CYS A N   1 
ATOM   158  C CA  . CYS A 1 22  ? -10.285 -0.340  -1.287  1.00 18.17 ? 22  CYS A CA  1 
ATOM   159  C C   . CYS A 1 22  ? -9.844  -0.498  -2.724  1.00 19.72 ? 22  CYS A C   1 
ATOM   160  O O   . CYS A 1 22  ? -9.393  -1.563  -3.107  1.00 20.85 ? 22  CYS A O   1 
ATOM   161  C CB  . CYS A 1 22  ? -9.047  -0.293  -0.399  1.00 18.26 ? 22  CYS A CB  1 
ATOM   162  S SG  . CYS A 1 22  ? -9.510  0.001   1.331   1.00 20.09 ? 22  CYS A SG  1 
ATOM   163  N N   . VAL A 1 23  ? -9.983  0.553   -3.519  1.00 19.68 ? 23  VAL A N   1 
ATOM   164  C CA  . VAL A 1 23  ? -9.571  0.525   -4.904  1.00 16.64 ? 23  VAL A CA  1 
ATOM   165  C C   . VAL A 1 23  ? -8.394  1.469   -4.968  1.00 17.05 ? 23  VAL A C   1 
ATOM   166  O O   . VAL A 1 23  ? -8.529  2.647   -4.602  1.00 14.62 ? 23  VAL A O   1 
ATOM   167  C CB  . VAL A 1 23  ? -10.708 1.055   -5.792  1.00 16.86 ? 23  VAL A CB  1 
ATOM   168  C CG1 . VAL A 1 23  ? -10.369 0.870   -7.190  1.00 17.03 ? 23  VAL A CG1 1 
ATOM   169  C CG2 . VAL A 1 23  ? -11.979 0.253   -5.496  1.00 18.11 ? 23  VAL A CG2 1 
ATOM   170  N N   . VAL A 1 24  ? -7.236  0.968   -5.419  1.00 16.93 ? 24  VAL A N   1 
ATOM   171  C CA  . VAL A 1 24  ? -6.057  1.827   -5.470  1.00 16.23 ? 24  VAL A CA  1 
ATOM   172  C C   . VAL A 1 24  ? -5.200  1.662   -6.702  1.00 16.73 ? 24  VAL A C   1 
ATOM   173  O O   . VAL A 1 24  ? -5.400  0.748   -7.498  1.00 16.63 ? 24  VAL A O   1 
ATOM   174  C CB  . VAL A 1 24  ? -5.142  1.544   -4.275  1.00 16.30 ? 24  VAL A CB  1 
ATOM   175  C CG1 . VAL A 1 24  ? -5.933  1.656   -2.962  1.00 13.84 ? 24  VAL A CG1 1 
ATOM   176  C CG2 . VAL A 1 24  ? -4.536  0.110   -4.406  1.00 14.75 ? 24  VAL A CG2 1 
ATOM   177  N N   . HIS A 1 25  ? -4.251  2.583   -6.836  1.00 16.13 ? 25  HIS A N   1 
ATOM   178  C CA  . HIS A 1 25  ? -3.241  2.511   -7.871  1.00 14.61 ? 25  HIS A CA  1 
ATOM   179  C C   . HIS A 1 25  ? -1.979  2.576   -7.049  1.00 14.90 ? 25  HIS A C   1 
ATOM   180  O O   . HIS A 1 25  ? -1.874  3.385   -6.113  1.00 13.44 ? 25  HIS A O   1 
ATOM   181  C CB  . HIS A 1 25  ? -3.281  3.684   -8.842  1.00 17.07 ? 25  HIS A CB  1 
ATOM   182  C CG  . HIS A 1 25  ? -3.794  3.303   -10.197 1.00 16.94 ? 25  HIS A CG  1 
ATOM   183  N ND1 . HIS A 1 25  ? -3.442  2.116   -10.807 1.00 18.34 ? 25  HIS A ND1 1 
ATOM   184  C CD2 . HIS A 1 25  ? -4.621  3.944   -11.055 1.00 18.14 ? 25  HIS A CD2 1 
ATOM   185  C CE1 . HIS A 1 25  ? -4.028  2.049   -11.990 1.00 19.81 ? 25  HIS A CE1 1 
ATOM   186  N NE2 . HIS A 1 25  ? -4.749  3.141   -12.164 1.00 18.84 ? 25  HIS A NE2 1 
ATOM   187  N N   . TYR A 1 26  ? -1.010  1.740   -7.367  1.00 14.55 ? 26  TYR A N   1 
ATOM   188  C CA  . TYR A 1 26  ? 0.237   1.754   -6.582  1.00 15.13 ? 26  TYR A CA  1 
ATOM   189  C C   . TYR A 1 26  ? 1.483   1.420   -7.362  1.00 14.96 ? 26  TYR A C   1 
ATOM   190  O O   . TYR A 1 26  ? 1.395   0.810   -8.430  1.00 13.19 ? 26  TYR A O   1 
ATOM   191  C CB  . TYR A 1 26  ? 0.153   0.719   -5.449  1.00 15.36 ? 26  TYR A CB  1 
ATOM   192  C CG  . TYR A 1 26  ? 0.266   -0.713  -5.917  1.00 14.55 ? 26  TYR A CG  1 
ATOM   193  C CD1 . TYR A 1 26  ? 1.496   -1.378  -5.909  1.00 14.80 ? 26  TYR A CD1 1 
ATOM   194  C CD2 . TYR A 1 26  ? -0.854  -1.419  -6.367  1.00 16.22 ? 26  TYR A CD2 1 
ATOM   195  C CE1 . TYR A 1 26  ? 1.614   -2.735  -6.342  1.00 15.73 ? 26  TYR A CE1 1 
ATOM   196  C CE2 . TYR A 1 26  ? -0.745  -2.756  -6.805  1.00 15.35 ? 26  TYR A CE2 1 
ATOM   197  C CZ  . TYR A 1 26  ? 0.486   -3.399  -6.784  1.00 15.30 ? 26  TYR A CZ  1 
ATOM   198  O OH  . TYR A 1 26  ? 0.588   -4.714  -7.229  1.00 14.27 ? 26  TYR A OH  1 
ATOM   199  N N   . THR A 1 27  ? 2.629   1.849   -6.826  1.00 14.11 ? 27  THR A N   1 
ATOM   200  C CA  . THR A 1 27  ? 3.910   1.440   -7.360  1.00 14.99 ? 27  THR A CA  1 
ATOM   201  C C   . THR A 1 27  ? 4.669   0.950   -6.116  1.00 14.20 ? 27  THR A C   1 
ATOM   202  O O   . THR A 1 27  ? 4.565   1.569   -5.063  1.00 15.50 ? 27  THR A O   1 
ATOM   203  C CB  . THR A 1 27  ? 4.663   2.580   -8.044  1.00 15.06 ? 27  THR A CB  1 
ATOM   204  O OG1 . THR A 1 27  ? 3.923   2.962   -9.208  1.00 20.06 ? 27  THR A OG1 1 
ATOM   205  C CG2 . THR A 1 27  ? 6.042   2.117   -8.515  1.00 18.94 ? 27  THR A CG2 1 
ATOM   206  N N   . GLY A 1 28  ? 5.394   -0.166  -6.232  1.00 14.47 ? 28  GLY A N   1 
ATOM   207  C CA  . GLY A 1 28  ? 6.171   -0.687  -5.093  1.00 14.86 ? 28  GLY A CA  1 
ATOM   208  C C   . GLY A 1 28  ? 7.671   -0.658  -5.410  1.00 16.64 ? 28  GLY A C   1 
ATOM   209  O O   . GLY A 1 28  ? 8.068   -0.958  -6.556  1.00 15.05 ? 28  GLY A O   1 
ATOM   210  N N   . MET A 1 29  ? 8.497   -0.359  -4.395  1.00 15.49 ? 29  MET A N   1 
ATOM   211  C CA  . MET A 1 29  ? 9.953   -0.254  -4.562  1.00 15.73 ? 29  MET A CA  1 
ATOM   212  C C   . MET A 1 29  ? 10.699  -0.816  -3.356  1.00 14.47 ? 29  MET A C   1 
ATOM   213  O O   . MET A 1 29  ? 10.190  -0.750  -2.247  1.00 15.24 ? 29  MET A O   1 
ATOM   214  C CB  . MET A 1 29  ? 10.356  1.222   -4.708  1.00 15.81 ? 29  MET A CB  1 
ATOM   215  C CG  . MET A 1 29  ? 9.659   1.934   -5.854  1.00 19.19 ? 29  MET A CG  1 
ATOM   216  S SD  . MET A 1 29  ? 9.822   3.710   -5.545  1.00 23.16 ? 29  MET A SD  1 
ATOM   217  C CE  . MET A 1 29  ? 8.106   3.989   -4.697  1.00 21.81 ? 29  MET A CE  1 
ATOM   218  N N   . LEU A 1 30  ? 11.868  -1.412  -3.562  1.00 14.81 ? 30  LEU A N   1 
ATOM   219  C CA  . LEU A 1 30  ? 12.640  -1.858  -2.424  1.00 12.49 ? 30  LEU A CA  1 
ATOM   220  C C   . LEU A 1 30  ? 13.469  -0.622  -2.032  1.00 15.30 ? 30  LEU A C   1 
ATOM   221  O O   . LEU A 1 30  ? 13.279  0.460   -2.595  1.00 16.04 ? 30  LEU A O   1 
ATOM   222  C CB  . LEU A 1 30  ? 13.601  -3.001  -2.783  1.00 11.62 ? 30  LEU A CB  1 
ATOM   223  C CG  . LEU A 1 30  ? 12.938  -4.218  -3.425  1.00 9.67  ? 30  LEU A CG  1 
ATOM   224  C CD1 . LEU A 1 30  ? 14.037  -5.150  -3.849  1.00 13.76 ? 30  LEU A CD1 1 
ATOM   225  C CD2 . LEU A 1 30  ? 12.031  -4.946  -2.392  1.00 13.80 ? 30  LEU A CD2 1 
ATOM   226  N N   . GLU A 1 31  ? 14.402  -0.780  -1.091  1.00 15.86 ? 31  GLU A N   1 
ATOM   227  C CA  . GLU A 1 31  ? 15.198  0.356   -0.654  1.00 17.80 ? 31  GLU A CA  1 
ATOM   228  C C   . GLU A 1 31  ? 16.020  1.030   -1.739  1.00 18.09 ? 31  GLU A C   1 
ATOM   229  O O   . GLU A 1 31  ? 16.378  2.205   -1.559  1.00 18.83 ? 31  GLU A O   1 
ATOM   230  C CB  . GLU A 1 31  ? 16.139  -0.016  0.504   1.00 20.98 ? 31  GLU A CB  1 
ATOM   231  C CG  . GLU A 1 31  ? 17.124  -1.156  0.205   1.00 23.66 ? 31  GLU A CG  1 
ATOM   232  C CD  . GLU A 1 31  ? 18.285  -0.882  -0.820  1.00 27.63 ? 31  GLU A CD  1 
ATOM   233  O OE1 . GLU A 1 31  ? 18.950  0.197   -0.863  1.00 23.81 ? 31  GLU A OE1 1 
ATOM   234  O OE2 . GLU A 1 31  ? 18.563  -1.844  -1.588  1.00 28.26 ? 31  GLU A OE2 1 
ATOM   235  N N   . ASP A 1 32  ? 16.337  0.346   -2.839  1.00 15.24 ? 32  ASP A N   1 
ATOM   236  C CA  . ASP A 1 32  ? 17.116  1.011   -3.902  1.00 15.75 ? 32  ASP A CA  1 
ATOM   237  C C   . ASP A 1 32  ? 16.313  2.005   -4.717  1.00 16.63 ? 32  ASP A C   1 
ATOM   238  O O   . ASP A 1 32  ? 16.910  2.788   -5.519  1.00 18.89 ? 32  ASP A O   1 
ATOM   239  C CB  . ASP A 1 32  ? 17.807  0.038   -4.844  1.00 13.35 ? 32  ASP A CB  1 
ATOM   240  C CG  . ASP A 1 32  ? 16.860  -0.945  -5.526  1.00 15.25 ? 32  ASP A CG  1 
ATOM   241  O OD1 . ASP A 1 32  ? 17.385  -1.856  -6.184  1.00 14.46 ? 32  ASP A OD1 1 
ATOM   242  O OD2 . ASP A 1 32  ? 15.630  -0.835  -5.420  1.00 14.82 ? 32  ASP A OD2 1 
ATOM   243  N N   . GLY A 1 33  ? 15.008  2.018   -4.479  1.00 13.84 ? 33  GLY A N   1 
ATOM   244  C CA  . GLY A 1 33  ? 14.093  2.939   -5.163  1.00 16.30 ? 33  GLY A CA  1 
ATOM   245  C C   . GLY A 1 33  ? 13.520  2.433   -6.505  1.00 16.20 ? 33  GLY A C   1 
ATOM   246  O O   . GLY A 1 33  ? 12.662  3.078   -7.168  1.00 15.63 ? 33  GLY A O   1 
ATOM   247  N N   . LYS A 1 34  ? 13.990  1.267   -6.917  1.00 15.07 ? 34  LYS A N   1 
ATOM   248  C CA  . LYS A 1 34  ? 13.598  0.743   -8.214  1.00 15.12 ? 34  LYS A CA  1 
ATOM   249  C C   . LYS A 1 34  ? 12.203  0.181   -8.200  1.00 16.20 ? 34  LYS A C   1 
ATOM   250  O O   . LYS A 1 34  ? 11.842  -0.487  -7.245  1.00 17.56 ? 34  LYS A O   1 
ATOM   251  C CB  . LYS A 1 34  ? 14.613  -0.329  -8.649  1.00 13.63 ? 34  LYS A CB  1 
ATOM   252  C CG  . LYS A 1 34  ? 15.952  0.295   -9.142  1.00 14.63 ? 34  LYS A CG  1 
ATOM   253  C CD  . LYS A 1 34  ? 16.980  -0.794  -9.419  1.00 13.02 ? 34  LYS A CD  1 
ATOM   254  C CE  . LYS A 1 34  ? 16.573  -1.615  -10.668 1.00 18.79 ? 34  LYS A CE  1 
ATOM   255  N NZ  . LYS A 1 34  ? 17.653  -2.608  -11.094 1.00 15.95 ? 34  LYS A NZ  1 
ATOM   256  N N   . LYS A 1 35  ? 11.409  0.465   -9.236  1.00 16.16 ? 35  LYS A N   1 
ATOM   257  C CA  . LYS A 1 35  ? 10.045  -0.038  -9.276  1.00 18.28 ? 35  LYS A CA  1 
ATOM   258  C C   . LYS A 1 35  ? 10.044  -1.553  -9.468  1.00 18.05 ? 35  LYS A C   1 
ATOM   259  O O   . LYS A 1 35  ? 10.681  -2.023  -10.403 1.00 18.53 ? 35  LYS A O   1 
ATOM   260  C CB  . LYS A 1 35  ? 9.316   0.636   -10.439 1.00 21.92 ? 35  LYS A CB  1 
ATOM   261  C CG  . LYS A 1 35  ? 7.836   0.332   -10.558 1.00 27.87 ? 35  LYS A CG  1 
ATOM   262  C CD  . LYS A 1 35  ? 7.212   0.955   -11.847 1.00 31.74 ? 35  LYS A CD  1 
ATOM   263  C CE  . LYS A 1 35  ? 7.520   2.463   -11.956 1.00 33.73 ? 35  LYS A CE  1 
ATOM   264  N NZ  . LYS A 1 35  ? 7.028   3.105   -13.245 1.00 35.61 ? 35  LYS A NZ  1 
ATOM   265  N N   . PHE A 1 36  ? 9.364   -2.328  -8.619  1.00 16.33 ? 36  PHE A N   1 
ATOM   266  C CA  . PHE A 1 36  ? 9.311   -3.769  -8.834  1.00 18.13 ? 36  PHE A CA  1 
ATOM   267  C C   . PHE A 1 36  ? 7.896   -4.202  -9.212  1.00 17.15 ? 36  PHE A C   1 
ATOM   268  O O   . PHE A 1 36  ? 7.695   -5.337  -9.680  1.00 17.49 ? 36  PHE A O   1 
ATOM   269  C CB  . PHE A 1 36  ? 9.835   -4.597  -7.646  1.00 16.26 ? 36  PHE A CB  1 
ATOM   270  C CG  . PHE A 1 36  ? 9.034   -4.476  -6.388  1.00 15.88 ? 36  PHE A CG  1 
ATOM   271  C CD1 . PHE A 1 36  ? 9.544   -3.813  -5.277  1.00 15.63 ? 36  PHE A CD1 1 
ATOM   272  C CD2 . PHE A 1 36  ? 7.768   -5.042  -6.301  1.00 15.81 ? 36  PHE A CD2 1 
ATOM   273  C CE1 . PHE A 1 36  ? 8.813   -3.710  -4.095  1.00 12.58 ? 36  PHE A CE1 1 
ATOM   274  C CE2 . PHE A 1 36  ? 7.033   -4.941  -5.123  1.00 14.41 ? 36  PHE A CE2 1 
ATOM   275  C CZ  . PHE A 1 36  ? 7.566   -4.266  -4.021  1.00 16.96 ? 36  PHE A CZ  1 
ATOM   276  N N   . ASP A 1 37  ? 6.920   -3.325  -8.984  1.00 16.97 ? 37  ASP A N   1 
ATOM   277  C CA  . ASP A 1 37  ? 5.532   -3.594  -9.434  1.00 17.60 ? 37  ASP A CA  1 
ATOM   278  C C   . ASP A 1 37  ? 4.737   -2.305  -9.583  1.00 17.15 ? 37  ASP A C   1 
ATOM   279  O O   . ASP A 1 37  ? 4.965   -1.330  -8.879  1.00 18.96 ? 37  ASP A O   1 
ATOM   280  C CB  . ASP A 1 37  ? 4.761   -4.531  -8.513  1.00 17.63 ? 37  ASP A CB  1 
ATOM   281  C CG  . ASP A 1 37  ? 3.530   -5.117  -9.208  1.00 21.07 ? 37  ASP A CG  1 
ATOM   282  O OD1 . ASP A 1 37  ? 2.560   -5.426  -8.518  1.00 18.17 ? 37  ASP A OD1 1 
ATOM   283  O OD2 . ASP A 1 37  ? 3.555   -5.299  -10.461 1.00 23.71 ? 37  ASP A OD2 1 
ATOM   284  N N   . SER A 1 38  ? 3.790   -2.294  -10.498 1.00 17.77 ? 38  SER A N   1 
ATOM   285  C CA  . SER A 1 38  ? 3.004   -1.088  -10.666 1.00 18.97 ? 38  SER A CA  1 
ATOM   286  C C   . SER A 1 38  ? 1.647   -1.344  -11.316 1.00 19.05 ? 38  SER A C   1 
ATOM   287  O O   . SER A 1 38  ? 1.604   -1.839  -12.448 1.00 20.28 ? 38  SER A O   1 
ATOM   288  C CB  . SER A 1 38  ? 3.769   -0.123  -11.526 1.00 19.37 ? 38  SER A CB  1 
ATOM   289  O OG  . SER A 1 38  ? 2.888   0.915   -11.964 1.00 20.52 ? 38  SER A OG  1 
ATOM   290  N N   . SER A 1 39  ? 0.561   -1.000  -10.625 1.00 18.76 ? 39  SER A N   1 
ATOM   291  C CA  . SER A 1 39  ? -0.790  -1.179  -11.172 1.00 17.89 ? 39  SER A CA  1 
ATOM   292  C C   . SER A 1 39  ? -0.994  -0.120  -12.238 1.00 17.72 ? 39  SER A C   1 
ATOM   293  O O   . SER A 1 39  ? -1.799  -0.279  -13.123 1.00 17.92 ? 39  SER A O   1 
ATOM   294  C CB  . SER A 1 39  ? -1.871  -0.985  -10.104 1.00 18.02 ? 39  SER A CB  1 
ATOM   295  O OG  . SER A 1 39  ? -1.876  0.340   -9.590  1.00 18.02 ? 39  SER A OG  1 
ATOM   296  N N   . ARG A 1 40  ? -0.315  1.005   -12.103 1.00 17.77 ? 40  ARG A N   1 
ATOM   297  C CA  . ARG A 1 40  ? -0.452  2.070   -13.117 1.00 19.36 ? 40  ARG A CA  1 
ATOM   298  C C   . ARG A 1 40  ? 0.031   1.603   -14.522 1.00 20.81 ? 40  ARG A C   1 
ATOM   299  O O   . ARG A 1 40  ? -0.549  1.978   -15.564 1.00 19.80 ? 40  ARG A O   1 
ATOM   300  C CB  . ARG A 1 40  ? 0.362   3.299   -12.703 1.00 19.69 ? 40  ARG A CB  1 
ATOM   301  C CG  . ARG A 1 40  ? -0.216  3.985   -11.486 1.00 16.17 ? 40  ARG A CG  1 
ATOM   302  C CD  . ARG A 1 40  ? 0.319   5.385   -11.276 1.00 19.00 ? 40  ARG A CD  1 
ATOM   303  N NE  . ARG A 1 40  ? -0.157  5.906   -9.990  1.00 18.15 ? 40  ARG A NE  1 
ATOM   304  C CZ  . ARG A 1 40  ? -1.292  6.599   -9.841  1.00 21.74 ? 40  ARG A CZ  1 
ATOM   305  N NH1 . ARG A 1 40  ? -2.049  6.852   -10.912 1.00 21.41 ? 40  ARG A NH1 1 
ATOM   306  N NH2 . ARG A 1 40  ? -1.697  7.034   -8.627  1.00 19.10 ? 40  ARG A NH2 1 
ATOM   307  N N   . ASP A 1 41  ? 1.112   0.826   -14.549 1.00 21.55 ? 41  ASP A N   1 
ATOM   308  C CA  . ASP A 1 41  ? 1.675   0.350   -15.828 1.00 22.84 ? 41  ASP A CA  1 
ATOM   309  C C   . ASP A 1 41  ? 0.747   -0.667  -16.499 1.00 22.75 ? 41  ASP A C   1 
ATOM   310  O O   . ASP A 1 41  ? 0.827   -0.899  -17.719 1.00 23.59 ? 41  ASP A O   1 
ATOM   311  C CB  . ASP A 1 41  ? 3.076   -0.259  -15.600 1.00 22.01 ? 41  ASP A CB  1 
ATOM   312  C CG  . ASP A 1 41  ? 4.140   0.815   -15.366 1.00 21.28 ? 41  ASP A CG  1 
ATOM   313  O OD1 . ASP A 1 41  ? 5.229   0.519   -14.810 1.00 21.73 ? 41  ASP A OD1 1 
ATOM   314  O OD2 . ASP A 1 41  ? 3.888   1.989   -15.765 1.00 23.73 ? 41  ASP A OD2 1 
ATOM   315  N N   . ARG A 1 42  ? -0.124  -1.275  -15.703 1.00 22.58 ? 42  ARG A N   1 
ATOM   316  C CA  . ARG A 1 42  ? -1.097  -2.237  -16.226 1.00 23.14 ? 42  ARG A CA  1 
ATOM   317  C C   . ARG A 1 42  ? -2.401  -1.512  -16.545 1.00 23.22 ? 42  ARG A C   1 
ATOM   318  O O   . ARG A 1 42  ? -3.341  -2.111  -17.059 1.00 22.63 ? 42  ARG A O   1 
ATOM   319  C CB  . ARG A 1 42  ? -1.433  -3.328  -15.190 1.00 24.53 ? 42  ARG A CB  1 
ATOM   320  C CG  . ARG A 1 42  ? -0.293  -4.222  -14.789 1.00 26.19 ? 42  ARG A CG  1 
ATOM   321  C CD  . ARG A 1 42  ? -0.809  -5.359  -13.963 1.00 26.36 ? 42  ARG A CD  1 
ATOM   322  N NE  . ARG A 1 42  ? -0.971  -5.042  -12.540 1.00 26.49 ? 42  ARG A NE  1 
ATOM   323  C CZ  . ARG A 1 42  ? 0.036   -4.978  -11.670 1.00 26.40 ? 42  ARG A CZ  1 
ATOM   324  N NH1 . ARG A 1 42  ? 1.288   -5.191  -12.082 1.00 26.12 ? 42  ARG A NH1 1 
ATOM   325  N NH2 . ARG A 1 42  ? -0.210  -4.766  -10.384 1.00 25.17 ? 42  ARG A NH2 1 
ATOM   326  N N   . ASN A 1 43  ? -2.464  -0.233  -16.210 1.00 23.46 ? 43  ASN A N   1 
ATOM   327  C CA  . ASN A 1 43  ? -3.672  0.550   -16.417 1.00 23.94 ? 43  ASN A CA  1 
ATOM   328  C C   . ASN A 1 43  ? -4.924  -0.114  -15.870 1.00 24.59 ? 43  ASN A C   1 
ATOM   329  O O   . ASN A 1 43  ? -5.982  -0.092  -16.505 1.00 23.24 ? 43  ASN A O   1 
ATOM   330  C CB  . ASN A 1 43  ? -3.847  0.901   -17.893 1.00 26.59 ? 43  ASN A CB  1 
ATOM   331  C CG  . ASN A 1 43  ? -2.907  2.029   -18.320 1.00 26.73 ? 43  ASN A CG  1 
ATOM   332  O OD1 . ASN A 1 43  ? -3.121  3.224   -17.991 1.00 29.62 ? 43  ASN A OD1 1 
ATOM   333  N ND2 . ASN A 1 43  ? -1.858  1.665   -19.032 1.00 28.63 ? 43  ASN A ND2 1 
ATOM   334  N N   . LYS A 1 44  ? -4.795  -0.684  -14.676 1.00 21.00 ? 44  LYS A N   1 
ATOM   335  C CA  . LYS A 1 44  ? -5.900  -1.354  -14.001 1.00 22.13 ? 44  LYS A CA  1 
ATOM   336  C C   . LYS A 1 44  ? -5.725  -1.229  -12.451 1.00 20.72 ? 44  LYS A C   1 
ATOM   337  O O   . LYS A 1 44  ? -4.771  -1.789  -11.857 1.00 18.44 ? 44  LYS A O   1 
ATOM   338  C CB  . LYS A 1 44  ? -5.938  -2.830  -14.429 1.00 22.27 ? 44  LYS A CB  1 
ATOM   339  C CG  . LYS A 1 44  ? -6.871  -3.727  -13.597 1.00 27.74 ? 44  LYS A CG  1 
ATOM   340  C CD  . LYS A 1 44  ? -7.347  -4.996  -14.358 1.00 30.10 ? 44  LYS A CD  1 
ATOM   341  C CE  . LYS A 1 44  ? -8.312  -5.799  -13.499 1.00 31.25 ? 44  LYS A CE  1 
ATOM   342  N NZ  . LYS A 1 44  ? -9.052  -6.852  -14.272 1.00 33.45 ? 44  LYS A NZ  1 
ATOM   343  N N   . PRO A 1 45  ? -6.618  -0.476  -11.786 1.00 19.84 ? 45  PRO A N   1 
ATOM   344  C CA  . PRO A 1 45  ? -6.464  -0.348  -10.324 1.00 19.34 ? 45  PRO A CA  1 
ATOM   345  C C   . PRO A 1 45  ? -6.533  -1.703  -9.649  1.00 17.89 ? 45  PRO A C   1 
ATOM   346  O O   . PRO A 1 45  ? -7.199  -2.611  -10.148 1.00 16.84 ? 45  PRO A O   1 
ATOM   347  C CB  . PRO A 1 45  ? -7.642  0.536   -9.914  1.00 19.87 ? 45  PRO A CB  1 
ATOM   348  C CG  . PRO A 1 45  ? -7.849  1.362   -11.133 1.00 21.49 ? 45  PRO A CG  1 
ATOM   349  C CD  . PRO A 1 45  ? -7.706  0.387   -12.276 1.00 20.28 ? 45  PRO A CD  1 
ATOM   350  N N   . PHE A 1 46  ? -5.833  -1.817  -8.534  1.00 16.16 ? 46  PHE A N   1 
ATOM   351  C CA  . PHE A 1 46  ? -5.793  -3.019  -7.724  1.00 18.11 ? 46  PHE A CA  1 
ATOM   352  C C   . PHE A 1 46  ? -6.857  -2.897  -6.643  1.00 17.75 ? 46  PHE A C   1 
ATOM   353  O O   . PHE A 1 46  ? -7.065  -1.817  -6.076  1.00 18.22 ? 46  PHE A O   1 
ATOM   354  C CB  . PHE A 1 46  ? -4.396  -3.145  -7.093  1.00 18.74 ? 46  PHE A CB  1 
ATOM   355  C CG  . PHE A 1 46  ? -4.296  -4.191  -6.045  1.00 18.68 ? 46  PHE A CG  1 
ATOM   356  C CD1 . PHE A 1 46  ? -3.891  -3.851  -4.770  1.00 17.59 ? 46  PHE A CD1 1 
ATOM   357  C CD2 . PHE A 1 46  ? -4.647  -5.518  -6.320  1.00 20.14 ? 46  PHE A CD2 1 
ATOM   358  C CE1 . PHE A 1 46  ? -3.827  -4.820  -3.752  1.00 19.97 ? 46  PHE A CE1 1 
ATOM   359  C CE2 . PHE A 1 46  ? -4.592  -6.518  -5.307  1.00 20.25 ? 46  PHE A CE2 1 
ATOM   360  C CZ  . PHE A 1 46  ? -4.179  -6.166  -4.030  1.00 20.50 ? 46  PHE A CZ  1 
ATOM   361  N N   . LYS A 1 47  ? -7.530  -3.994  -6.329  1.00 17.67 ? 47  LYS A N   1 
ATOM   362  C CA  . LYS A 1 47  ? -8.532  -3.948  -5.273  1.00 18.14 ? 47  LYS A CA  1 
ATOM   363  C C   . LYS A 1 47  ? -8.284  -4.936  -4.152  1.00 17.63 ? 47  LYS A C   1 
ATOM   364  O O   . LYS A 1 47  ? -7.844  -6.028  -4.415  1.00 19.52 ? 47  LYS A O   1 
ATOM   365  C CB  . LYS A 1 47  ? -9.910  -4.258  -5.848  1.00 17.66 ? 47  LYS A CB  1 
ATOM   366  C CG  . LYS A 1 47  ? -10.256 -3.367  -7.012  1.00 19.38 ? 47  LYS A CG  1 
ATOM   367  C CD  . LYS A 1 47  ? -11.689 -3.605  -7.491  1.00 19.14 ? 47  LYS A CD  1 
ATOM   368  C CE  . LYS A 1 47  ? -12.001 -2.828  -8.772  1.00 19.54 ? 47  LYS A CE  1 
ATOM   369  N NZ  . LYS A 1 47  ? -13.533 -2.849  -8.962  1.00 20.06 ? 47  LYS A NZ  1 
ATOM   370  N N   . PHE A 1 48  ? -8.582  -4.549  -2.920  1.00 18.05 ? 48  PHE A N   1 
ATOM   371  C CA  . PHE A 1 48  ? -8.457  -5.486  -1.785  1.00 16.34 ? 48  PHE A CA  1 
ATOM   372  C C   . PHE A 1 48  ? -9.457  -5.131  -0.681  1.00 17.67 ? 48  PHE A C   1 
ATOM   373  O O   . PHE A 1 48  ? -9.855  -3.957  -0.552  1.00 15.75 ? 48  PHE A O   1 
ATOM   374  C CB  . PHE A 1 48  ? -7.012  -5.497  -1.271  1.00 14.59 ? 48  PHE A CB  1 
ATOM   375  C CG  . PHE A 1 48  ? -6.656  -4.308  -0.446  1.00 14.43 ? 48  PHE A CG  1 
ATOM   376  C CD1 . PHE A 1 48  ? -6.824  -4.323  0.939   1.00 13.00 ? 48  PHE A CD1 1 
ATOM   377  C CD2 . PHE A 1 48  ? -6.155  -3.157  -1.063  1.00 14.63 ? 48  PHE A CD2 1 
ATOM   378  C CE1 . PHE A 1 48  ? -6.479  -3.175  1.693   1.00 14.20 ? 48  PHE A CE1 1 
ATOM   379  C CE2 . PHE A 1 48  ? -5.829  -2.034  -0.338  1.00 15.64 ? 48  PHE A CE2 1 
ATOM   380  C CZ  . PHE A 1 48  ? -5.987  -2.033  1.034   1.00 14.57 ? 48  PHE A CZ  1 
ATOM   381  N N   . MET A 1 49  ? -9.937  -6.143  0.061   1.00 17.14 ? 49  MET A N   1 
ATOM   382  C CA  . MET A 1 49  ? -10.879 -5.877  1.166   1.00 18.06 ? 49  MET A CA  1 
ATOM   383  C C   . MET A 1 49  ? -10.120 -5.672  2.497   1.00 17.28 ? 49  MET A C   1 
ATOM   384  O O   . MET A 1 49  ? -9.429  -6.568  2.960   1.00 17.00 ? 49  MET A O   1 
ATOM   385  C CB  . MET A 1 49  ? -11.855 -7.039  1.343   1.00 18.33 ? 49  MET A CB  1 
ATOM   386  C CG  . MET A 1 49  ? -12.822 -6.802  2.489   1.00 19.50 ? 49  MET A CG  1 
ATOM   387  S SD  . MET A 1 49  ? -14.033 -8.202  2.563   1.00 23.11 ? 49  MET A SD  1 
ATOM   388  C CE  . MET A 1 49  ? -14.733 -8.093  1.031   1.00 22.51 ? 49  MET A CE  1 
ATOM   389  N N   . LEU A 1 50  ? -10.247 -4.500  3.103   1.00 19.41 ? 50  LEU A N   1 
ATOM   390  C CA  . LEU A 1 50  ? -9.567  -4.194  4.347   1.00 19.43 ? 50  LEU A CA  1 
ATOM   391  C C   . LEU A 1 50  ? -10.068 -5.122  5.418   1.00 21.83 ? 50  LEU A C   1 
ATOM   392  O O   . LEU A 1 50  ? -11.298 -5.218  5.608   1.00 22.35 ? 50  LEU A O   1 
ATOM   393  C CB  . LEU A 1 50  ? -9.903  -2.767  4.776   1.00 21.83 ? 50  LEU A CB  1 
ATOM   394  C CG  . LEU A 1 50  ? -8.830  -1.852  5.373   1.00 27.45 ? 50  LEU A CG  1 
ATOM   395  C CD1 . LEU A 1 50  ? -9.548  -0.827  6.289   1.00 25.87 ? 50  LEU A CD1 1 
ATOM   396  C CD2 . LEU A 1 50  ? -7.770  -2.645  6.150   1.00 25.86 ? 50  LEU A CD2 1 
ATOM   397  N N   . GLY A 1 51  ? -9.138  -5.785  6.108   1.00 21.01 ? 51  GLY A N   1 
ATOM   398  C CA  . GLY A 1 51  ? -9.494  -6.676  7.205   1.00 24.20 ? 51  GLY A CA  1 
ATOM   399  C C   . GLY A 1 51  ? -9.452  -8.175  6.940   1.00 23.14 ? 51  GLY A C   1 
ATOM   400  O O   . GLY A 1 51  ? -9.497  -8.987  7.885   1.00 22.59 ? 51  GLY A O   1 
ATOM   401  N N   . LYS A 1 52  ? -9.378  -8.521  5.655   1.00 22.80 ? 52  LYS A N   1 
ATOM   402  C CA  . LYS A 1 52  ? -9.352  -9.904  5.174   1.00 23.46 ? 52  LYS A CA  1 
ATOM   403  C C   . LYS A 1 52  ? -7.920  -10.399 5.220   1.00 22.42 ? 52  LYS A C   1 
ATOM   404  O O   . LYS A 1 52  ? -7.647  -11.562 4.949   1.00 23.49 ? 52  LYS A O   1 
ATOM   405  C CB  . LYS A 1 52  ? -9.905  -9.928  3.721   1.00 25.10 ? 52  LYS A CB  1 
ATOM   406  C CG  . LYS A 1 52  ? -10.120 -11.291 3.040   1.00 29.10 ? 52  LYS A CG  1 
ATOM   407  C CD  . LYS A 1 52  ? -11.518 -11.363 2.393   1.00 31.75 ? 52  LYS A CD  1 
ATOM   408  C CE  . LYS A 1 52  ? -11.469 -12.151 1.068   1.00 33.82 ? 52  LYS A CE  1 
ATOM   409  N NZ  . LYS A 1 52  ? -12.804 -12.313 0.400   1.00 34.27 ? 52  LYS A NZ  1 
ATOM   410  N N   . GLN A 1 53  ? -7.009  -9.510  5.594   1.00 20.65 ? 53  GLN A N   1 
ATOM   411  C CA  . GLN A 1 53  ? -5.587  -9.835  5.654   1.00 20.53 ? 53  GLN A CA  1 
ATOM   412  C C   . GLN A 1 53  ? -5.109  -10.391 4.278   1.00 21.41 ? 53  GLN A C   1 
ATOM   413  O O   . GLN A 1 53  ? -4.321  -11.356 4.226   1.00 21.84 ? 53  GLN A O   1 
ATOM   414  C CB  . GLN A 1 53  ? -5.287  -10.846 6.810   1.00 22.60 ? 53  GLN A CB  1 
ATOM   415  C CG  . GLN A 1 53  ? -5.329  -10.248 8.248   1.00 21.98 ? 53  GLN A CG  1 
ATOM   416  C CD  . GLN A 1 53  ? -6.297  -10.979 9.211   1.00 24.58 ? 53  GLN A CD  1 
ATOM   417  O OE1 . GLN A 1 53  ? -7.133  -10.343 9.855   1.00 27.61 ? 53  GLN A OE1 1 
ATOM   418  N NE2 . GLN A 1 53  ? -6.191  -12.302 9.295   1.00 21.99 ? 53  GLN A NE2 1 
ATOM   419  N N   . GLU A 1 54  ? -5.574  -9.801  3.168   1.00 17.48 ? 54  GLU A N   1 
ATOM   420  C CA  . GLU A 1 54  ? -5.094  -10.265 1.859   1.00 18.00 ? 54  GLU A CA  1 
ATOM   421  C C   . GLU A 1 54  ? -4.008  -9.356  1.298   1.00 16.52 ? 54  GLU A C   1 
ATOM   422  O O   . GLU A 1 54  ? -3.594  -9.503  0.149   1.00 17.16 ? 54  GLU A O   1 
ATOM   423  C CB  . GLU A 1 54  ? -6.218  -10.462 0.829   1.00 21.58 ? 54  GLU A CB  1 
ATOM   424  C CG  . GLU A 1 54  ? -7.081  -9.262  0.600   1.00 23.55 ? 54  GLU A CG  1 
ATOM   425  C CD  . GLU A 1 54  ? -8.253  -9.557  -0.332  1.00 24.69 ? 54  GLU A CD  1 
ATOM   426  O OE1 . GLU A 1 54  ? -8.530  -10.745 -0.658  1.00 23.11 ? 54  GLU A OE1 1 
ATOM   427  O OE2 . GLU A 1 54  ? -8.905  -8.574  -0.739  1.00 22.63 ? 54  GLU A OE2 1 
ATOM   428  N N   . VAL A 1 55  ? -3.543  -8.429  2.132   1.00 15.23 ? 55  VAL A N   1 
ATOM   429  C CA  . VAL A 1 55  ? -2.398  -7.583  1.812   1.00 14.57 ? 55  VAL A CA  1 
ATOM   430  C C   . VAL A 1 55  ? -1.557  -7.530  3.087   1.00 14.92 ? 55  VAL A C   1 
ATOM   431  O O   . VAL A 1 55  ? -2.036  -7.846  4.184   1.00 14.77 ? 55  VAL A O   1 
ATOM   432  C CB  . VAL A 1 55  ? -2.764  -6.150  1.360   1.00 13.74 ? 55  VAL A CB  1 
ATOM   433  C CG1 . VAL A 1 55  ? -3.539  -6.216  0.104   1.00 14.52 ? 55  VAL A CG1 1 
ATOM   434  C CG2 . VAL A 1 55  ? -3.534  -5.385  2.428   1.00 15.68 ? 55  VAL A CG2 1 
ATOM   435  N N   . ILE A 1 56  ? -0.295  -7.133  2.968   1.00 14.22 ? 56  ILE A N   1 
ATOM   436  C CA  . ILE A 1 56  ? 0.576   -7.092  4.146   1.00 12.91 ? 56  ILE A CA  1 
ATOM   437  C C   . ILE A 1 56  ? 0.102   -6.109  5.195   1.00 13.20 ? 56  ILE A C   1 
ATOM   438  O O   . ILE A 1 56  ? -0.706  -5.238  4.916   1.00 13.03 ? 56  ILE A O   1 
ATOM   439  C CB  . ILE A 1 56  ? 1.998   -6.749  3.724   1.00 14.46 ? 56  ILE A CB  1 
ATOM   440  C CG1 . ILE A 1 56  ? 2.007   -5.518  2.796   1.00 14.36 ? 56  ILE A CG1 1 
ATOM   441  C CG2 . ILE A 1 56  ? 2.536   -7.920  2.932   1.00 15.85 ? 56  ILE A CG2 1 
ATOM   442  C CD1 . ILE A 1 56  ? 3.485   -4.911  2.540   1.00 11.58 ? 56  ILE A CD1 1 
ATOM   443  N N   . ARG A 1 57  ? 0.571   -6.290  6.433   1.00 13.52 ? 57  ARG A N   1 
ATOM   444  C CA  . ARG A 1 57  ? 0.141   -5.450  7.536   1.00 11.97 ? 57  ARG A CA  1 
ATOM   445  C C   . ARG A 1 57  ? 0.352   -3.967  7.255   1.00 13.91 ? 57  ARG A C   1 
ATOM   446  O O   . ARG A 1 57  ? -0.502  -3.138  7.591   1.00 14.63 ? 57  ARG A O   1 
ATOM   447  C CB  . ARG A 1 57  ? 0.909   -5.813  8.809   1.00 14.57 ? 57  ARG A CB  1 
ATOM   448  C CG  . ARG A 1 57  ? 0.341   -5.102  10.041  1.00 13.88 ? 57  ARG A CG  1 
ATOM   449  C CD  . ARG A 1 57  ? 1.138   -5.524  11.278  1.00 12.29 ? 57  ARG A CD  1 
ATOM   450  N NE  . ARG A 1 57  ? 0.593   -4.881  12.484  1.00 12.76 ? 57  ARG A NE  1 
ATOM   451  C CZ  . ARG A 1 57  ? 1.059   -5.082  13.708  1.00 16.88 ? 57  ARG A CZ  1 
ATOM   452  N NH1 . ARG A 1 57  ? 2.075   -5.913  13.887  1.00 18.17 ? 57  ARG A NH1 1 
ATOM   453  N NH2 . ARG A 1 57  ? 0.500   -4.446  14.764  1.00 16.49 ? 57  ARG A NH2 1 
ATOM   454  N N   . GLY A 1 58  ? 1.500   -3.614  6.675   1.00 14.29 ? 58  GLY A N   1 
ATOM   455  C CA  . GLY A 1 58  ? 1.750   -2.210  6.366   1.00 14.05 ? 58  GLY A CA  1 
ATOM   456  C C   . GLY A 1 58  ? 0.676   -1.596  5.479   1.00 14.09 ? 58  GLY A C   1 
ATOM   457  O O   . GLY A 1 58  ? 0.337   -0.420  5.606   1.00 13.04 ? 58  GLY A O   1 
ATOM   458  N N   . TRP A 1 59  ? 0.145   -2.391  4.562   1.00 13.27 ? 59  TRP A N   1 
ATOM   459  C CA  . TRP A 1 59  ? -0.903  -1.887  3.675   1.00 15.21 ? 59  TRP A CA  1 
ATOM   460  C C   . TRP A 1 59  ? -2.248  -1.791  4.407   1.00 14.83 ? 59  TRP A C   1 
ATOM   461  O O   . TRP A 1 59  ? -3.006  -0.832  4.207   1.00 15.14 ? 59  TRP A O   1 
ATOM   462  C CB  . TRP A 1 59  ? -1.087  -2.794  2.451   1.00 14.31 ? 59  TRP A CB  1 
ATOM   463  C CG  . TRP A 1 59  ? -0.377  -2.367  1.195   1.00 14.31 ? 59  TRP A CG  1 
ATOM   464  C CD1 . TRP A 1 59  ? 0.973   -2.188  1.041   1.00 13.77 ? 59  TRP A CD1 1 
ATOM   465  C CD2 . TRP A 1 59  ? -0.969  -2.083  -0.091  1.00 13.84 ? 59  TRP A CD2 1 
ATOM   466  N NE1 . TRP A 1 59  ? 1.251   -1.818  -0.256  1.00 12.03 ? 59  TRP A NE1 1 
ATOM   467  C CE2 . TRP A 1 59  ? 0.085   -1.743  -0.970  1.00 13.93 ? 59  TRP A CE2 1 
ATOM   468  C CE3 . TRP A 1 59  ? -2.285  -2.092  -0.581  1.00 14.71 ? 59  TRP A CE3 1 
ATOM   469  C CZ2 . TRP A 1 59  ? -0.123  -1.404  -2.328  1.00 14.65 ? 59  TRP A CZ2 1 
ATOM   470  C CZ3 . TRP A 1 59  ? -2.506  -1.747  -1.965  1.00 15.75 ? 59  TRP A CZ3 1 
ATOM   471  C CH2 . TRP A 1 59  ? -1.424  -1.411  -2.812  1.00 14.74 ? 59  TRP A CH2 1 
ATOM   472  N N   . GLU A 1 60  ? -2.588  -2.779  5.234   1.00 14.99 ? 60  GLU A N   1 
ATOM   473  C CA  . GLU A 1 60  ? -3.873  -2.685  5.904   1.00 16.39 ? 60  GLU A CA  1 
ATOM   474  C C   . GLU A 1 60  ? -3.915  -1.478  6.806   1.00 16.32 ? 60  GLU A C   1 
ATOM   475  O O   . GLU A 1 60  ? -4.875  -0.681  6.813   1.00 16.03 ? 60  GLU A O   1 
ATOM   476  C CB  . GLU A 1 60  ? -4.147  -3.950  6.714   1.00 16.62 ? 60  GLU A CB  1 
ATOM   477  C CG  . GLU A 1 60  ? -4.686  -5.027  5.819   1.00 19.99 ? 60  GLU A CG  1 
ATOM   478  C CD  . GLU A 1 60  ? -5.625  -5.894  6.532   1.00 19.10 ? 60  GLU A CD  1 
ATOM   479  O OE1 . GLU A 1 60  ? -6.576  -6.338  5.887   1.00 23.92 ? 60  GLU A OE1 1 
ATOM   480  O OE2 . GLU A 1 60  ? -5.397  -6.112  7.749   1.00 23.31 ? 60  GLU A OE2 1 
ATOM   481  N N   . GLU A 1 61  ? -2.824  -1.287  7.521   1.00 15.41 ? 61  GLU A N   1 
ATOM   482  C CA  . GLU A 1 61  ? -2.784  -0.168  8.453   1.00 14.46 ? 61  GLU A CA  1 
ATOM   483  C C   . GLU A 1 61  ? -2.527  1.169   7.770   1.00 16.55 ? 61  GLU A C   1 
ATOM   484  O O   . GLU A 1 61  ? -3.037  2.215   8.207   1.00 15.09 ? 61  GLU A O   1 
ATOM   485  C CB  . GLU A 1 61  ? -1.717  -0.434  9.504   1.00 16.51 ? 61  GLU A CB  1 
ATOM   486  C CG  . GLU A 1 61  ? -2.128  -1.636  10.377  1.00 17.60 ? 61  GLU A CG  1 
ATOM   487  C CD  . GLU A 1 61  ? -1.385  -1.706  11.687  1.00 19.77 ? 61  GLU A CD  1 
ATOM   488  O OE1 . GLU A 1 61  ? -0.806  -0.665  12.120  1.00 17.62 ? 61  GLU A OE1 1 
ATOM   489  O OE2 . GLU A 1 61  ? -1.400  -2.803  12.274  1.00 16.93 ? 61  GLU A OE2 1 
ATOM   490  N N   . GLY A 1 62  ? -1.758  1.152   6.692   1.00 14.41 ? 62  GLY A N   1 
ATOM   491  C CA  . GLY A 1 62  ? -1.443  2.424   6.055   1.00 14.79 ? 62  GLY A CA  1 
ATOM   492  C C   . GLY A 1 62  ? -2.603  2.983   5.249   1.00 13.72 ? 62  GLY A C   1 
ATOM   493  O O   . GLY A 1 62  ? -2.961  4.170   5.344   1.00 14.42 ? 62  GLY A O   1 
ATOM   494  N N   . VAL A 1 63  ? -3.223  2.122   4.446   1.00 14.70 ? 63  VAL A N   1 
ATOM   495  C CA  . VAL A 1 63  ? -4.353  2.583   3.652   1.00 15.42 ? 63  VAL A CA  1 
ATOM   496  C C   . VAL A 1 63  ? -5.520  2.963   4.584   1.00 16.71 ? 63  VAL A C   1 
ATOM   497  O O   . VAL A 1 63  ? -6.279  3.909   4.299   1.00 17.60 ? 63  VAL A O   1 
ATOM   498  C CB  . VAL A 1 63  ? -4.805  1.494   2.614   1.00 13.43 ? 63  VAL A CB  1 
ATOM   499  C CG1 . VAL A 1 63  ? -6.028  1.988   1.810   1.00 14.92 ? 63  VAL A CG1 1 
ATOM   500  C CG2 . VAL A 1 63  ? -3.695  1.238   1.589   1.00 13.40 ? 63  VAL A CG2 1 
ATOM   501  N N   . ALA A 1 64  ? -5.671  2.246   5.699   1.00 17.72 ? 64  ALA A N   1 
ATOM   502  C CA  . ALA A 1 64  ? -6.773  2.551   6.642   1.00 18.28 ? 64  ALA A CA  1 
ATOM   503  C C   . ALA A 1 64  ? -6.704  3.991   7.146   1.00 18.82 ? 64  ALA A C   1 
ATOM   504  O O   . ALA A 1 64  ? -7.703  4.590   7.528   1.00 18.74 ? 64  ALA A O   1 
ATOM   505  C CB  . ALA A 1 64  ? -6.749  1.595   7.824   1.00 19.63 ? 64  ALA A CB  1 
ATOM   506  N N   . GLN A 1 65  ? -5.505  4.550   7.185   1.00 17.67 ? 65  GLN A N   1 
ATOM   507  C CA  . GLN A 1 65  ? -5.342  5.944   7.625   1.00 18.39 ? 65  GLN A CA  1 
ATOM   508  C C   . GLN A 1 65  ? -5.555  6.984   6.520   1.00 18.08 ? 65  GLN A C   1 
ATOM   509  O O   . GLN A 1 65  ? -5.536  8.184   6.808   1.00 18.94 ? 65  GLN A O   1 
ATOM   510  C CB  . GLN A 1 65  ? -3.917  6.170   8.142   1.00 18.77 ? 65  GLN A CB  1 
ATOM   511  C CG  . GLN A 1 65  ? -3.561  5.449   9.362   1.00 20.05 ? 65  GLN A CG  1 
ATOM   512  C CD  . GLN A 1 65  ? -2.054  5.541   9.602   1.00 22.22 ? 65  GLN A CD  1 
ATOM   513  O OE1 . GLN A 1 65  ? -1.426  6.614   9.433   1.00 22.50 ? 65  GLN A OE1 1 
ATOM   514  N NE2 . GLN A 1 65  ? -1.469  4.429   9.985   1.00 21.25 ? 65  GLN A NE2 1 
ATOM   515  N N   . MET A 1 66  ? -5.695  6.547   5.269   1.00 15.78 ? 66  MET A N   1 
ATOM   516  C CA  . MET A 1 66  ? -5.852  7.496   4.170   1.00 14.26 ? 66  MET A CA  1 
ATOM   517  C C   . MET A 1 66  ? -7.297  7.774   3.903   1.00 15.44 ? 66  MET A C   1 
ATOM   518  O O   . MET A 1 66  ? -8.149  6.969   4.248   1.00 15.87 ? 66  MET A O   1 
ATOM   519  C CB  . MET A 1 66  ? -5.221  6.963   2.878   1.00 12.31 ? 66  MET A CB  1 
ATOM   520  C CG  . MET A 1 66  ? -3.745  6.588   3.029   1.00 12.76 ? 66  MET A CG  1 
ATOM   521  S SD  . MET A 1 66  ? -3.009  5.741   1.583   1.00 15.08 ? 66  MET A SD  1 
ATOM   522  C CE  . MET A 1 66  ? -3.283  7.001   0.248   1.00 15.99 ? 66  MET A CE  1 
ATOM   523  N N   . SER A 1 67  ? -7.565  8.927   3.320   1.00 13.82 ? 67  SER A N   1 
ATOM   524  C CA  . SER A 1 67  ? -8.928  9.285   2.941   1.00 14.03 ? 67  SER A CA  1 
ATOM   525  C C   . SER A 1 67  ? -9.057  9.187   1.427   1.00 14.81 ? 67  SER A C   1 
ATOM   526  O O   . SER A 1 67  ? -8.051  9.274   0.713   1.00 15.09 ? 67  SER A O   1 
ATOM   527  C CB  . SER A 1 67  ? -9.263  10.702  3.396   1.00 15.21 ? 67  SER A CB  1 
ATOM   528  O OG  . SER A 1 67  ? -8.303  11.660  2.951   1.00 17.80 ? 67  SER A OG  1 
ATOM   529  N N   . VAL A 1 68  ? -10.291 8.999   0.935   1.00 14.80 ? 68  VAL A N   1 
ATOM   530  C CA  . VAL A 1 68  ? -10.501 8.852   -0.490  1.00 16.19 ? 68  VAL A CA  1 
ATOM   531  C C   . VAL A 1 68  ? -9.923  10.061  -1.191  1.00 15.64 ? 68  VAL A C   1 
ATOM   532  O O   . VAL A 1 68  ? -10.159 11.216  -0.806  1.00 18.99 ? 68  VAL A O   1 
ATOM   533  C CB  . VAL A 1 68  ? -12.006 8.671   -0.844  1.00 15.97 ? 68  VAL A CB  1 
ATOM   534  C CG1 . VAL A 1 68  ? -12.215 8.623   -2.374  1.00 12.99 ? 68  VAL A CG1 1 
ATOM   535  C CG2 . VAL A 1 68  ? -12.498 7.416   -0.260  1.00 16.93 ? 68  VAL A CG2 1 
ATOM   536  N N   . GLY A 1 69  ? -9.132  9.787   -2.202  1.00 15.90 ? 69  GLY A N   1 
ATOM   537  C CA  . GLY A 1 69  ? -8.527  10.859  -2.974  1.00 15.38 ? 69  GLY A CA  1 
ATOM   538  C C   . GLY A 1 69  ? -7.073  11.101  -2.618  1.00 16.13 ? 69  GLY A C   1 
ATOM   539  O O   . GLY A 1 69  ? -6.311  11.724  -3.380  1.00 16.01 ? 69  GLY A O   1 
ATOM   540  N N   . GLN A 1 70  ? -6.678  10.564  -1.467  1.00 13.74 ? 70  GLN A N   1 
ATOM   541  C CA  . GLN A 1 70  ? -5.302  10.750  -1.000  1.00 14.21 ? 70  GLN A CA  1 
ATOM   542  C C   . GLN A 1 70  ? -4.283  9.936   -1.782  1.00 14.55 ? 70  GLN A C   1 
ATOM   543  O O   . GLN A 1 70  ? -4.531  8.777   -2.203  1.00 11.68 ? 70  GLN A O   1 
ATOM   544  C CB  . GLN A 1 70  ? -5.203  10.375  0.484   1.00 15.64 ? 70  GLN A CB  1 
ATOM   545  C CG  . GLN A 1 70  ? -3.972  10.953  1.183   1.00 16.08 ? 70  GLN A CG  1 
ATOM   546  C CD  . GLN A 1 70  ? -3.983  10.637  2.648   1.00 17.69 ? 70  GLN A CD  1 
ATOM   547  O OE1 . GLN A 1 70  ? -5.003  10.227  3.187   1.00 15.55 ? 70  GLN A OE1 1 
ATOM   548  N NE2 . GLN A 1 70  ? -2.849  10.873  3.324   1.00 16.81 ? 70  GLN A NE2 1 
ATOM   549  N N   . ARG A 1 71  ? -3.123  10.548  -2.009  1.00 13.65 ? 71  ARG A N   1 
ATOM   550  C CA  . ARG A 1 71  ? -2.037  9.816   -2.637  1.00 14.37 ? 71  ARG A CA  1 
ATOM   551  C C   . ARG A 1 71  ? -0.927  9.986   -1.614  1.00 14.67 ? 71  ARG A C   1 
ATOM   552  O O   . ARG A 1 71  ? -0.685  11.100  -1.170  1.00 14.00 ? 71  ARG A O   1 
ATOM   553  C CB  . ARG A 1 71  ? -1.594  10.419  -3.972  1.00 15.61 ? 71  ARG A CB  1 
ATOM   554  C CG  . ARG A 1 71  ? -0.559  9.519   -4.694  1.00 14.45 ? 71  ARG A CG  1 
ATOM   555  C CD  . ARG A 1 71  ? -0.319  9.986   -6.135  1.00 18.95 ? 71  ARG A CD  1 
ATOM   556  N NE  . ARG A 1 71  ? 0.610   9.106   -6.808  1.00 18.83 ? 71  ARG A NE  1 
ATOM   557  C CZ  . ARG A 1 71  ? 0.762   9.016   -8.133  1.00 20.25 ? 71  ARG A CZ  1 
ATOM   558  N NH1 . ARG A 1 71  ? 0.027   9.760   -8.972  1.00 21.86 ? 71  ARG A NH1 1 
ATOM   559  N NH2 . ARG A 1 71  ? 1.652   8.173   -8.623  1.00 21.12 ? 71  ARG A NH2 1 
ATOM   560  N N   . ALA A 1 72  ? -0.302  8.890   -1.201  1.00 13.31 ? 72  ALA A N   1 
ATOM   561  C CA  . ALA A 1 72  ? 0.786   8.988   -0.222  1.00 14.49 ? 72  ALA A CA  1 
ATOM   562  C C   . ALA A 1 72  ? 1.923   7.981   -0.427  1.00 15.18 ? 72  ALA A C   1 
ATOM   563  O O   . ALA A 1 72  ? 1.734   6.929   -1.046  1.00 15.30 ? 72  ALA A O   1 
ATOM   564  C CB  . ALA A 1 72  ? 0.206   8.774   1.197   1.00 15.48 ? 72  ALA A CB  1 
ATOM   565  N N   . LYS A 1 73  ? 3.090   8.289   0.135   1.00 13.55 ? 73  LYS A N   1 
ATOM   566  C CA  . LYS A 1 73  ? 4.192   7.346   0.130   1.00 13.86 ? 73  LYS A CA  1 
ATOM   567  C C   . LYS A 1 73  ? 4.057   6.528   1.420   1.00 14.32 ? 73  LYS A C   1 
ATOM   568  O O   . LYS A 1 73  ? 4.046   7.111   2.514   1.00 14.24 ? 73  LYS A O   1 
ATOM   569  C CB  . LYS A 1 73  ? 5.538   8.078   0.179   1.00 14.29 ? 73  LYS A CB  1 
ATOM   570  C CG  . LYS A 1 73  ? 6.722   7.115   0.093   1.00 17.63 ? 73  LYS A CG  1 
ATOM   571  C CD  . LYS A 1 73  ? 8.066   7.859   -0.075  1.00 18.96 ? 73  LYS A CD  1 
ATOM   572  C CE  . LYS A 1 73  ? 8.456   8.658   1.144   1.00 22.67 ? 73  LYS A CE  1 
ATOM   573  N NZ  . LYS A 1 73  ? 9.768   9.256   0.808   1.00 24.86 ? 73  LYS A NZ  1 
ATOM   574  N N   . LEU A 1 74  ? 3.973   5.184   1.305   1.00 12.57 ? 74  LEU A N   1 
ATOM   575  C CA  . LEU A 1 74  ? 3.900   4.297   2.467   1.00 12.53 ? 74  LEU A CA  1 
ATOM   576  C C   . LEU A 1 74  ? 5.297   3.635   2.649   1.00 13.42 ? 74  LEU A C   1 
ATOM   577  O O   . LEU A 1 74  ? 5.774   2.938   1.738   1.00 12.60 ? 74  LEU A O   1 
ATOM   578  C CB  . LEU A 1 74  ? 2.877   3.180   2.218   1.00 10.59 ? 74  LEU A CB  1 
ATOM   579  C CG  . LEU A 1 74  ? 1.467   3.533   2.634   1.00 13.70 ? 74  LEU A CG  1 
ATOM   580  C CD1 . LEU A 1 74  ? 1.056   4.833   2.073   1.00 14.96 ? 74  LEU A CD1 1 
ATOM   581  C CD2 . LEU A 1 74  ? 0.538   2.385   2.207   1.00 14.86 ? 74  LEU A CD2 1 
ATOM   582  N N   . THR A 1 75  ? 5.928   3.833   3.791   1.00 12.31 ? 75  THR A N   1 
ATOM   583  C CA  . THR A 1 75  ? 7.248   3.233   4.026   1.00 12.40 ? 75  THR A CA  1 
ATOM   584  C C   . THR A 1 75  ? 6.966   2.192   5.084   1.00 13.87 ? 75  THR A C   1 
ATOM   585  O O   . THR A 1 75  ? 6.553   2.532   6.209   1.00 14.46 ? 75  THR A O   1 
ATOM   586  C CB  . THR A 1 75  ? 8.240   4.300   4.539   1.00 14.07 ? 75  THR A CB  1 
ATOM   587  O OG1 . THR A 1 75  ? 8.402   5.272   3.508   1.00 14.13 ? 75  THR A OG1 1 
ATOM   588  C CG2 . THR A 1 75  ? 9.652   3.678   4.859   1.00 14.04 ? 75  THR A CG2 1 
ATOM   589  N N   . ILE A 1 76  ? 7.245   0.924   4.736   1.00 13.21 ? 76  ILE A N   1 
ATOM   590  C CA  . ILE A 1 76  ? 6.870   -0.202  5.602   1.00 11.37 ? 76  ILE A CA  1 
ATOM   591  C C   . ILE A 1 76  ? 8.076   -1.009  6.033   1.00 10.69 ? 76  ILE A C   1 
ATOM   592  O O   . ILE A 1 76  ? 8.776   -1.485  5.160   1.00 11.90 ? 76  ILE A O   1 
ATOM   593  C CB  . ILE A 1 76  ? 5.944   -1.148  4.799   1.00 9.65  ? 76  ILE A CB  1 
ATOM   594  C CG1 . ILE A 1 76  ? 4.841   -0.312  4.155   1.00 8.99  ? 76  ILE A CG1 1 
ATOM   595  C CG2 . ILE A 1 76  ? 5.363   -2.280  5.741   1.00 8.78  ? 76  ILE A CG2 1 
ATOM   596  C CD1 . ILE A 1 76  ? 3.846   -1.146  3.339   1.00 10.71 ? 76  ILE A CD1 1 
ATOM   597  N N   . SER A 1 77  ? 8.309   -1.133  7.355   1.00 10.94 ? 77  SER A N   1 
ATOM   598  C CA  . SER A 1 77  ? 9.455   -1.922  7.842   1.00 10.71 ? 77  SER A CA  1 
ATOM   599  C C   . SER A 1 77  ? 9.220   -3.397  7.510   1.00 12.62 ? 77  SER A C   1 
ATOM   600  O O   . SER A 1 77  ? 8.055   -3.831  7.316   1.00 12.21 ? 77  SER A O   1 
ATOM   601  C CB  . SER A 1 77  ? 9.611   -1.720  9.350   1.00 11.36 ? 77  SER A CB  1 
ATOM   602  O OG  . SER A 1 77  ? 8.439   -2.053  10.074  1.00 13.64 ? 77  SER A OG  1 
ATOM   603  N N   . PRO A 1 78  ? 10.298  -4.232  7.510   1.00 11.99 ? 78  PRO A N   1 
ATOM   604  C CA  . PRO A 1 78  ? 10.049  -5.640  7.156   1.00 13.30 ? 78  PRO A CA  1 
ATOM   605  C C   . PRO A 1 78  ? 9.041   -6.401  7.972   1.00 12.44 ? 78  PRO A C   1 
ATOM   606  O O   . PRO A 1 78  ? 8.346   -7.260  7.430   1.00 13.44 ? 78  PRO A O   1 
ATOM   607  C CB  . PRO A 1 78  ? 11.412  -6.307  7.221   1.00 11.09 ? 78  PRO A CB  1 
ATOM   608  C CG  . PRO A 1 78  ? 12.440  -5.116  6.968   1.00 14.66 ? 78  PRO A CG  1 
ATOM   609  C CD  . PRO A 1 78  ? 11.730  -3.943  7.728   1.00 13.94 ? 78  PRO A CD  1 
ATOM   610  N N   . ASP A 1 79  ? 8.969   -6.126  9.276   1.00 12.00 ? 79  ASP A N   1 
ATOM   611  C CA  . ASP A 1 79  ? 8.016   -6.876  10.105  1.00 13.33 ? 79  ASP A CA  1 
ATOM   612  C C   . ASP A 1 79  ? 6.555   -6.602  9.741   1.00 12.03 ? 79  ASP A C   1 
ATOM   613  O O   . ASP A 1 79  ? 5.662   -7.341  10.188  1.00 10.30 ? 79  ASP A O   1 
ATOM   614  C CB  . ASP A 1 79  ? 8.237   -6.573  11.600  1.00 12.74 ? 79  ASP A CB  1 
ATOM   615  C CG  . ASP A 1 79  ? 8.324   -5.079  11.899  1.00 14.92 ? 79  ASP A CG  1 
ATOM   616  O OD1 . ASP A 1 79  ? 9.177   -4.355  11.286  1.00 17.14 ? 79  ASP A OD1 1 
ATOM   617  O OD2 . ASP A 1 79  ? 7.555   -4.656  12.768  1.00 14.85 ? 79  ASP A OD2 1 
ATOM   618  N N   . TYR A 1 80  ? 6.313   -5.515  9.012   1.00 10.08 ? 80  TYR A N   1 
ATOM   619  C CA  . TYR A 1 80  ? 4.970   -5.150  8.545   1.00 11.51 ? 80  TYR A CA  1 
ATOM   620  C C   . TYR A 1 80  ? 4.788   -5.505  7.057   1.00 11.54 ? 80  TYR A C   1 
ATOM   621  O O   . TYR A 1 80  ? 3.801   -5.084  6.423   1.00 13.54 ? 80  TYR A O   1 
ATOM   622  C CB  . TYR A 1 80  ? 4.689   -3.642  8.728   1.00 12.18 ? 80  TYR A CB  1 
ATOM   623  C CG  . TYR A 1 80  ? 4.179   -3.262  10.121  1.00 14.40 ? 80  TYR A CG  1 
ATOM   624  C CD1 . TYR A 1 80  ? 4.905   -3.608  11.270  1.00 15.09 ? 80  TYR A CD1 1 
ATOM   625  C CD2 . TYR A 1 80  ? 2.987   -2.539  10.288  1.00 14.88 ? 80  TYR A CD2 1 
ATOM   626  C CE1 . TYR A 1 80  ? 4.474   -3.256  12.521  1.00 13.56 ? 80  TYR A CE1 1 
ATOM   627  C CE2 . TYR A 1 80  ? 2.542   -2.180  11.575  1.00 15.52 ? 80  TYR A CE2 1 
ATOM   628  C CZ  . TYR A 1 80  ? 3.287   -2.546  12.674  1.00 17.88 ? 80  TYR A CZ  1 
ATOM   629  O OH  . TYR A 1 80  ? 2.812   -2.253  13.950  1.00 17.64 ? 80  TYR A OH  1 
ATOM   630  N N   . ALA A 1 81  ? 5.753   -6.252  6.524   1.00 11.56 ? 81  ALA A N   1 
ATOM   631  C CA  . ALA A 1 81  ? 5.711   -6.689  5.127   1.00 13.51 ? 81  ALA A CA  1 
ATOM   632  C C   . ALA A 1 81  ? 6.040   -8.193  5.055   1.00 15.13 ? 81  ALA A C   1 
ATOM   633  O O   . ALA A 1 81  ? 5.248   -9.018  5.570   1.00 14.25 ? 81  ALA A O   1 
ATOM   634  C CB  . ALA A 1 81  ? 6.698   -5.875  4.300   1.00 12.46 ? 81  ALA A CB  1 
ATOM   635  N N   . TYR A 1 82  ? 7.209   -8.557  4.521   1.00 14.06 ? 82  TYR A N   1 
ATOM   636  C CA  . TYR A 1 82  ? 7.562   -9.977  4.361   1.00 14.46 ? 82  TYR A CA  1 
ATOM   637  C C   . TYR A 1 82  ? 8.596   -10.564 5.323   1.00 14.67 ? 82  TYR A C   1 
ATOM   638  O O   . TYR A 1 82  ? 9.022   -11.730 5.188   1.00 14.85 ? 82  TYR A O   1 
ATOM   639  C CB  . TYR A 1 82  ? 7.961   -10.224 2.901   1.00 13.04 ? 82  TYR A CB  1 
ATOM   640  C CG  . TYR A 1 82  ? 6.790   -9.970  1.950   1.00 12.16 ? 82  TYR A CG  1 
ATOM   641  C CD1 . TYR A 1 82  ? 6.729   -8.780  1.202   1.00 13.56 ? 82  TYR A CD1 1 
ATOM   642  C CD2 . TYR A 1 82  ? 5.712   -10.866 1.864   1.00 13.85 ? 82  TYR A CD2 1 
ATOM   643  C CE1 . TYR A 1 82  ? 5.625   -8.478  0.393   1.00 13.84 ? 82  TYR A CE1 1 
ATOM   644  C CE2 . TYR A 1 82  ? 4.569   -10.581 1.048   1.00 14.14 ? 82  TYR A CE2 1 
ATOM   645  C CZ  . TYR A 1 82  ? 4.544   -9.360  0.309   1.00 12.95 ? 82  TYR A CZ  1 
ATOM   646  O OH  . TYR A 1 82  ? 3.467   -8.995  -0.475  1.00 13.52 ? 82  TYR A OH  1 
ATOM   647  N N   . GLY A 1 83  ? 9.031   -9.737  6.268   1.00 12.25 ? 83  GLY A N   1 
ATOM   648  C CA  . GLY A 1 83  ? 9.936   -10.216 7.296   1.00 15.02 ? 83  GLY A CA  1 
ATOM   649  C C   . GLY A 1 83  ? 11.223  -10.834 6.807   1.00 11.99 ? 83  GLY A C   1 
ATOM   650  O O   . GLY A 1 83  ? 11.732  -10.534 5.717   1.00 14.02 ? 83  GLY A O   1 
ATOM   651  N N   . ALA A 1 84  ? 11.722  -11.772 7.612   1.00 14.32 ? 84  ALA A N   1 
ATOM   652  C CA  . ALA A 1 84  ? 12.939  -12.476 7.250   1.00 14.33 ? 84  ALA A CA  1 
ATOM   653  C C   . ALA A 1 84  ? 12.707  -13.384 6.038   1.00 14.44 ? 84  ALA A C   1 
ATOM   654  O O   . ALA A 1 84  ? 13.673  -13.850 5.403   1.00 13.73 ? 84  ALA A O   1 
ATOM   655  C CB  . ALA A 1 84  ? 13.419  -13.377 8.428   1.00 14.58 ? 84  ALA A CB  1 
ATOM   656  N N   . THR A 1 85  ? 11.454  -13.692 5.761   1.00 15.52 ? 85  THR A N   1 
ATOM   657  C CA  . THR A 1 85  ? 11.179  -14.631 4.671   1.00 14.87 ? 85  THR A CA  1 
ATOM   658  C C   . THR A 1 85  ? 11.260  -13.994 3.291   1.00 15.23 ? 85  THR A C   1 
ATOM   659  O O   . THR A 1 85  ? 11.817  -14.609 2.343   1.00 14.91 ? 85  THR A O   1 
ATOM   660  C CB  . THR A 1 85  ? 9.785   -15.279 4.877   1.00 15.58 ? 85  THR A CB  1 
ATOM   661  O OG1 . THR A 1 85  ? 9.743   -15.869 6.172   1.00 13.59 ? 85  THR A OG1 1 
ATOM   662  C CG2 . THR A 1 85  ? 9.548   -16.403 3.896   1.00 18.32 ? 85  THR A CG2 1 
ATOM   663  N N   . GLY A 1 86  ? 10.716  -12.777 3.177   1.00 14.35 ? 86  GLY A N   1 
ATOM   664  C CA  . GLY A 1 86  ? 10.679  -12.086 1.897   1.00 14.60 ? 86  GLY A CA  1 
ATOM   665  C C   . GLY A 1 86  ? 9.573   -12.761 1.112   1.00 14.37 ? 86  GLY A C   1 
ATOM   666  O O   . GLY A 1 86  ? 8.836   -13.577 1.693   1.00 13.21 ? 86  GLY A O   1 
ATOM   667  N N   . HIS A 1 87  ? 9.408   -12.388 -0.155  1.00 15.86 ? 87  HIS A N   1 
ATOM   668  C CA  . HIS A 1 87  ? 8.412   -13.011 -1.036  1.00 15.51 ? 87  HIS A CA  1 
ATOM   669  C C   . HIS A 1 87  ? 9.269   -13.560 -2.143  1.00 17.15 ? 87  HIS A C   1 
ATOM   670  O O   . HIS A 1 87  ? 9.689   -12.818 -3.044  1.00 14.20 ? 87  HIS A O   1 
ATOM   671  C CB  . HIS A 1 87  ? 7.457   -12.026 -1.643  1.00 15.66 ? 87  HIS A CB  1 
ATOM   672  C CG  . HIS A 1 87  ? 6.335   -12.705 -2.356  1.00 17.65 ? 87  HIS A CG  1 
ATOM   673  N ND1 . HIS A 1 87  ? 5.131   -12.975 -1.739  1.00 19.15 ? 87  HIS A ND1 1 
ATOM   674  C CD2 . HIS A 1 87  ? 6.255   -13.234 -3.596  1.00 15.01 ? 87  HIS A CD2 1 
ATOM   675  C CE1 . HIS A 1 87  ? 4.354   -13.642 -2.578  1.00 18.41 ? 87  HIS A CE1 1 
ATOM   676  N NE2 . HIS A 1 87  ? 5.012   -13.808 -3.713  1.00 20.28 ? 87  HIS A NE2 1 
ATOM   677  N N   . PRO A 1 88  ? 9.621   -14.836 -2.045  1.00 18.22 ? 88  PRO A N   1 
ATOM   678  C CA  . PRO A 1 88  ? 10.479  -15.423 -3.073  1.00 20.41 ? 88  PRO A CA  1 
ATOM   679  C C   . PRO A 1 88  ? 10.069  -15.130 -4.494  1.00 18.66 ? 88  PRO A C   1 
ATOM   680  O O   . PRO A 1 88  ? 8.908   -15.241 -4.873  1.00 22.43 ? 88  PRO A O   1 
ATOM   681  C CB  . PRO A 1 88  ? 10.492  -16.892 -2.726  1.00 21.13 ? 88  PRO A CB  1 
ATOM   682  C CG  . PRO A 1 88  ? 10.463  -16.860 -1.199  1.00 21.37 ? 88  PRO A CG  1 
ATOM   683  C CD  . PRO A 1 88  ? 9.463   -15.754 -0.896  1.00 21.15 ? 88  PRO A CD  1 
ATOM   684  N N   . GLY A 1 89  ? 11.068  -14.740 -5.268  1.00 18.72 ? 89  GLY A N   1 
ATOM   685  C CA  . GLY A 1 89  ? 10.843  -14.392 -6.650  1.00 14.23 ? 89  GLY A CA  1 
ATOM   686  C C   . GLY A 1 89  ? 10.834  -12.896 -6.887  1.00 16.27 ? 89  GLY A C   1 
ATOM   687  O O   . GLY A 1 89  ? 10.886  -12.478 -8.057  1.00 13.86 ? 89  GLY A O   1 
ATOM   688  N N   . ILE A 1 90  ? 10.772  -12.074 -5.821  1.00 15.78 ? 90  ILE A N   1 
ATOM   689  C CA  . ILE A 1 90  ? 10.747  -10.628 -6.016  1.00 14.90 ? 90  ILE A CA  1 
ATOM   690  C C   . ILE A 1 90  ? 11.184  -9.714  -4.819  1.00 14.70 ? 90  ILE A C   1 
ATOM   691  O O   . ILE A 1 90  ? 11.730  -8.635  -5.044  1.00 15.75 ? 90  ILE A O   1 
ATOM   692  C CB  . ILE A 1 90  ? 9.332   -10.214 -6.507  1.00 14.76 ? 90  ILE A CB  1 
ATOM   693  C CG1 . ILE A 1 90  ? 9.284   -8.760  -6.920  1.00 17.02 ? 90  ILE A CG1 1 
ATOM   694  C CG2 . ILE A 1 90  ? 8.250   -10.488 -5.391  1.00 15.20 ? 90  ILE A CG2 1 
ATOM   695  C CD1 . ILE A 1 90  ? 7.945   -8.465  -7.696  1.00 16.16 ? 90  ILE A CD1 1 
ATOM   696  N N   . ILE A 1 91  ? 10.977  -10.152 -3.575  1.00 13.63 ? 91  ILE A N   1 
ATOM   697  C CA  . ILE A 1 91  ? 11.327  -9.339  -2.385  1.00 13.22 ? 91  ILE A CA  1 
ATOM   698  C C   . ILE A 1 91  ? 12.223  -10.187 -1.519  1.00 11.74 ? 91  ILE A C   1 
ATOM   699  O O   . ILE A 1 91  ? 11.847  -11.267 -1.078  1.00 12.65 ? 91  ILE A O   1 
ATOM   700  C CB  . ILE A 1 91  ? 10.054  -8.902  -1.640  1.00 13.33 ? 91  ILE A CB  1 
ATOM   701  C CG1 . ILE A 1 91  ? 9.278   -7.942  -2.551  1.00 13.03 ? 91  ILE A CG1 1 
ATOM   702  C CG2 . ILE A 1 91  ? 10.346  -8.268  -0.267  1.00 11.97 ? 91  ILE A CG2 1 
ATOM   703  C CD1 . ILE A 1 91  ? 7.936   -7.639  -1.975  1.00 15.24 ? 91  ILE A CD1 1 
ATOM   704  N N   . PRO A 1 92  ? 13.442  -9.694  -1.249  1.00 11.95 ? 92  PRO A N   1 
ATOM   705  C CA  . PRO A 1 92  ? 14.352  -10.502 -0.435  1.00 13.27 ? 92  PRO A CA  1 
ATOM   706  C C   . PRO A 1 92  ? 14.067  -10.412 1.046   1.00 12.24 ? 92  PRO A C   1 
ATOM   707  O O   . PRO A 1 92  ? 13.223  -9.637  1.491   1.00 12.00 ? 92  PRO A O   1 
ATOM   708  C CB  . PRO A 1 92  ? 15.703  -9.875  -0.735  1.00 13.47 ? 92  PRO A CB  1 
ATOM   709  C CG  . PRO A 1 92  ? 15.367  -8.468  -0.736  1.00 15.63 ? 92  PRO A CG  1 
ATOM   710  C CD  . PRO A 1 92  ? 14.100  -8.431  -1.626  1.00 12.63 ? 92  PRO A CD  1 
ATOM   711  N N   . PRO A 1 93  ? 14.769  -11.223 1.836   1.00 13.38 ? 93  PRO A N   1 
ATOM   712  C CA  . PRO A 1 93  ? 14.583  -11.177 3.299   1.00 12.31 ? 93  PRO A CA  1 
ATOM   713  C C   . PRO A 1 93  ? 14.941  -9.760  3.823   1.00 13.34 ? 93  PRO A C   1 
ATOM   714  O O   . PRO A 1 93  ? 15.754  -9.045  3.227   1.00 12.41 ? 93  PRO A O   1 
ATOM   715  C CB  . PRO A 1 93  ? 15.626  -12.160 3.801   1.00 15.99 ? 93  PRO A CB  1 
ATOM   716  C CG  . PRO A 1 93  ? 15.661  -13.227 2.648   1.00 14.07 ? 93  PRO A CG  1 
ATOM   717  C CD  . PRO A 1 93  ? 15.512  -12.417 1.394   1.00 13.37 ? 93  PRO A CD  1 
ATOM   718  N N   . HIS A 1 94  ? 14.292  -9.362  4.905   1.00 14.36 ? 94  HIS A N   1 
ATOM   719  C CA  . HIS A 1 94  ? 14.597  -8.116  5.596   1.00 15.88 ? 94  HIS A CA  1 
ATOM   720  C C   . HIS A 1 94  ? 14.414  -6.827  4.826   1.00 17.07 ? 94  HIS A C   1 
ATOM   721  O O   . HIS A 1 94  ? 15.123  -5.854  5.082   1.00 16.23 ? 94  HIS A O   1 
ATOM   722  C CB  . HIS A 1 94  ? 16.044  -8.179  6.088   1.00 17.68 ? 94  HIS A CB  1 
ATOM   723  C CG  . HIS A 1 94  ? 16.427  -9.503  6.684   1.00 18.18 ? 94  HIS A CG  1 
ATOM   724  N ND1 . HIS A 1 94  ? 15.766  -10.057 7.765   1.00 19.06 ? 94  HIS A ND1 1 
ATOM   725  C CD2 . HIS A 1 94  ? 17.440  -10.358 6.387   1.00 17.83 ? 94  HIS A CD2 1 
ATOM   726  C CE1 . HIS A 1 94  ? 16.355  -11.188 8.112   1.00 19.76 ? 94  HIS A CE1 1 
ATOM   727  N NE2 . HIS A 1 94  ? 17.373  -11.399 7.292   1.00 17.80 ? 94  HIS A NE2 1 
ATOM   728  N N   . ALA A 1 95  ? 13.435  -6.812  3.939   1.00 14.85 ? 95  ALA A N   1 
ATOM   729  C CA  . ALA A 1 95  ? 13.215  -5.661  3.100   1.00 15.07 ? 95  ALA A CA  1 
ATOM   730  C C   . ALA A 1 95  ? 12.218  -4.637  3.543   1.00 14.33 ? 95  ALA A C   1 
ATOM   731  O O   . ALA A 1 95  ? 11.038  -4.934  3.711   1.00 13.76 ? 95  ALA A O   1 
ATOM   732  C CB  . ALA A 1 95  ? 12.829  -6.142  1.711   1.00 13.90 ? 95  ALA A CB  1 
ATOM   733  N N   . THR A 1 96  ? 12.700  -3.411  3.711   1.00 15.03 ? 96  THR A N   1 
ATOM   734  C CA  . THR A 1 96  ? 11.844  -2.284  3.996   1.00 15.09 ? 96  THR A CA  1 
ATOM   735  C C   . THR A 1 96  ? 11.186  -2.007  2.631   1.00 15.28 ? 96  THR A C   1 
ATOM   736  O O   . THR A 1 96  ? 11.871  -1.996  1.632   1.00 18.32 ? 96  THR A O   1 
ATOM   737  C CB  . THR A 1 96  ? 12.708  -1.082  4.430   1.00 16.24 ? 96  THR A CB  1 
ATOM   738  O OG1 . THR A 1 96  ? 13.219  -1.349  5.726   1.00 18.41 ? 96  THR A OG1 1 
ATOM   739  C CG2 . THR A 1 96  ? 11.884  0.218   4.540   1.00 15.41 ? 96  THR A CG2 1 
ATOM   740  N N   . LEU A 1 97  ? 9.885   -1.786  2.577   1.00 15.36 ? 97  LEU A N   1 
ATOM   741  C CA  . LEU A 1 97  ? 9.195   -1.550  1.297   1.00 13.42 ? 97  LEU A CA  1 
ATOM   742  C C   . LEU A 1 97  ? 8.642   -0.158  1.214   1.00 12.74 ? 97  LEU A C   1 
ATOM   743  O O   . LEU A 1 97  ? 8.191   0.356   2.218   1.00 14.23 ? 97  LEU A O   1 
ATOM   744  C CB  . LEU A 1 97  ? 8.060   -2.547  1.121   1.00 12.75 ? 97  LEU A CB  1 
ATOM   745  C CG  . LEU A 1 97  ? 8.499   -4.038  1.168   1.00 12.74 ? 97  LEU A CG  1 
ATOM   746  C CD1 . LEU A 1 97  ? 7.246   -4.865  0.890   1.00 12.89 ? 97  LEU A CD1 1 
ATOM   747  C CD2 . LEU A 1 97  ? 9.597   -4.381  0.117   1.00 10.09 ? 97  LEU A CD2 1 
ATOM   748  N N   . VAL A 1 98  ? 8.727   0.475   0.029   1.00 12.05 ? 98  VAL A N   1 
ATOM   749  C CA  . VAL A 1 98  ? 8.147   1.819   -0.147  1.00 12.72 ? 98  VAL A CA  1 
ATOM   750  C C   . VAL A 1 98  ? 7.134   1.783   -1.269  1.00 12.42 ? 98  VAL A C   1 
ATOM   751  O O   . VAL A 1 98  ? 7.441   1.379   -2.391  1.00 12.88 ? 98  VAL A O   1 
ATOM   752  C CB  . VAL A 1 98  ? 9.233   2.910   -0.501  1.00 13.57 ? 98  VAL A CB  1 
ATOM   753  C CG1 . VAL A 1 98  ? 8.582   4.285   -0.693  1.00 14.06 ? 98  VAL A CG1 1 
ATOM   754  C CG2 . VAL A 1 98  ? 10.217  3.009   0.629   1.00 17.43 ? 98  VAL A CG2 1 
ATOM   755  N N   . PHE A 1 99  ? 5.916   2.218   -0.969  1.00 12.97 ? 99  PHE A N   1 
ATOM   756  C CA  . PHE A 1 99  ? 4.874   2.217   -1.981  1.00 13.41 ? 99  PHE A CA  1 
ATOM   757  C C   . PHE A 1 99  ? 4.288   3.606   -2.143  1.00 13.71 ? 99  PHE A C   1 
ATOM   758  O O   . PHE A 1 99  ? 4.109   4.312   -1.155  1.00 15.29 ? 99  PHE A O   1 
ATOM   759  C CB  . PHE A 1 99  ? 3.695   1.301   -1.583  1.00 13.58 ? 99  PHE A CB  1 
ATOM   760  C CG  . PHE A 1 99  ? 4.006   -0.168  -1.568  1.00 13.61 ? 99  PHE A CG  1 
ATOM   761  C CD1 . PHE A 1 99  ? 4.575   -0.783  -0.421  1.00 13.55 ? 99  PHE A CD1 1 
ATOM   762  C CD2 . PHE A 1 99  ? 3.655   -0.956  -2.643  1.00 12.26 ? 99  PHE A CD2 1 
ATOM   763  C CE1 . PHE A 1 99  ? 4.773   -2.181  -0.367  1.00 14.32 ? 99  PHE A CE1 1 
ATOM   764  C CE2 . PHE A 1 99  ? 3.848   -2.360  -2.616  1.00 14.43 ? 99  PHE A CE2 1 
ATOM   765  C CZ  . PHE A 1 99  ? 4.395   -2.974  -1.494  1.00 11.71 ? 99  PHE A CZ  1 
ATOM   766  N N   . ASP A 1 100 ? 3.980   3.954   -3.388  1.00 13.86 ? 100 ASP A N   1 
ATOM   767  C CA  . ASP A 1 100 ? 3.279   5.190   -3.762  1.00 14.14 ? 100 ASP A CA  1 
ATOM   768  C C   . ASP A 1 100 ? 1.843   4.629   -3.933  1.00 13.50 ? 100 ASP A C   1 
ATOM   769  O O   . ASP A 1 100 ? 1.579   3.805   -4.840  1.00 13.61 ? 100 ASP A O   1 
ATOM   770  C CB  . ASP A 1 100 ? 3.815   5.703   -5.109  1.00 16.78 ? 100 ASP A CB  1 
ATOM   771  C CG  . ASP A 1 100 ? 3.035   6.902   -5.633  1.00 19.48 ? 100 ASP A CG  1 
ATOM   772  O OD1 . ASP A 1 100 ? 1.831   6.972   -5.442  1.00 18.49 ? 100 ASP A OD1 1 
ATOM   773  O OD2 . ASP A 1 100 ? 3.639   7.780   -6.271  1.00 23.36 ? 100 ASP A OD2 1 
ATOM   774  N N   . VAL A 1 101 ? 0.907   5.068   -3.097  1.00 13.07 ? 101 VAL A N   1 
ATOM   775  C CA  . VAL A 1 101 ? -0.443  4.505   -3.191  1.00 12.48 ? 101 VAL A CA  1 
ATOM   776  C C   . VAL A 1 101 ? -1.456  5.628   -3.277  1.00 12.01 ? 101 VAL A C   1 
ATOM   777  O O   . VAL A 1 101 ? -1.328  6.602   -2.606  1.00 13.28 ? 101 VAL A O   1 
ATOM   778  C CB  . VAL A 1 101 ? -0.742  3.674   -1.939  1.00 12.09 ? 101 VAL A CB  1 
ATOM   779  C CG1 . VAL A 1 101 ? -2.180  3.103   -2.006  1.00 14.77 ? 101 VAL A CG1 1 
ATOM   780  C CG2 . VAL A 1 101 ? 0.325   2.564   -1.792  1.00 12.50 ? 101 VAL A CG2 1 
ATOM   781  N N   . GLU A 1 102 ? -2.444  5.485   -4.145  1.00 13.48 ? 102 GLU A N   1 
ATOM   782  C CA  . GLU A 1 102 ? -3.470  6.503   -4.223  1.00 10.94 ? 102 GLU A CA  1 
ATOM   783  C C   . GLU A 1 102 ? -4.770  5.741   -3.942  1.00 11.91 ? 102 GLU A C   1 
ATOM   784  O O   . GLU A 1 102 ? -5.055  4.737   -4.628  1.00 10.95 ? 102 GLU A O   1 
ATOM   785  C CB  . GLU A 1 102 ? -3.512  7.103   -5.621  1.00 10.56 ? 102 GLU A CB  1 
ATOM   786  C CG  . GLU A 1 102 ? -4.650  8.101   -5.751  1.00 15.11 ? 102 GLU A CG  1 
ATOM   787  C CD  . GLU A 1 102 ? -4.704  8.811   -7.117  1.00 18.26 ? 102 GLU A CD  1 
ATOM   788  O OE1 . GLU A 1 102 ? -5.590  9.684   -7.265  1.00 19.43 ? 102 GLU A OE1 1 
ATOM   789  O OE2 . GLU A 1 102 ? -3.901  8.489   -8.030  1.00 19.57 ? 102 GLU A OE2 1 
ATOM   790  N N   . LEU A 1 103 ? -5.547  6.200   -2.968  1.00 11.75 ? 103 LEU A N   1 
ATOM   791  C CA  . LEU A 1 103 ? -6.833  5.552   -2.586  1.00 11.93 ? 103 LEU A CA  1 
ATOM   792  C C   . LEU A 1 103 ? -7.869  6.184   -3.507  1.00 14.83 ? 103 LEU A C   1 
ATOM   793  O O   . LEU A 1 103 ? -8.245  7.350   -3.353  1.00 14.83 ? 103 LEU A O   1 
ATOM   794  C CB  . LEU A 1 103 ? -7.163  5.858   -1.124  1.00 12.97 ? 103 LEU A CB  1 
ATOM   795  C CG  . LEU A 1 103 ? -8.507  5.271   -0.702  1.00 10.96 ? 103 LEU A CG  1 
ATOM   796  C CD1 . LEU A 1 103 ? -8.525  3.744   -1.023  1.00 11.65 ? 103 LEU A CD1 1 
ATOM   797  C CD2 . LEU A 1 103 ? -8.666  5.525   0.769   1.00 11.11 ? 103 LEU A CD2 1 
ATOM   798  N N   . LEU A 1 104 ? -8.314  5.404   -4.486  1.00 14.69 ? 104 LEU A N   1 
ATOM   799  C CA  . LEU A 1 104 ? -9.201  5.925   -5.513  1.00 16.23 ? 104 LEU A CA  1 
ATOM   800  C C   . LEU A 1 104 ? -10.691 5.946   -5.271  1.00 17.04 ? 104 LEU A C   1 
ATOM   801  O O   . LEU A 1 104 ? -11.395 6.883   -5.708  1.00 15.07 ? 104 LEU A O   1 
ATOM   802  C CB  . LEU A 1 104 ? -8.937  5.157   -6.816  1.00 14.97 ? 104 LEU A CB  1 
ATOM   803  C CG  . LEU A 1 104 ? -7.489  5.118   -7.344  1.00 16.82 ? 104 LEU A CG  1 
ATOM   804  C CD1 . LEU A 1 104 ? -7.377  3.956   -8.390  1.00 17.07 ? 104 LEU A CD1 1 
ATOM   805  C CD2 . LEU A 1 104 ? -7.104  6.444   -7.950  1.00 16.01 ? 104 LEU A CD2 1 
ATOM   806  N N   . LYS A 1 105 ? -11.163 4.867   -4.638  1.00 17.90 ? 105 LYS A N   1 
ATOM   807  C CA  . LYS A 1 105 ? -12.592 4.667   -4.416  1.00 20.34 ? 105 LYS A CA  1 
ATOM   808  C C   . LYS A 1 105 ? -12.782 3.570   -3.388  1.00 19.69 ? 105 LYS A C   1 
ATOM   809  O O   . LYS A 1 105 ? -11.870 2.775   -3.135  1.00 18.87 ? 105 LYS A O   1 
ATOM   810  C CB  . LYS A 1 105 ? -13.201 4.213   -5.751  1.00 21.59 ? 105 LYS A CB  1 
ATOM   811  C CG  . LYS A 1 105 ? -14.717 3.987   -5.801  1.00 25.59 ? 105 LYS A CG  1 
ATOM   812  C CD  . LYS A 1 105 ? -15.245 3.958   -7.279  1.00 28.26 ? 105 LYS A CD  1 
ATOM   813  C CE  . LYS A 1 105 ? -14.798 2.755   -8.106  1.00 31.66 ? 105 LYS A CE  1 
ATOM   814  N NZ  . LYS A 1 105 ? -15.632 2.619   -9.357  1.00 32.78 ? 105 LYS A NZ  1 
ATOM   815  N N   . LEU A 1 106 ? -13.963 3.547   -2.773  1.00 20.27 ? 106 LEU A N   1 
ATOM   816  C CA  . LEU A 1 106 ? -14.311 2.484   -1.814  1.00 20.26 ? 106 LEU A CA  1 
ATOM   817  C C   . LEU A 1 106 ? -15.559 1.787   -2.417  1.00 21.20 ? 106 LEU A C   1 
ATOM   818  O O   . LEU A 1 106 ? -16.456 2.458   -2.950  1.00 21.13 ? 106 LEU A O   1 
ATOM   819  C CB  . LEU A 1 106 ? -14.639 3.066   -0.452  1.00 19.72 ? 106 LEU A CB  1 
ATOM   820  C CG  . LEU A 1 106 ? -13.483 3.299   0.500   1.00 22.52 ? 106 LEU A CG  1 
ATOM   821  C CD1 . LEU A 1 106 ? -12.361 3.967   -0.228  1.00 25.71 ? 106 LEU A CD1 1 
ATOM   822  C CD2 . LEU A 1 106 ? -13.981 4.127   1.675   1.00 18.67 ? 106 LEU A CD2 1 
ATOM   823  N N   . GLU A 1 107 ? -15.607 0.460   -2.353  1.00 22.12 ? 107 GLU A N   1 
ATOM   824  C CA  . GLU A 1 107 ? -16.709 -0.315  -2.958  1.00 24.35 ? 107 GLU A CA  1 
ATOM   825  C C   . GLU A 1 107 ? -17.242 -1.326  -1.944  1.00 24.21 ? 107 GLU A C   1 
ATOM   826  O O   . GLU A 1 107 ? -16.498 -1.669  -1.031  1.00 22.89 ? 107 GLU A O   1 
ATOM   827  C CB  . GLU A 1 107 ? -16.193 -1.073  -4.200  1.00 25.05 ? 107 GLU A CB  1 
ATOM   828  C CG  . GLU A 1 107 ? -15.848 -0.177  -5.367  1.00 27.52 ? 107 GLU A CG  1 
ATOM   829  C CD  . GLU A 1 107 ? -15.368 -0.916  -6.621  1.00 28.25 ? 107 GLU A CD  1 
ATOM   830  O OE1 . GLU A 1 107 ? -14.877 -2.075  -6.578  1.00 27.87 ? 107 GLU A OE1 1 
ATOM   831  O OE2 . GLU A 1 107 ? -15.450 -0.296  -7.690  1.00 29.22 ? 107 GLU A OE2 1 
HETATM 832  C C1  . SUB B 2 .   ? 0.916   -7.695  -1.129  1.00 16.45 ? 201 SUB A C1  1 
HETATM 833  N N1  . SUB B 2 .   ? 0.781   -8.994  -1.775  1.00 18.56 ? 201 SUB A N1  1 
HETATM 834  C C2  . SUB B 2 .   ? 0.012   -10.023 -1.037  1.00 20.13 ? 201 SUB A C2  1 
HETATM 835  C C3  . SUB B 2 .   ? -0.366  -10.956 3.125   1.00 22.98 ? 201 SUB A C3  1 
HETATM 836  C C4  . SUB B 2 .   ? -0.867  -11.232 -1.807  1.00 23.85 ? 201 SUB A C4  1 
HETATM 837  C C5  . SUB B 2 .   ? -0.713  -10.624 -3.241  1.00 20.66 ? 201 SUB A C5  1 
HETATM 838  C C6  . SUB B 2 .   ? 0.568   -10.647 -3.979  1.00 19.93 ? 201 SUB A C6  1 
HETATM 839  C C7  . SUB B 2 .   ? 0.647   -10.088 -5.335  1.00 21.02 ? 201 SUB A C7  1 
HETATM 840  C C8  . SUB B 2 .   ? -0.539  -9.508  -5.966  1.00 22.80 ? 201 SUB A C8  1 
HETATM 841  C C9  . SUB B 2 .   ? -1.797  -9.485  -5.227  1.00 18.74 ? 201 SUB A C9  1 
HETATM 842  C C10 . SUB B 2 .   ? -1.850  -10.041 -3.901  1.00 20.66 ? 201 SUB A C10 1 
HETATM 843  O O1  . SUB B 2 .   ? -0.817  -10.552 1.669   1.00 23.68 ? 201 SUB A O1  1 
HETATM 844  O O2  . SUB B 2 .   ? 1.638   -10.517 0.734   1.00 21.62 ? 201 SUB A O2  1 
HETATM 845  C C11 . SUB B 2 .   ? 0.029   -10.322 0.421   1.00 21.09 ? 201 SUB A C11 1 
HETATM 846  C C12 . SUB B 2 .   ? -0.896  -10.894 4.651   1.00 20.87 ? 201 SUB A C12 1 
HETATM 847  C C13 . SUB B 2 .   ? 0.478   -6.479  -3.760  1.00 14.22 ? 201 SUB A C13 1 
HETATM 848  O O3  . SUB B 2 .   ? 0.154   -7.328  0.116   1.00 16.41 ? 201 SUB A O3  1 
HETATM 849  C C14 . SUB B 2 .   ? -0.083  -5.102  -3.594  1.00 13.06 ? 201 SUB A C14 1 
HETATM 850  S S1  . SUB B 2 .   ? -0.610  -5.019  -2.135  1.00 15.04 ? 201 SUB A S1  1 
HETATM 851  C C15 . SUB B 2 .   ? 0.909   -5.065  -1.370  1.00 13.94 ? 201 SUB A C15 1 
HETATM 852  C C16 . SUB B 2 .   ? 1.663   -6.578  -1.648  1.00 15.51 ? 201 SUB A C16 1 
HETATM 853  N N2  . SUB B 2 .   ? 1.819   -6.648  -3.214  1.00 13.92 ? 201 SUB A N2  1 
HETATM 854  S S2  . SUB B 2 .   ? 3.490   -6.287  -3.430  1.00 15.39 ? 201 SUB A S2  1 
HETATM 855  C C17 . SUB B 2 .   ? 3.847   -7.743  -4.337  1.00 15.50 ? 201 SUB A C17 1 
HETATM 856  C C18 . SUB B 2 .   ? 3.754   -7.671  -5.775  1.00 13.72 ? 201 SUB A C18 1 
HETATM 857  C C19 . SUB B 2 .   ? 4.016   -8.834  -6.572  1.00 13.95 ? 201 SUB A C19 1 
HETATM 858  C C20 . SUB B 2 .   ? 4.381   -10.106 -5.915  1.00 13.88 ? 201 SUB A C20 1 
HETATM 859  C C21 . SUB B 2 .   ? 4.469   -10.152 -4.502  1.00 14.98 ? 201 SUB A C21 1 
HETATM 860  C C22 . SUB B 2 .   ? 4.200   -8.956  -3.706  1.00 16.22 ? 201 SUB A C22 1 
HETATM 861  O O4  . SUB B 2 .   ? 4.334   -6.099  -2.278  1.00 13.54 ? 201 SUB A O4  1 
HETATM 862  O O5  . SUB B 2 .   ? 3.225   -5.346  -4.571  1.00 17.92 ? 201 SUB A O5  1 
HETATM 863  C C23 . SUB B 2 .   ? 4.658   -11.370 -6.705  1.00 15.84 ? 201 SUB A C23 1 
HETATM 864  O O   . HOH C 3 .   ? 13.323  -16.955 2.458   1.00 15.11 ? 202 HOH A O   1 
HETATM 865  O O   . HOH C 3 .   ? 12.122  -16.552 7.300   1.00 16.84 ? 203 HOH A O   1 
HETATM 866  O O   . HOH C 3 .   ? 14.356  -2.938  0.581   1.00 17.34 ? 204 HOH A O   1 
HETATM 867  O O   . HOH C 3 .   ? -6.491  12.146  4.843   1.00 14.56 ? 205 HOH A O   1 
HETATM 868  O O   . HOH C 3 .   ? 6.123   -6.086  14.278  1.00 17.12 ? 206 HOH A O   1 
HETATM 869  O O   . HOH C 3 .   ? 16.440  -4.198  -6.780  1.00 16.65 ? 207 HOH A O   1 
HETATM 870  O O   . HOH C 3 .   ? 18.343  -9.520  2.126   1.00 11.39 ? 208 HOH A O   1 
HETATM 871  O O   . HOH C 3 .   ? 2.849   1.750   12.074  1.00 17.82 ? 209 HOH A O   1 
HETATM 872  O O   . HOH C 3 .   ? 20.136  -2.413  -6.166  1.00 19.03 ? 210 HOH A O   1 
HETATM 873  O O   . HOH C 3 .   ? 12.501  -6.792  -6.951  1.00 14.65 ? 211 HOH A O   1 
HETATM 874  O O   . HOH C 3 .   ? 11.466  -9.096  3.523   1.00 13.76 ? 212 HOH A O   1 
HETATM 875  O O   . HOH C 3 .   ? 2.624   -8.306  6.686   1.00 13.79 ? 213 HOH A O   1 
HETATM 876  O O   . HOH C 3 .   ? 19.317  -12.806 5.323   1.00 19.44 ? 214 HOH A O   1 
HETATM 877  O O   . HOH C 3 .   ? 7.765   -2.129  13.550  1.00 10.51 ? 215 HOH A O   1 
HETATM 878  O O   . HOH C 3 .   ? 13.385  -16.733 -4.917  1.00 18.05 ? 216 HOH A O   1 
HETATM 879  O O   . HOH C 3 .   ? 9.699   -6.523  -11.077 1.00 13.53 ? 217 HOH A O   1 
HETATM 880  O O   . HOH C 3 .   ? 6.687   7.038   4.070   1.00 16.89 ? 218 HOH A O   1 
HETATM 881  O O   . HOH C 3 .   ? 12.563  -0.256  8.122   1.00 15.28 ? 219 HOH A O   1 
HETATM 882  O O   . HOH C 3 .   ? 7.373   2.679   11.222  1.00 20.93 ? 220 HOH A O   1 
HETATM 883  O O   . HOH C 3 .   ? 9.402   -7.188  3.308   1.00 13.65 ? 221 HOH A O   1 
HETATM 884  O O   . HOH C 3 .   ? 11.105  -14.327 -9.892  1.00 15.63 ? 222 HOH A O   1 
HETATM 885  O O   . HOH C 3 .   ? 15.625  -15.609 5.928   1.00 16.02 ? 223 HOH A O   1 
HETATM 886  O O   . HOH C 3 .   ? 9.879   0.820   12.072  1.00 17.20 ? 224 HOH A O   1 
HETATM 887  O O   . HOH C 3 .   ? 1.032   10.897  8.049   1.00 21.75 ? 225 HOH A O   1 
HETATM 888  O O   . HOH C 3 .   ? 11.828  7.188   0.107   1.00 22.43 ? 226 HOH A O   1 
HETATM 889  O O   . HOH C 3 .   ? -5.297  13.766  2.940   1.00 13.31 ? 227 HOH A O   1 
HETATM 890  O O   . HOH C 3 .   ? -15.684 4.365   4.785   1.00 23.37 ? 228 HOH A O   1 
HETATM 891  O O   . HOH C 3 .   ? 16.340  -6.430  2.029   1.00 18.77 ? 229 HOH A O   1 
HETATM 892  O O   . HOH C 3 .   ? 15.048  -3.287  6.263   1.00 23.07 ? 230 HOH A O   1 
HETATM 893  O O   . HOH C 3 .   ? 19.946  -1.329  -11.377 1.00 15.50 ? 231 HOH A O   1 
HETATM 894  O O   . HOH C 3 .   ? -1.470  9.525   8.468   1.00 14.62 ? 232 HOH A O   1 
HETATM 895  O O   . HOH C 3 .   ? -4.564  8.035   -10.674 1.00 19.79 ? 233 HOH A O   1 
HETATM 896  O O   . HOH C 3 .   ? 16.836  -4.604  -12.906 1.00 21.61 ? 234 HOH A O   1 
HETATM 897  O O   . HOH C 3 .   ? 17.865  -14.023 8.515   1.00 14.99 ? 235 HOH A O   1 
HETATM 898  O O   . HOH C 3 .   ? 2.995   -7.252  16.345  1.00 18.31 ? 236 HOH A O   1 
HETATM 899  O O   . HOH C 3 .   ? -3.629  -4.150  -11.530 1.00 21.26 ? 237 HOH A O   1 
HETATM 900  O O   . HOH C 3 .   ? 14.618  -8.978  -4.756  1.00 16.85 ? 238 HOH A O   1 
HETATM 901  O O   . HOH C 3 .   ? 4.310   3.319   -12.124 1.00 36.43 ? 239 HOH A O   1 
HETATM 902  O O   . HOH C 3 .   ? 15.650  -2.806  3.018   1.00 16.82 ? 240 HOH A O   1 
HETATM 903  O O   . HOH C 3 .   ? 11.102  -11.888 10.323  1.00 17.79 ? 241 HOH A O   1 
HETATM 904  O O   . HOH C 3 .   ? 10.867  5.889   2.650   1.00 19.05 ? 242 HOH A O   1 
HETATM 905  O O   . HOH C 3 .   ? 3.174   8.111   9.421   1.00 20.65 ? 243 HOH A O   1 
HETATM 906  O O   . HOH C 3 .   ? 9.097   -13.675 7.613   1.00 18.36 ? 244 HOH A O   1 
HETATM 907  O O   . HOH C 3 .   ? -6.921  -7.393  9.689   1.00 27.87 ? 245 HOH A O   1 
HETATM 908  O O   . HOH C 3 .   ? 9.340   11.541  -1.952  1.00 31.40 ? 246 HOH A O   1 
HETATM 909  O O   . HOH C 3 .   ? -0.123  5.639   -6.654  1.00 16.88 ? 247 HOH A O   1 
HETATM 910  O O   . HOH C 3 .   ? 6.407   7.805   -6.326  1.00 26.97 ? 248 HOH A O   1 
HETATM 911  O O   . HOH C 3 .   ? 9.557   -11.147 -10.156 1.00 19.55 ? 249 HOH A O   1 
HETATM 912  O O   . HOH C 3 .   ? -6.695  -7.301  3.337   1.00 14.81 ? 250 HOH A O   1 
HETATM 913  O O   . HOH C 3 .   ? -2.295  -2.713  14.976  1.00 25.50 ? 251 HOH A O   1 
HETATM 914  O O   . HOH C 3 .   ? -0.782  13.340  -6.956  1.00 25.07 ? 252 HOH A O   1 
HETATM 915  O O   . HOH C 3 .   ? 13.192  -2.541  -11.446 1.00 17.19 ? 253 HOH A O   1 
HETATM 916  O O   . HOH C 3 .   ? -2.438  11.209  -8.641  1.00 22.48 ? 254 HOH A O   1 
HETATM 917  O O   . HOH C 3 .   ? -15.321 11.165  9.009   1.00 24.88 ? 255 HOH A O   1 
HETATM 918  O O   . HOH C 3 .   ? -9.320  -2.291  -11.619 1.00 39.71 ? 256 HOH A O   1 
HETATM 919  O O   . HOH C 3 .   ? -14.809 7.623   7.203   1.00 19.60 ? 257 HOH A O   1 
HETATM 920  O O   . HOH C 3 .   ? 14.056  -13.958 -4.388  1.00 20.84 ? 258 HOH A O   1 
HETATM 921  O O   . HOH C 3 .   ? 1.394   9.209   -11.678 1.00 32.44 ? 259 HOH A O   1 
HETATM 922  O O   . HOH C 3 .   ? 14.527  3.825   -0.062  1.00 36.43 ? 260 HOH A O   1 
HETATM 923  O O   . HOH C 3 .   ? 7.519   -13.543 -6.364  1.00 35.53 ? 261 HOH A O   1 
HETATM 924  O O   . HOH C 3 .   ? -14.140 -0.904  -11.291 1.00 53.75 ? 262 HOH A O   1 
HETATM 925  O O   . HOH C 3 .   ? 0.763   7.905   10.790  1.00 24.94 ? 263 HOH A O   1 
HETATM 926  O O   . HOH C 3 .   ? 2.624   -2.878  -18.423 1.00 25.02 ? 264 HOH A O   1 
HETATM 927  O O   . HOH C 3 .   ? 10.709  9.475   -2.867  1.00 27.55 ? 265 HOH A O   1 
HETATM 928  O O   . HOH C 3 .   ? 10.669  -2.899  -14.251 1.00 65.58 ? 266 HOH A O   1 
HETATM 929  O O   . HOH C 3 .   ? 0.427   3.433   -19.444 1.00 36.87 ? 267 HOH A O   1 
HETATM 930  O O   . HOH C 3 .   ? -17.434 11.895  4.217   1.00 24.46 ? 268 HOH A O   1 
HETATM 931  O O   . HOH C 3 .   ? -2.700  -1.407  -20.198 1.00 32.67 ? 269 HOH A O   1 
HETATM 932  O O   . HOH C 3 .   ? -13.318 -7.261  -2.467  1.00 26.88 ? 270 HOH A O   1 
HETATM 933  O O   . HOH C 3 .   ? -3.225  -12.849 9.080   1.00 32.51 ? 271 HOH A O   1 
HETATM 934  O O   . HOH C 3 .   ? -2.372  5.728   -13.783 1.00 23.40 ? 272 HOH A O   1 
HETATM 935  O O   . HOH C 3 .   ? 13.950  -8.724  9.313   1.00 17.15 ? 273 HOH A O   1 
HETATM 936  O O   . HOH C 3 .   ? 8.398   2.619   8.305   1.00 20.13 ? 274 HOH A O   1 
HETATM 937  O O   . HOH C 3 .   ? -2.619  -6.702  8.906   1.00 32.63 ? 275 HOH A O   1 
HETATM 938  O O   . HOH C 3 .   ? -15.453 -4.531  -6.099  1.00 24.26 ? 276 HOH A O   1 
HETATM 939  O O   . HOH C 3 .   ? 0.599   -0.853  14.351  1.00 22.30 ? 277 HOH A O   1 
HETATM 940  O O   . HOH C 3 .   ? -8.622  14.256  -3.348  1.00 31.32 ? 278 HOH A O   1 
HETATM 941  O O   . HOH C 3 .   ? 21.710  -2.294  3.001   1.00 32.03 ? 279 HOH A O   1 
HETATM 942  O O   . HOH C 3 .   ? 5.572   11.437  0.077   1.00 18.50 ? 280 HOH A O   1 
HETATM 943  O O   . HOH C 3 .   ? -13.103 -0.544  10.382  1.00 30.69 ? 281 HOH A O   1 
HETATM 944  O O   . HOH C 3 .   ? -5.025  16.187  -3.935  1.00 27.75 ? 282 HOH A O   1 
HETATM 945  O O   . HOH C 3 .   ? -2.067  -6.102  -7.544  1.00 62.21 ? 283 HOH A O   1 
HETATM 946  O O   . HOH C 3 .   ? -14.600 12.372  -1.424  1.00 22.37 ? 284 HOH A O   1 
HETATM 947  O O   . HOH C 3 .   ? 1.104   4.346   10.979  1.00 28.86 ? 285 HOH A O   1 
HETATM 948  O O   . HOH C 3 .   ? -13.914 7.822   -5.429  1.00 25.00 ? 286 HOH A O   1 
HETATM 949  O O   . HOH C 3 .   ? -8.751  -8.942  12.271  1.00 18.40 ? 287 HOH A O   1 
HETATM 950  O O   . HOH C 3 .   ? -19.028 -0.813  5.161   1.00 26.83 ? 288 HOH A O   1 
HETATM 951  O O   . HOH C 3 .   ? 2.128   4.800   -8.480  1.00 30.48 ? 289 HOH A O   1 
HETATM 952  O O   . HOH C 3 .   ? -6.107  -14.115 7.507   1.00 59.78 ? 290 HOH A O   1 
HETATM 953  O O   . HOH C 3 .   ? 16.909  -1.236  5.422   1.00 53.60 ? 291 HOH A O   1 
HETATM 954  O O   . HOH C 3 .   ? -19.636 3.435   5.932   1.00 30.64 ? 292 HOH A O   1 
HETATM 955  O O   . HOH C 3 .   ? 8.692   -18.314 6.662   1.00 17.67 ? 293 HOH A O   1 
HETATM 956  O O   . HOH C 3 .   ? 6.971   -16.358 -3.759  1.00 53.93 ? 294 HOH A O   1 
HETATM 957  O O   . HOH C 3 .   ? 12.631  5.867   -6.582  1.00 14.10 ? 295 HOH A O   1 
HETATM 958  O O   . HOH C 3 .   ? -14.842 17.098  -0.533  1.00 38.52 ? 296 HOH A O   1 
HETATM 959  O O   . HOH C 3 .   ? 8.930   -10.185 10.919  1.00 14.79 ? 297 HOH A O   1 
HETATM 960  O O   . HOH C 3 .   ? 10.564  -1.729  13.159  1.00 16.05 ? 298 HOH A O   1 
HETATM 961  O O   . HOH C 3 .   ? 13.456  -2.184  -5.995  1.00 15.50 ? 299 HOH A O   1 
HETATM 962  O O   . HOH C 3 .   ? 17.505  -5.333  -4.540  1.00 14.49 ? 300 HOH A O   1 
HETATM 963  O O   . HOH C 3 .   ? 17.755  -4.451  3.465   1.00 16.81 ? 301 HOH A O   1 
HETATM 964  O O   . HOH C 3 .   ? 11.102  -8.397  10.057  1.00 18.25 ? 302 HOH A O   1 
HETATM 965  O O   . HOH C 3 .   ? 16.240  -16.443 8.548   1.00 15.98 ? 303 HOH A O   1 
HETATM 966  O O   . HOH C 3 .   ? 4.171   -7.398  12.501  1.00 20.73 ? 304 HOH A O   1 
HETATM 967  O O   . HOH C 3 .   ? 15.452  -5.336  -0.431  1.00 22.52 ? 305 HOH A O   1 
HETATM 968  O O   . HOH C 3 .   ? 6.815   10.526  -2.696  1.00 18.23 ? 306 HOH A O   1 
HETATM 969  O O   . HOH C 3 .   ? 11.140  2.168   8.149   1.00 21.95 ? 307 HOH A O   1 
HETATM 970  O O   . HOH C 3 .   ? 21.492  -12.784 7.111   1.00 19.51 ? 308 HOH A O   1 
HETATM 971  O O   . HOH C 3 .   ? 11.503  5.771   -2.456  1.00 16.41 ? 309 HOH A O   1 
HETATM 972  O O   . HOH C 3 .   ? -17.393 4.670   2.500   1.00 23.53 ? 310 HOH A O   1 
HETATM 973  O O   . HOH C 3 .   ? 21.536  -0.776  -4.221  1.00 22.12 ? 311 HOH A O   1 
HETATM 974  O O   . HOH C 3 .   ? 15.799  -13.248 -2.123  1.00 18.93 ? 312 HOH A O   1 
HETATM 975  O O   . HOH C 3 .   ? 11.774  -19.025 1.463   1.00 16.28 ? 313 HOH A O   1 
HETATM 976  O O   . HOH C 3 .   ? -11.621 -9.786  -1.205  1.00 24.27 ? 314 HOH A O   1 
HETATM 977  O O   . HOH C 3 .   ? 11.609  2.674   11.010  1.00 25.88 ? 315 HOH A O   1 
HETATM 978  O O   . HOH C 3 .   ? 8.337   1.745   14.217  1.00 23.57 ? 316 HOH A O   1 
HETATM 979  O O   . HOH C 3 .   ? -14.334 -5.447  -9.212  1.00 25.55 ? 317 HOH A O   1 
HETATM 980  O O   . HOH C 3 .   ? -15.107 19.744  0.479   1.00 25.04 ? 318 HOH A O   1 
HETATM 981  O O   . HOH C 3 .   ? 6.874   -11.671 -9.734  1.00 24.25 ? 319 HOH A O   1 
HETATM 982  O O   . HOH C 3 .   ? -16.077 10.011  -2.103  1.00 33.61 ? 320 HOH A O   1 
HETATM 983  O O   . HOH C 3 .   ? 20.434  -1.330  -14.191 1.00 28.42 ? 321 HOH A O   1 
HETATM 984  O O   . HOH C 3 .   ? -11.844 17.330  -1.121  1.00 30.37 ? 322 HOH A O   1 
HETATM 985  O O   . HOH C 3 .   ? 12.761  -13.996 -0.667  1.00 25.81 ? 323 HOH A O   1 
HETATM 986  O O   . HOH C 3 .   ? -3.072  10.362  6.200   1.00 30.37 ? 324 HOH A O   1 
HETATM 987  O O   . HOH C 3 .   ? 6.316   -13.619 6.198   1.00 22.57 ? 325 HOH A O   1 
HETATM 988  O O   . HOH C 3 .   ? -15.625 6.075   -2.941  1.00 29.95 ? 326 HOH A O   1 
HETATM 989  O O   . HOH C 3 .   ? 12.604  3.098   -2.019  1.00 24.73 ? 327 HOH A O   1 
HETATM 990  O O   . HOH C 3 .   ? -15.199 -9.342  -2.226  1.00 41.13 ? 328 HOH A O   1 
HETATM 991  O O   . HOH C 3 .   ? -10.205 17.785  1.533   1.00 43.94 ? 329 HOH A O   1 
HETATM 992  O O   . HOH C 3 .   ? 5.288   -11.219 7.224   1.00 32.78 ? 330 HOH A O   1 
HETATM 993  O O   . HOH C 3 .   ? -1.078  8.606   -13.711 1.00 47.20 ? 331 HOH A O   1 
HETATM 994  O O   . HOH C 3 .   ? 4.073   -3.760  -13.223 1.00 33.47 ? 332 HOH A O   1 
HETATM 995  O O   . HOH C 3 .   ? -0.721  9.041   13.162  1.00 34.95 ? 333 HOH A O   1 
HETATM 996  O O   . HOH C 3 .   ? -1.522  5.494   -18.016 1.00 34.94 ? 334 HOH A O   1 
HETATM 997  O O   . HOH C 3 .   ? -2.808  13.363  6.369   1.00 47.20 ? 335 HOH A O   1 
HETATM 998  O O   . HOH C 3 .   ? 8.875   4.743   12.402  1.00 25.78 ? 336 HOH A O   1 
HETATM 999  O O   . HOH C 3 .   ? -13.510 -6.664  -6.158  1.00 30.10 ? 337 HOH A O   1 
HETATM 1000 O O   . HOH C 3 .   ? 4.073   10.513  -6.854  1.00 24.11 ? 338 HOH A O   1 
# 
